data_1OHK
# 
_entry.id   1OHK 
# 
_audit_conform.dict_name       mmcif_pdbx.dic 
_audit_conform.dict_version    5.386 
_audit_conform.dict_location   http://mmcif.pdb.org/dictionaries/ascii/mmcif_pdbx.dic 
# 
loop_
_database_2.database_id 
_database_2.database_code 
_database_2.pdbx_database_accession 
_database_2.pdbx_DOI 
PDB   1OHK         pdb_00001ohk 10.2210/pdb1ohk/pdb 
WWPDB D_1000175452 ?            ?                   
# 
loop_
_pdbx_audit_revision_history.ordinal 
_pdbx_audit_revision_history.data_content_type 
_pdbx_audit_revision_history.major_revision 
_pdbx_audit_revision_history.minor_revision 
_pdbx_audit_revision_history.revision_date 
1 'Structure model' 1 0 1998-05-27 
2 'Structure model' 1 1 2008-03-24 
3 'Structure model' 1 2 2011-07-13 
4 'Structure model' 1 3 2024-02-14 
# 
_pdbx_audit_revision_details.ordinal             1 
_pdbx_audit_revision_details.revision_ordinal    1 
_pdbx_audit_revision_details.data_content_type   'Structure model' 
_pdbx_audit_revision_details.provider            repository 
_pdbx_audit_revision_details.type                'Initial release' 
_pdbx_audit_revision_details.description         ? 
_pdbx_audit_revision_details.details             ? 
# 
loop_
_pdbx_audit_revision_group.ordinal 
_pdbx_audit_revision_group.revision_ordinal 
_pdbx_audit_revision_group.data_content_type 
_pdbx_audit_revision_group.group 
1 2 'Structure model' 'Version format compliance' 
2 3 'Structure model' 'Version format compliance' 
3 4 'Structure model' 'Data collection'           
4 4 'Structure model' 'Database references'       
5 4 'Structure model' 'Derived calculations'      
6 4 'Structure model' Other                       
# 
loop_
_pdbx_audit_revision_category.ordinal 
_pdbx_audit_revision_category.revision_ordinal 
_pdbx_audit_revision_category.data_content_type 
_pdbx_audit_revision_category.category 
1 4 'Structure model' chem_comp_atom       
2 4 'Structure model' chem_comp_bond       
3 4 'Structure model' database_2           
4 4 'Structure model' pdbx_database_status 
5 4 'Structure model' struct_site          
# 
loop_
_pdbx_audit_revision_item.ordinal 
_pdbx_audit_revision_item.revision_ordinal 
_pdbx_audit_revision_item.data_content_type 
_pdbx_audit_revision_item.item 
1 4 'Structure model' '_database_2.pdbx_DOI'                
2 4 'Structure model' '_database_2.pdbx_database_accession' 
3 4 'Structure model' '_pdbx_database_status.process_site'  
4 4 'Structure model' '_struct_site.pdbx_auth_asym_id'      
5 4 'Structure model' '_struct_site.pdbx_auth_comp_id'      
6 4 'Structure model' '_struct_site.pdbx_auth_seq_id'       
# 
_pdbx_database_status.status_code                     REL 
_pdbx_database_status.entry_id                        1OHK 
_pdbx_database_status.recvd_initial_deposition_date   1997-09-17 
_pdbx_database_status.deposit_site                    ? 
_pdbx_database_status.process_site                    BNL 
_pdbx_database_status.SG_entry                        . 
_pdbx_database_status.pdb_format_compatible           Y 
_pdbx_database_status.status_code_mr                  ? 
_pdbx_database_status.status_code_sf                  ? 
_pdbx_database_status.status_code_cs                  ? 
_pdbx_database_status.status_code_nmr_data            ? 
_pdbx_database_status.methods_development_category    ? 
# 
loop_
_audit_author.name 
_audit_author.pdbx_ordinal 
'Cody, V.'     1 
'Galitsky, N.' 2 
'Luft, J.R.'   3 
'Pangborn, W.' 4 
# 
loop_
_citation.id 
_citation.title 
_citation.journal_abbrev 
_citation.journal_volume 
_citation.page_first 
_citation.page_last 
_citation.year 
_citation.journal_id_ASTM 
_citation.country 
_citation.journal_id_ISSN 
_citation.journal_id_CSD 
_citation.book_publisher 
_citation.pdbx_database_id_PubMed 
_citation.pdbx_database_id_DOI 
primary 
;Comparison of two independent crystal structures of human dihydrofolate reductase ternary complexes reduced with nicotinamide adenine dinucleotide phosphate and the very tight-binding inhibitor PT523.
;
Biochemistry            36  13897 13903 1997 BICHAW US 0006-2960 0033 ? 9374868 10.1021/bi971711l 
1       
;Methotrexate-Resistant Variants of Human Dihydrofolate Reductase with Substitutions of Leucine 22. Kinetics, Crystallography, and Potential as Selectable Markers
;
J.Biol.Chem.            270 5057  ?     1995 JBCHA3 US 0021-9258 0071 ? ?       ?                 
2       'Methotrexate-Resistant Variants of Human Dihydrofolate Reductase. Effects of Phe31 Substitutions' J.Biol.Chem.            
269 9547  ?     1994 JBCHA3 US 0021-9258 0071 ? ?       ?                 
3       
;Crystal Structure Determination at 2.3 A of Recombinant Human Dihydrofolate Reductase Ternary Complex with Nadph and Methotrexate-Gamma-Tetrazole
;
'Anti-Cancer Drug Des.' 7   483   ?     1992 ACDDEA UK 0266-9536 0807 ? ?       ?                 
# 
loop_
_citation_author.citation_id 
_citation_author.name 
_citation_author.ordinal 
_citation_author.identifier_ORCID 
primary 'Cody, V.'        1  ? 
primary 'Galitsky, N.'    2  ? 
primary 'Luft, J.R.'      3  ? 
primary 'Pangborn, W.'    4  ? 
primary 'Rosowsky, A.'    5  ? 
primary 'Blakley, R.L.'   6  ? 
1       'Lewis, W.S.'     7  ? 
1       'Cody, V.'        8  ? 
1       'Galitsky, N.'    9  ? 
1       'Luft, J.R.'      10 ? 
1       'Pangborn, W.'    11 ? 
1       'Chunduru, S.K.'  12 ? 
1       'Spencer, H.T.'   13 ? 
1       'Appleman, J.R.'  14 ? 
1       'Blakley, R.L.'   15 ? 
2       'Chunduru, S.K.'  16 ? 
2       'Cody, V.'        17 ? 
2       'Luft, J.R.'      18 ? 
2       'Pangborn, W.'    19 ? 
2       'Appleman, J.R.'  20 ? 
2       'Blakley, R.L.'   21 ? 
3       'Cody, V.'        22 ? 
3       'Luft, J.R.'      23 ? 
3       'Ciszak, E.'      24 ? 
3       'Kalman, T.I.'    25 ? 
3       'Freisheim, J.H.' 26 ? 
# 
loop_
_entity.id 
_entity.type 
_entity.src_method 
_entity.pdbx_description 
_entity.formula_weight 
_entity.pdbx_number_of_molecules 
_entity.pdbx_ec 
_entity.pdbx_mutation 
_entity.pdbx_fragment 
_entity.details 
1 polymer     man 'DIHYDROFOLATE REDUCTASE'                                                                          21349.525 1  
1.5.1.3 ? ? 'COMPLEXED WITH NADPH AND PT523 NA-(4-AMINO-4-DEOXYPTEROYL)-ND-HEMIPHTHALOYL-L-ORNITHINE' 
2 non-polymer syn 'NADPH DIHYDRO-NICOTINAMIDE-ADENINE-DINUCLEOTIDE PHOSPHATE'                                        745.421   1  
?       ? ? ?                                                                                         
3 non-polymer syn 'N-(4-CARBOXY-4-{4-[(2,4-DIAMINO-PTERIDIN-6-YLMETHYL)-AMINO]-BENZOYLAMINO}-BUTYL)-PHTHALAMIC ACID' 573.560   1  
?       ? ? ?                                                                                         
4 water       nat water                                                                                              18.015    18 
?       ? ? ?                                                                                         
# 
_entity_name_com.entity_id   1 
_entity_name_com.name        DHFR 
# 
_entity_poly.entity_id                      1 
_entity_poly.type                           'polypeptide(L)' 
_entity_poly.nstd_linkage                   no 
_entity_poly.nstd_monomer                   no 
_entity_poly.pdbx_seq_one_letter_code       
;VGSLNCIVAVSQNMGIGKNGDLPWPPLRNEFRYFQRMTTTSSVEGKQNLVIMGKKTWFSIPEKNRPLKGRINLVLSRELK
EPPQGAHFLSRSLDDALKLTEQPELANKVDMVWIVGGSSVYKEAMNHPGHLKLFVTRIMQDFESDTFFPEIDLEKYKLLP
EYPGVLSDVQEEKGIKYKFEVYEKND
;
_entity_poly.pdbx_seq_one_letter_code_can   
;VGSLNCIVAVSQNMGIGKNGDLPWPPLRNEFRYFQRMTTTSSVEGKQNLVIMGKKTWFSIPEKNRPLKGRINLVLSRELK
EPPQGAHFLSRSLDDALKLTEQPELANKVDMVWIVGGSSVYKEAMNHPGHLKLFVTRIMQDFESDTFFPEIDLEKYKLLP
EYPGVLSDVQEEKGIKYKFEVYEKND
;
_entity_poly.pdbx_strand_id                 A 
_entity_poly.pdbx_target_identifier         ? 
# 
loop_
_pdbx_entity_nonpoly.entity_id 
_pdbx_entity_nonpoly.name 
_pdbx_entity_nonpoly.comp_id 
2 'NADPH DIHYDRO-NICOTINAMIDE-ADENINE-DINUCLEOTIDE PHOSPHATE'                                        NDP 
3 'N-(4-CARBOXY-4-{4-[(2,4-DIAMINO-PTERIDIN-6-YLMETHYL)-AMINO]-BENZOYLAMINO}-BUTYL)-PHTHALAMIC ACID' COP 
4 water                                                                                              HOH 
# 
loop_
_entity_poly_seq.entity_id 
_entity_poly_seq.num 
_entity_poly_seq.mon_id 
_entity_poly_seq.hetero 
1 1   VAL n 
1 2   GLY n 
1 3   SER n 
1 4   LEU n 
1 5   ASN n 
1 6   CYS n 
1 7   ILE n 
1 8   VAL n 
1 9   ALA n 
1 10  VAL n 
1 11  SER n 
1 12  GLN n 
1 13  ASN n 
1 14  MET n 
1 15  GLY n 
1 16  ILE n 
1 17  GLY n 
1 18  LYS n 
1 19  ASN n 
1 20  GLY n 
1 21  ASP n 
1 22  LEU n 
1 23  PRO n 
1 24  TRP n 
1 25  PRO n 
1 26  PRO n 
1 27  LEU n 
1 28  ARG n 
1 29  ASN n 
1 30  GLU n 
1 31  PHE n 
1 32  ARG n 
1 33  TYR n 
1 34  PHE n 
1 35  GLN n 
1 36  ARG n 
1 37  MET n 
1 38  THR n 
1 39  THR n 
1 40  THR n 
1 41  SER n 
1 42  SER n 
1 43  VAL n 
1 44  GLU n 
1 45  GLY n 
1 46  LYS n 
1 47  GLN n 
1 48  ASN n 
1 49  LEU n 
1 50  VAL n 
1 51  ILE n 
1 52  MET n 
1 53  GLY n 
1 54  LYS n 
1 55  LYS n 
1 56  THR n 
1 57  TRP n 
1 58  PHE n 
1 59  SER n 
1 60  ILE n 
1 61  PRO n 
1 62  GLU n 
1 63  LYS n 
1 64  ASN n 
1 65  ARG n 
1 66  PRO n 
1 67  LEU n 
1 68  LYS n 
1 69  GLY n 
1 70  ARG n 
1 71  ILE n 
1 72  ASN n 
1 73  LEU n 
1 74  VAL n 
1 75  LEU n 
1 76  SER n 
1 77  ARG n 
1 78  GLU n 
1 79  LEU n 
1 80  LYS n 
1 81  GLU n 
1 82  PRO n 
1 83  PRO n 
1 84  GLN n 
1 85  GLY n 
1 86  ALA n 
1 87  HIS n 
1 88  PHE n 
1 89  LEU n 
1 90  SER n 
1 91  ARG n 
1 92  SER n 
1 93  LEU n 
1 94  ASP n 
1 95  ASP n 
1 96  ALA n 
1 97  LEU n 
1 98  LYS n 
1 99  LEU n 
1 100 THR n 
1 101 GLU n 
1 102 GLN n 
1 103 PRO n 
1 104 GLU n 
1 105 LEU n 
1 106 ALA n 
1 107 ASN n 
1 108 LYS n 
1 109 VAL n 
1 110 ASP n 
1 111 MET n 
1 112 VAL n 
1 113 TRP n 
1 114 ILE n 
1 115 VAL n 
1 116 GLY n 
1 117 GLY n 
1 118 SER n 
1 119 SER n 
1 120 VAL n 
1 121 TYR n 
1 122 LYS n 
1 123 GLU n 
1 124 ALA n 
1 125 MET n 
1 126 ASN n 
1 127 HIS n 
1 128 PRO n 
1 129 GLY n 
1 130 HIS n 
1 131 LEU n 
1 132 LYS n 
1 133 LEU n 
1 134 PHE n 
1 135 VAL n 
1 136 THR n 
1 137 ARG n 
1 138 ILE n 
1 139 MET n 
1 140 GLN n 
1 141 ASP n 
1 142 PHE n 
1 143 GLU n 
1 144 SER n 
1 145 ASP n 
1 146 THR n 
1 147 PHE n 
1 148 PHE n 
1 149 PRO n 
1 150 GLU n 
1 151 ILE n 
1 152 ASP n 
1 153 LEU n 
1 154 GLU n 
1 155 LYS n 
1 156 TYR n 
1 157 LYS n 
1 158 LEU n 
1 159 LEU n 
1 160 PRO n 
1 161 GLU n 
1 162 TYR n 
1 163 PRO n 
1 164 GLY n 
1 165 VAL n 
1 166 LEU n 
1 167 SER n 
1 168 ASP n 
1 169 VAL n 
1 170 GLN n 
1 171 GLU n 
1 172 GLU n 
1 173 LYS n 
1 174 GLY n 
1 175 ILE n 
1 176 LYS n 
1 177 TYR n 
1 178 LYS n 
1 179 PHE n 
1 180 GLU n 
1 181 VAL n 
1 182 TYR n 
1 183 GLU n 
1 184 LYS n 
1 185 ASN n 
1 186 ASP n 
# 
_entity_src_gen.entity_id                          1 
_entity_src_gen.pdbx_src_id                        1 
_entity_src_gen.pdbx_alt_source_flag               sample 
_entity_src_gen.pdbx_seq_type                      ? 
_entity_src_gen.pdbx_beg_seq_num                   ? 
_entity_src_gen.pdbx_end_seq_num                   ? 
_entity_src_gen.gene_src_common_name               human 
_entity_src_gen.gene_src_genus                     Homo 
_entity_src_gen.pdbx_gene_src_gene                 POTENTIAL 
_entity_src_gen.gene_src_species                   ? 
_entity_src_gen.gene_src_strain                    ? 
_entity_src_gen.gene_src_tissue                    ? 
_entity_src_gen.gene_src_tissue_fraction           ? 
_entity_src_gen.gene_src_details                   ? 
_entity_src_gen.pdbx_gene_src_fragment             ? 
_entity_src_gen.pdbx_gene_src_scientific_name      'Homo sapiens' 
_entity_src_gen.pdbx_gene_src_ncbi_taxonomy_id     9606 
_entity_src_gen.pdbx_gene_src_variant              ? 
_entity_src_gen.pdbx_gene_src_cell_line            ? 
_entity_src_gen.pdbx_gene_src_atcc                 ? 
_entity_src_gen.pdbx_gene_src_organ                ? 
_entity_src_gen.pdbx_gene_src_organelle            ? 
_entity_src_gen.pdbx_gene_src_cell                 ? 
_entity_src_gen.pdbx_gene_src_cellular_location    ? 
_entity_src_gen.host_org_common_name               ? 
_entity_src_gen.pdbx_host_org_scientific_name      'Escherichia coli' 
_entity_src_gen.pdbx_host_org_ncbi_taxonomy_id     562 
_entity_src_gen.host_org_genus                     Escherichia 
_entity_src_gen.pdbx_host_org_gene                 ? 
_entity_src_gen.pdbx_host_org_organ                ? 
_entity_src_gen.host_org_species                   ? 
_entity_src_gen.pdbx_host_org_tissue               ? 
_entity_src_gen.pdbx_host_org_tissue_fraction      ? 
_entity_src_gen.pdbx_host_org_strain               JM107 
_entity_src_gen.pdbx_host_org_variant              ? 
_entity_src_gen.pdbx_host_org_cell_line            ? 
_entity_src_gen.pdbx_host_org_atcc                 ? 
_entity_src_gen.pdbx_host_org_culture_collection   ? 
_entity_src_gen.pdbx_host_org_cell                 ? 
_entity_src_gen.pdbx_host_org_organelle            ? 
_entity_src_gen.pdbx_host_org_cellular_location    ? 
_entity_src_gen.pdbx_host_org_vector_type          ? 
_entity_src_gen.pdbx_host_org_vector               ? 
_entity_src_gen.host_org_details                   ? 
_entity_src_gen.expression_system_id               ? 
_entity_src_gen.plasmid_name                       ? 
_entity_src_gen.plasmid_details                    ? 
_entity_src_gen.pdbx_description                   ? 
# 
loop_
_chem_comp.id 
_chem_comp.type 
_chem_comp.mon_nstd_flag 
_chem_comp.name 
_chem_comp.pdbx_synonyms 
_chem_comp.formula 
_chem_comp.formula_weight 
ALA 'L-peptide linking' y ALANINE                                                                                            ?     
'C3 H7 N O2'        89.093  
ARG 'L-peptide linking' y ARGININE                                                                                           ?     
'C6 H15 N4 O2 1'    175.209 
ASN 'L-peptide linking' y ASPARAGINE                                                                                         ?     
'C4 H8 N2 O3'       132.118 
ASP 'L-peptide linking' y 'ASPARTIC ACID'                                                                                    ?     
'C4 H7 N O4'        133.103 
COP non-polymer         . 'N-(4-CARBOXY-4-{4-[(2,4-DIAMINO-PTERIDIN-6-YLMETHYL)-AMINO]-BENZOYLAMINO}-BUTYL)-PHTHALAMIC ACID' PT523 
'C27 H27 N9 O6'     573.560 
CYS 'L-peptide linking' y CYSTEINE                                                                                           ?     
'C3 H7 N O2 S'      121.158 
GLN 'L-peptide linking' y GLUTAMINE                                                                                          ?     
'C5 H10 N2 O3'      146.144 
GLU 'L-peptide linking' y 'GLUTAMIC ACID'                                                                                    ?     
'C5 H9 N O4'        147.129 
GLY 'peptide linking'   y GLYCINE                                                                                            ?     
'C2 H5 N O2'        75.067  
HIS 'L-peptide linking' y HISTIDINE                                                                                          ?     
'C6 H10 N3 O2 1'    156.162 
HOH non-polymer         . WATER                                                                                              ?     
'H2 O'              18.015  
ILE 'L-peptide linking' y ISOLEUCINE                                                                                         ?     
'C6 H13 N O2'       131.173 
LEU 'L-peptide linking' y LEUCINE                                                                                            ?     
'C6 H13 N O2'       131.173 
LYS 'L-peptide linking' y LYSINE                                                                                             ?     
'C6 H15 N2 O2 1'    147.195 
MET 'L-peptide linking' y METHIONINE                                                                                         ?     
'C5 H11 N O2 S'     149.211 
NDP non-polymer         . 'NADPH DIHYDRO-NICOTINAMIDE-ADENINE-DINUCLEOTIDE PHOSPHATE'                                        ?     
'C21 H30 N7 O17 P3' 745.421 
PHE 'L-peptide linking' y PHENYLALANINE                                                                                      ?     
'C9 H11 N O2'       165.189 
PRO 'L-peptide linking' y PROLINE                                                                                            ?     
'C5 H9 N O2'        115.130 
SER 'L-peptide linking' y SERINE                                                                                             ?     
'C3 H7 N O3'        105.093 
THR 'L-peptide linking' y THREONINE                                                                                          ?     
'C4 H9 N O3'        119.119 
TRP 'L-peptide linking' y TRYPTOPHAN                                                                                         ?     
'C11 H12 N2 O2'     204.225 
TYR 'L-peptide linking' y TYROSINE                                                                                           ?     
'C9 H11 N O3'       181.189 
VAL 'L-peptide linking' y VALINE                                                                                             ?     
'C5 H11 N O2'       117.146 
# 
loop_
_pdbx_poly_seq_scheme.asym_id 
_pdbx_poly_seq_scheme.entity_id 
_pdbx_poly_seq_scheme.seq_id 
_pdbx_poly_seq_scheme.mon_id 
_pdbx_poly_seq_scheme.ndb_seq_num 
_pdbx_poly_seq_scheme.pdb_seq_num 
_pdbx_poly_seq_scheme.auth_seq_num 
_pdbx_poly_seq_scheme.pdb_mon_id 
_pdbx_poly_seq_scheme.auth_mon_id 
_pdbx_poly_seq_scheme.pdb_strand_id 
_pdbx_poly_seq_scheme.pdb_ins_code 
_pdbx_poly_seq_scheme.hetero 
A 1 1   VAL 1   1   1   VAL VAL A . n 
A 1 2   GLY 2   2   2   GLY GLY A . n 
A 1 3   SER 3   3   3   SER SER A . n 
A 1 4   LEU 4   4   4   LEU LEU A . n 
A 1 5   ASN 5   5   5   ASN ASN A . n 
A 1 6   CYS 6   6   6   CYS CYS A . n 
A 1 7   ILE 7   7   7   ILE ILE A . n 
A 1 8   VAL 8   8   8   VAL VAL A . n 
A 1 9   ALA 9   9   9   ALA ALA A . n 
A 1 10  VAL 10  10  10  VAL VAL A . n 
A 1 11  SER 11  11  11  SER SER A . n 
A 1 12  GLN 12  12  12  GLN GLN A . n 
A 1 13  ASN 13  13  13  ASN ASN A . n 
A 1 14  MET 14  14  14  MET MET A . n 
A 1 15  GLY 15  15  15  GLY GLY A . n 
A 1 16  ILE 16  16  16  ILE ILE A . n 
A 1 17  GLY 17  17  17  GLY GLY A . n 
A 1 18  LYS 18  18  18  LYS LYS A . n 
A 1 19  ASN 19  19  19  ASN ASN A . n 
A 1 20  GLY 20  20  20  GLY GLY A . n 
A 1 21  ASP 21  21  21  ASP ASP A . n 
A 1 22  LEU 22  22  22  LEU LEU A . n 
A 1 23  PRO 23  23  23  PRO PRO A . n 
A 1 24  TRP 24  24  24  TRP TRP A . n 
A 1 25  PRO 25  25  25  PRO PRO A . n 
A 1 26  PRO 26  26  26  PRO PRO A . n 
A 1 27  LEU 27  27  27  LEU LEU A . n 
A 1 28  ARG 28  28  28  ARG ARG A . n 
A 1 29  ASN 29  29  29  ASN ASN A . n 
A 1 30  GLU 30  30  30  GLU GLU A . n 
A 1 31  PHE 31  31  31  PHE PHE A . n 
A 1 32  ARG 32  32  32  ARG ARG A . n 
A 1 33  TYR 33  33  33  TYR TYR A . n 
A 1 34  PHE 34  34  34  PHE PHE A . n 
A 1 35  GLN 35  35  35  GLN GLN A . n 
A 1 36  ARG 36  36  36  ARG ARG A . n 
A 1 37  MET 37  37  37  MET MET A . n 
A 1 38  THR 38  38  38  THR THR A . n 
A 1 39  THR 39  39  39  THR THR A . n 
A 1 40  THR 40  40  40  THR THR A . n 
A 1 41  SER 41  41  41  SER SER A . n 
A 1 42  SER 42  42  42  SER SER A . n 
A 1 43  VAL 43  43  43  VAL VAL A . n 
A 1 44  GLU 44  44  44  GLU GLU A . n 
A 1 45  GLY 45  45  45  GLY GLY A . n 
A 1 46  LYS 46  46  46  LYS LYS A . n 
A 1 47  GLN 47  47  47  GLN GLN A . n 
A 1 48  ASN 48  48  48  ASN ASN A . n 
A 1 49  LEU 49  49  49  LEU LEU A . n 
A 1 50  VAL 50  50  50  VAL VAL A . n 
A 1 51  ILE 51  51  51  ILE ILE A . n 
A 1 52  MET 52  52  52  MET MET A . n 
A 1 53  GLY 53  53  53  GLY GLY A . n 
A 1 54  LYS 54  54  54  LYS LYS A . n 
A 1 55  LYS 55  55  55  LYS LYS A . n 
A 1 56  THR 56  56  56  THR THR A . n 
A 1 57  TRP 57  57  57  TRP TRP A . n 
A 1 58  PHE 58  58  58  PHE PHE A . n 
A 1 59  SER 59  59  59  SER SER A . n 
A 1 60  ILE 60  60  60  ILE ILE A . n 
A 1 61  PRO 61  61  61  PRO PRO A . n 
A 1 62  GLU 62  62  62  GLU GLU A . n 
A 1 63  LYS 63  63  63  LYS LYS A . n 
A 1 64  ASN 64  64  64  ASN ASN A . n 
A 1 65  ARG 65  65  65  ARG ARG A . n 
A 1 66  PRO 66  66  66  PRO PRO A . n 
A 1 67  LEU 67  67  67  LEU LEU A . n 
A 1 68  LYS 68  68  68  LYS LYS A . n 
A 1 69  GLY 69  69  69  GLY GLY A . n 
A 1 70  ARG 70  70  70  ARG ARG A . n 
A 1 71  ILE 71  71  71  ILE ILE A . n 
A 1 72  ASN 72  72  72  ASN ASN A . n 
A 1 73  LEU 73  73  73  LEU LEU A . n 
A 1 74  VAL 74  74  74  VAL VAL A . n 
A 1 75  LEU 75  75  75  LEU LEU A . n 
A 1 76  SER 76  76  76  SER SER A . n 
A 1 77  ARG 77  77  77  ARG ARG A . n 
A 1 78  GLU 78  78  78  GLU GLU A . n 
A 1 79  LEU 79  79  79  LEU LEU A . n 
A 1 80  LYS 80  80  80  LYS LYS A . n 
A 1 81  GLU 81  81  81  GLU GLU A . n 
A 1 82  PRO 82  82  82  PRO PRO A . n 
A 1 83  PRO 83  83  83  PRO PRO A . n 
A 1 84  GLN 84  84  84  GLN GLN A . n 
A 1 85  GLY 85  85  85  GLY GLY A . n 
A 1 86  ALA 86  86  86  ALA ALA A . n 
A 1 87  HIS 87  87  87  HIS HIS A . n 
A 1 88  PHE 88  88  88  PHE PHE A . n 
A 1 89  LEU 89  89  89  LEU LEU A . n 
A 1 90  SER 90  90  90  SER SER A . n 
A 1 91  ARG 91  91  91  ARG ARG A . n 
A 1 92  SER 92  92  92  SER SER A . n 
A 1 93  LEU 93  93  93  LEU LEU A . n 
A 1 94  ASP 94  94  94  ASP ASP A . n 
A 1 95  ASP 95  95  95  ASP ASP A . n 
A 1 96  ALA 96  96  96  ALA ALA A . n 
A 1 97  LEU 97  97  97  LEU LEU A . n 
A 1 98  LYS 98  98  98  LYS LYS A . n 
A 1 99  LEU 99  99  99  LEU LEU A . n 
A 1 100 THR 100 100 100 THR THR A . n 
A 1 101 GLU 101 101 101 GLU GLU A . n 
A 1 102 GLN 102 102 102 GLN GLN A . n 
A 1 103 PRO 103 103 103 PRO PRO A . n 
A 1 104 GLU 104 104 104 GLU GLU A . n 
A 1 105 LEU 105 105 105 LEU LEU A . n 
A 1 106 ALA 106 106 106 ALA ALA A . n 
A 1 107 ASN 107 107 107 ASN ASN A . n 
A 1 108 LYS 108 108 108 LYS LYS A . n 
A 1 109 VAL 109 109 109 VAL VAL A . n 
A 1 110 ASP 110 110 110 ASP ASP A . n 
A 1 111 MET 111 111 111 MET MET A . n 
A 1 112 VAL 112 112 112 VAL VAL A . n 
A 1 113 TRP 113 113 113 TRP TRP A . n 
A 1 114 ILE 114 114 114 ILE ILE A . n 
A 1 115 VAL 115 115 115 VAL VAL A . n 
A 1 116 GLY 116 116 116 GLY GLY A . n 
A 1 117 GLY 117 117 117 GLY GLY A . n 
A 1 118 SER 118 118 118 SER SER A . n 
A 1 119 SER 119 119 119 SER SER A . n 
A 1 120 VAL 120 120 120 VAL VAL A . n 
A 1 121 TYR 121 121 121 TYR TYR A . n 
A 1 122 LYS 122 122 122 LYS LYS A . n 
A 1 123 GLU 123 123 123 GLU GLU A . n 
A 1 124 ALA 124 124 124 ALA ALA A . n 
A 1 125 MET 125 125 125 MET MET A . n 
A 1 126 ASN 126 126 126 ASN ASN A . n 
A 1 127 HIS 127 127 127 HIS HIS A . n 
A 1 128 PRO 128 128 128 PRO PRO A . n 
A 1 129 GLY 129 129 129 GLY GLY A . n 
A 1 130 HIS 130 130 130 HIS HIS A . n 
A 1 131 LEU 131 131 131 LEU LEU A . n 
A 1 132 LYS 132 132 132 LYS LYS A . n 
A 1 133 LEU 133 133 133 LEU LEU A . n 
A 1 134 PHE 134 134 134 PHE PHE A . n 
A 1 135 VAL 135 135 135 VAL VAL A . n 
A 1 136 THR 136 136 136 THR THR A . n 
A 1 137 ARG 137 137 137 ARG ARG A . n 
A 1 138 ILE 138 138 138 ILE ILE A . n 
A 1 139 MET 139 139 139 MET MET A . n 
A 1 140 GLN 140 140 140 GLN GLN A . n 
A 1 141 ASP 141 141 141 ASP ASP A . n 
A 1 142 PHE 142 142 142 PHE PHE A . n 
A 1 143 GLU 143 143 143 GLU GLU A . n 
A 1 144 SER 144 144 144 SER SER A . n 
A 1 145 ASP 145 145 145 ASP ASP A . n 
A 1 146 THR 146 146 146 THR THR A . n 
A 1 147 PHE 147 147 147 PHE PHE A . n 
A 1 148 PHE 148 148 148 PHE PHE A . n 
A 1 149 PRO 149 149 149 PRO PRO A . n 
A 1 150 GLU 150 150 150 GLU GLU A . n 
A 1 151 ILE 151 151 151 ILE ILE A . n 
A 1 152 ASP 152 152 152 ASP ASP A . n 
A 1 153 LEU 153 153 153 LEU LEU A . n 
A 1 154 GLU 154 154 154 GLU GLU A . n 
A 1 155 LYS 155 155 155 LYS LYS A . n 
A 1 156 TYR 156 156 156 TYR TYR A . n 
A 1 157 LYS 157 157 157 LYS LYS A . n 
A 1 158 LEU 158 158 158 LEU LEU A . n 
A 1 159 LEU 159 159 159 LEU LEU A . n 
A 1 160 PRO 160 160 160 PRO PRO A . n 
A 1 161 GLU 161 161 161 GLU GLU A . n 
A 1 162 TYR 162 162 162 TYR TYR A . n 
A 1 163 PRO 163 163 163 PRO PRO A . n 
A 1 164 GLY 164 164 164 GLY GLY A . n 
A 1 165 VAL 165 165 165 VAL VAL A . n 
A 1 166 LEU 166 166 166 LEU LEU A . n 
A 1 167 SER 167 167 167 SER SER A . n 
A 1 168 ASP 168 168 168 ASP ASP A . n 
A 1 169 VAL 169 169 169 VAL VAL A . n 
A 1 170 GLN 170 170 170 GLN GLN A . n 
A 1 171 GLU 171 171 171 GLU GLU A . n 
A 1 172 GLU 172 172 172 GLU GLU A . n 
A 1 173 LYS 173 173 173 LYS LYS A . n 
A 1 174 GLY 174 174 174 GLY GLY A . n 
A 1 175 ILE 175 175 175 ILE ILE A . n 
A 1 176 LYS 176 176 176 LYS LYS A . n 
A 1 177 TYR 177 177 177 TYR TYR A . n 
A 1 178 LYS 178 178 178 LYS LYS A . n 
A 1 179 PHE 179 179 179 PHE PHE A . n 
A 1 180 GLU 180 180 180 GLU GLU A . n 
A 1 181 VAL 181 181 181 VAL VAL A . n 
A 1 182 TYR 182 182 182 TYR TYR A . n 
A 1 183 GLU 183 183 183 GLU GLU A . n 
A 1 184 LYS 184 184 184 LYS LYS A . n 
A 1 185 ASN 185 185 185 ASN ASN A . n 
A 1 186 ASP 186 186 186 ASP ASP A . n 
# 
loop_
_pdbx_nonpoly_scheme.asym_id 
_pdbx_nonpoly_scheme.entity_id 
_pdbx_nonpoly_scheme.mon_id 
_pdbx_nonpoly_scheme.ndb_seq_num 
_pdbx_nonpoly_scheme.pdb_seq_num 
_pdbx_nonpoly_scheme.auth_seq_num 
_pdbx_nonpoly_scheme.pdb_mon_id 
_pdbx_nonpoly_scheme.auth_mon_id 
_pdbx_nonpoly_scheme.pdb_strand_id 
_pdbx_nonpoly_scheme.pdb_ins_code 
B 2 NDP 1  187 187 NDP NDP A . 
C 3 COP 1  188 188 COP COP A . 
D 4 HOH 1  190 190 HOH HOH A . 
D 4 HOH 2  191 191 HOH HOH A . 
D 4 HOH 3  192 192 HOH HOH A . 
D 4 HOH 4  193 193 HOH HOH A . 
D 4 HOH 5  194 194 HOH HOH A . 
D 4 HOH 6  195 195 HOH HOH A . 
D 4 HOH 7  196 196 HOH HOH A . 
D 4 HOH 8  197 197 HOH HOH A . 
D 4 HOH 9  198 198 HOH HOH A . 
D 4 HOH 10 199 199 HOH HOH A . 
D 4 HOH 11 200 200 HOH HOH A . 
D 4 HOH 12 201 201 HOH HOH A . 
D 4 HOH 13 202 202 HOH HOH A . 
D 4 HOH 14 203 203 HOH HOH A . 
D 4 HOH 15 204 204 HOH HOH A . 
D 4 HOH 16 205 205 HOH HOH A . 
D 4 HOH 17 206 206 HOH HOH A . 
D 4 HOH 18 207 207 HOH HOH A . 
# 
_software.name             PROFFT 
_software.classification   refinement 
_software.version          . 
_software.citation_id      ? 
_software.pdbx_ordinal     1 
# 
_cell.entry_id           1OHK 
_cell.length_a           36.904 
_cell.length_b           69.191 
_cell.length_c           69.952 
_cell.angle_alpha        90.00 
_cell.angle_beta         90.00 
_cell.angle_gamma        90.00 
_cell.Z_PDB              4 
_cell.pdbx_unique_axis   ? 
# 
_symmetry.entry_id                         1OHK 
_symmetry.space_group_name_H-M             'P 21 21 21' 
_symmetry.pdbx_full_space_group_name_H-M   ? 
_symmetry.cell_setting                     ? 
_symmetry.Int_Tables_number                19 
# 
_exptl.entry_id          1OHK 
_exptl.method            'X-RAY DIFFRACTION' 
_exptl.crystals_number   ? 
# 
_exptl_crystal.id                    1 
_exptl_crystal.density_meas          ? 
_exptl_crystal.density_Matthews      2.54 
_exptl_crystal.density_percent_sol   48.0 
_exptl_crystal.description           ? 
# 
_diffrn.id                     1 
_diffrn.ambient_temp           ? 
_diffrn.ambient_temp_details   ? 
_diffrn.crystal_id             1 
# 
_diffrn_radiation.diffrn_id                        1 
_diffrn_radiation.wavelength_id                    1 
_diffrn_radiation.pdbx_monochromatic_or_laue_m_l   ? 
_diffrn_radiation.monochromator                    ? 
_diffrn_radiation.pdbx_diffrn_protocol             ? 
_diffrn_radiation.pdbx_scattering_type             x-ray 
# 
_diffrn_radiation_wavelength.id           1 
_diffrn_radiation_wavelength.wavelength   . 
_diffrn_radiation_wavelength.wt           1.0 
# 
_reflns.entry_id                     1OHK 
_reflns.observed_criterion_sigma_I   2.0 
_reflns.observed_criterion_sigma_F   ? 
_reflns.d_resolution_low             8.0 
_reflns.d_resolution_high            2.5 
_reflns.number_obs                   5293 
_reflns.number_all                   ? 
_reflns.percent_possible_obs         94.7 
_reflns.pdbx_Rmerge_I_obs            ? 
_reflns.pdbx_Rsym_value              ? 
_reflns.pdbx_netI_over_sigmaI        ? 
_reflns.B_iso_Wilson_estimate        ? 
_reflns.pdbx_redundancy              ? 
_reflns.pdbx_diffrn_id               1 
_reflns.pdbx_ordinal                 1 
# 
_refine.entry_id                                 1OHK 
_refine.ls_number_reflns_obs                     5293 
_refine.ls_number_reflns_all                     ? 
_refine.pdbx_ls_sigma_I                          ? 
_refine.pdbx_ls_sigma_F                          2.0 
_refine.pdbx_data_cutoff_high_absF               ? 
_refine.pdbx_data_cutoff_low_absF                ? 
_refine.pdbx_data_cutoff_high_rms_absF           ? 
_refine.ls_d_res_low                             8.0 
_refine.ls_d_res_high                            2.5 
_refine.ls_percent_reflns_obs                    94.7 
_refine.ls_R_factor_obs                          ? 
_refine.ls_R_factor_all                          ? 
_refine.ls_R_factor_R_work                       0.2180000 
_refine.ls_R_factor_R_free                       ? 
_refine.ls_R_factor_R_free_error                 ? 
_refine.ls_R_factor_R_free_error_details         ? 
_refine.ls_percent_reflns_R_free                 ? 
_refine.ls_number_reflns_R_free                  ? 
_refine.ls_number_parameters                     ? 
_refine.ls_number_restraints                     ? 
_refine.occupancy_min                            ? 
_refine.occupancy_max                            ? 
_refine.B_iso_mean                               ? 
_refine.aniso_B[1][1]                            ? 
_refine.aniso_B[2][2]                            ? 
_refine.aniso_B[3][3]                            ? 
_refine.aniso_B[1][2]                            ? 
_refine.aniso_B[1][3]                            ? 
_refine.aniso_B[2][3]                            ? 
_refine.solvent_model_details                    ? 
_refine.solvent_model_param_ksol                 ? 
_refine.solvent_model_param_bsol                 ? 
_refine.pdbx_ls_cross_valid_method               ? 
_refine.details                                  ? 
_refine.pdbx_starting_model                      ? 
_refine.pdbx_method_to_determine_struct          ? 
_refine.pdbx_isotropic_thermal_model             ? 
_refine.pdbx_stereochemistry_target_values       ? 
_refine.pdbx_stereochem_target_val_spec_case     ? 
_refine.pdbx_R_Free_selection_details            ? 
_refine.pdbx_overall_ESU_R                       ? 
_refine.pdbx_overall_ESU_R_Free                  ? 
_refine.overall_SU_ML                            ? 
_refine.overall_SU_B                             ? 
_refine.pdbx_refine_id                           'X-RAY DIFFRACTION' 
_refine.pdbx_diffrn_id                           1 
_refine.pdbx_TLS_residual_ADP_flag               ? 
_refine.correlation_coeff_Fo_to_Fc               ? 
_refine.correlation_coeff_Fo_to_Fc_free          ? 
_refine.pdbx_solvent_vdw_probe_radii             ? 
_refine.pdbx_solvent_ion_probe_radii             ? 
_refine.pdbx_solvent_shrinkage_radii             ? 
_refine.pdbx_overall_phase_error                 ? 
_refine.overall_SU_R_Cruickshank_DPI             ? 
_refine.pdbx_overall_SU_R_free_Cruickshank_DPI   ? 
_refine.pdbx_overall_SU_R_Blow_DPI               ? 
_refine.pdbx_overall_SU_R_free_Blow_DPI          ? 
# 
_refine_hist.pdbx_refine_id                   'X-RAY DIFFRACTION' 
_refine_hist.cycle_id                         LAST 
_refine_hist.pdbx_number_atoms_protein        1501 
_refine_hist.pdbx_number_atoms_nucleic_acid   0 
_refine_hist.pdbx_number_atoms_ligand         91 
_refine_hist.number_atoms_solvent             18 
_refine_hist.number_atoms_total               1610 
_refine_hist.d_res_high                       2.5 
_refine_hist.d_res_low                        8.0 
# 
loop_
_refine_ls_restr.type 
_refine_ls_restr.dev_ideal 
_refine_ls_restr.dev_ideal_target 
_refine_ls_restr.weight 
_refine_ls_restr.number 
_refine_ls_restr.pdbx_refine_id 
_refine_ls_restr.pdbx_restraint_function 
p_bond_d            0.017 0.020 ? ? 'X-RAY DIFFRACTION' ? 
p_angle_d           0.058 0.040 ? ? 'X-RAY DIFFRACTION' ? 
p_angle_deg         ?     ?     ? ? 'X-RAY DIFFRACTION' ? 
p_planar_d          0.060 0.050 ? ? 'X-RAY DIFFRACTION' ? 
p_hb_or_metal_coord ?     ?     ? ? 'X-RAY DIFFRACTION' ? 
p_mcbond_it         0.806 1.000 ? ? 'X-RAY DIFFRACTION' ? 
p_mcangle_it        1.409 1.500 ? ? 'X-RAY DIFFRACTION' ? 
p_scbond_it         0.738 1.000 ? ? 'X-RAY DIFFRACTION' ? 
p_scangle_it        1.265 1.500 ? ? 'X-RAY DIFFRACTION' ? 
p_plane_restr       0.013 0.020 ? ? 'X-RAY DIFFRACTION' ? 
p_chiral_restr      0.206 0.150 ? ? 'X-RAY DIFFRACTION' ? 
p_singtor_nbd       0.245 0.500 ? ? 'X-RAY DIFFRACTION' ? 
p_multtor_nbd       0.373 0.500 ? ? 'X-RAY DIFFRACTION' ? 
p_xhyhbond_nbd      ?     ?     ? ? 'X-RAY DIFFRACTION' ? 
p_xyhbond_nbd       0.374 0.500 ? ? 'X-RAY DIFFRACTION' ? 
p_planar_tor        2.3   3.0   ? ? 'X-RAY DIFFRACTION' ? 
p_staggered_tor     25.8  15.0  ? ? 'X-RAY DIFFRACTION' ? 
p_orthonormal_tor   ?     ?     ? ? 'X-RAY DIFFRACTION' ? 
p_transverse_tor    23.0  15.0  ? ? 'X-RAY DIFFRACTION' ? 
p_special_tor       0.0   10.0  ? ? 'X-RAY DIFFRACTION' ? 
# 
_pdbx_refine.entry_id                                    1OHK 
_pdbx_refine.R_factor_all_no_cutoff                      ? 
_pdbx_refine.R_factor_obs_no_cutoff                      0.2060000 
_pdbx_refine.free_R_factor_no_cutoff                     ? 
_pdbx_refine.free_R_val_test_set_size_perc_no_cutoff     ? 
_pdbx_refine.free_R_val_test_set_ct_no_cutoff            ? 
_pdbx_refine.R_factor_all_4sig_cutoff                    ? 
_pdbx_refine.R_factor_obs_4sig_cutoff                    ? 
_pdbx_refine.free_R_factor_4sig_cutoff                   ? 
_pdbx_refine.free_R_val_test_set_size_perc_4sig_cutoff   ? 
_pdbx_refine.free_R_val_test_set_ct_4sig_cutoff          ? 
_pdbx_refine.number_reflns_obs_4sig_cutoff               ? 
_pdbx_refine.pdbx_refine_id                              'X-RAY DIFFRACTION' 
_pdbx_refine.free_R_error_no_cutoff                      ? 
# 
_struct.entry_id                  1OHK 
_struct.title                     'HUMAN DIHYDROFOLATE REDUCTASE, ORTHORHOMBIC (P21 21 21) CRYSTAL FORM' 
_struct.pdbx_model_details        ? 
_struct.pdbx_CASP_flag            ? 
_struct.pdbx_model_type_details   ? 
# 
_struct_keywords.entry_id        1OHK 
_struct_keywords.pdbx_keywords   OXIDOREDUCTASE 
_struct_keywords.text            OXIDOREDUCTASE 
# 
loop_
_struct_asym.id 
_struct_asym.pdbx_blank_PDB_chainid_flag 
_struct_asym.pdbx_modified 
_struct_asym.entity_id 
_struct_asym.details 
A N N 1 ? 
B N N 2 ? 
C N N 3 ? 
D N N 4 ? 
# 
_struct_ref.id                         1 
_struct_ref.db_name                    UNP 
_struct_ref.db_code                    DYR_HUMAN 
_struct_ref.entity_id                  1 
_struct_ref.pdbx_db_accession          P00374 
_struct_ref.pdbx_align_begin           1 
_struct_ref.pdbx_seq_one_letter_code   
;VGSLNCIVAVSQNMGIGKNGDLPWPPLRNEFRYFQRMTTTSSVEGKQNLVIMGKKTWFSIPEKNRPLKGRINLVLSRELK
EPPQGAHFLSRSLDDALKLTEQPELANKVDMVWIVGGSSVYKEAMNHPGHLKLFVTRIMQDFESDTFFPEIDLEKYKLLP
EYPGVLSDVQEEKGIKYKFEVYEKND
;
_struct_ref.pdbx_db_isoform            ? 
# 
_struct_ref_seq.align_id                      1 
_struct_ref_seq.ref_id                        1 
_struct_ref_seq.pdbx_PDB_id_code              1OHK 
_struct_ref_seq.pdbx_strand_id                A 
_struct_ref_seq.seq_align_beg                 1 
_struct_ref_seq.pdbx_seq_align_beg_ins_code   ? 
_struct_ref_seq.seq_align_end                 186 
_struct_ref_seq.pdbx_seq_align_end_ins_code   ? 
_struct_ref_seq.pdbx_db_accession             P00374 
_struct_ref_seq.db_align_beg                  1 
_struct_ref_seq.pdbx_db_align_beg_ins_code    ? 
_struct_ref_seq.db_align_end                  186 
_struct_ref_seq.pdbx_db_align_end_ins_code    ? 
_struct_ref_seq.pdbx_auth_seq_align_beg       1 
_struct_ref_seq.pdbx_auth_seq_align_end       186 
# 
_pdbx_struct_assembly.id                   1 
_pdbx_struct_assembly.details              author_defined_assembly 
_pdbx_struct_assembly.method_details       ? 
_pdbx_struct_assembly.oligomeric_details   monomeric 
_pdbx_struct_assembly.oligomeric_count     1 
# 
_pdbx_struct_assembly_gen.assembly_id       1 
_pdbx_struct_assembly_gen.oper_expression   1 
_pdbx_struct_assembly_gen.asym_id_list      A,B,C,D 
# 
_pdbx_struct_oper_list.id                   1 
_pdbx_struct_oper_list.type                 'identity operation' 
_pdbx_struct_oper_list.name                 1_555 
_pdbx_struct_oper_list.symmetry_operation   x,y,z 
_pdbx_struct_oper_list.matrix[1][1]         1.0000000000 
_pdbx_struct_oper_list.matrix[1][2]         0.0000000000 
_pdbx_struct_oper_list.matrix[1][3]         0.0000000000 
_pdbx_struct_oper_list.vector[1]            0.0000000000 
_pdbx_struct_oper_list.matrix[2][1]         0.0000000000 
_pdbx_struct_oper_list.matrix[2][2]         1.0000000000 
_pdbx_struct_oper_list.matrix[2][3]         0.0000000000 
_pdbx_struct_oper_list.vector[2]            0.0000000000 
_pdbx_struct_oper_list.matrix[3][1]         0.0000000000 
_pdbx_struct_oper_list.matrix[3][2]         0.0000000000 
_pdbx_struct_oper_list.matrix[3][3]         1.0000000000 
_pdbx_struct_oper_list.vector[3]            0.0000000000 
# 
_struct_biol.id   1 
# 
loop_
_struct_conf.conf_type_id 
_struct_conf.id 
_struct_conf.pdbx_PDB_helix_id 
_struct_conf.beg_label_comp_id 
_struct_conf.beg_label_asym_id 
_struct_conf.beg_label_seq_id 
_struct_conf.pdbx_beg_PDB_ins_code 
_struct_conf.end_label_comp_id 
_struct_conf.end_label_asym_id 
_struct_conf.end_label_seq_id 
_struct_conf.pdbx_end_PDB_ins_code 
_struct_conf.beg_auth_comp_id 
_struct_conf.beg_auth_asym_id 
_struct_conf.beg_auth_seq_id 
_struct_conf.end_auth_comp_id 
_struct_conf.end_auth_asym_id 
_struct_conf.end_auth_seq_id 
_struct_conf.pdbx_PDB_helix_class 
_struct_conf.details 
_struct_conf.pdbx_PDB_helix_length 
HELX_P HELX_P1 1 ARG A 28  ? THR A 39  ? ARG A 28  THR A 39  1 ? 12 
HELX_P HELX_P2 2 LYS A 54  ? SER A 59  ? LYS A 54  SER A 59  1 ? 6  
HELX_P HELX_P3 3 GLU A 62  ? ASN A 64  ? GLU A 62  ASN A 64  5 ? 3  
HELX_P HELX_P4 4 LEU A 93  ? GLU A 101 ? LEU A 93  GLU A 101 1 ? 9  
HELX_P HELX_P5 5 PRO A 103 ? ALA A 106 ? PRO A 103 ALA A 106 1 ? 4  
HELX_P HELX_P6 6 SER A 118 ? ALA A 124 ? SER A 118 ALA A 124 1 ? 7  
# 
_struct_conf_type.id          HELX_P 
_struct_conf_type.criteria    ? 
_struct_conf_type.reference   ? 
# 
loop_
_struct_mon_prot_cis.pdbx_id 
_struct_mon_prot_cis.label_comp_id 
_struct_mon_prot_cis.label_seq_id 
_struct_mon_prot_cis.label_asym_id 
_struct_mon_prot_cis.label_alt_id 
_struct_mon_prot_cis.pdbx_PDB_ins_code 
_struct_mon_prot_cis.auth_comp_id 
_struct_mon_prot_cis.auth_seq_id 
_struct_mon_prot_cis.auth_asym_id 
_struct_mon_prot_cis.pdbx_label_comp_id_2 
_struct_mon_prot_cis.pdbx_label_seq_id_2 
_struct_mon_prot_cis.pdbx_label_asym_id_2 
_struct_mon_prot_cis.pdbx_PDB_ins_code_2 
_struct_mon_prot_cis.pdbx_auth_comp_id_2 
_struct_mon_prot_cis.pdbx_auth_seq_id_2 
_struct_mon_prot_cis.pdbx_auth_asym_id_2 
_struct_mon_prot_cis.pdbx_PDB_model_num 
_struct_mon_prot_cis.pdbx_omega_angle 
1 ARG 65  A . ? ARG 65  A PRO 66  A ? PRO 66  A 1 -0.09 
2 GLY 116 A . ? GLY 116 A GLY 117 A ? GLY 117 A 1 1.73  
# 
_struct_sheet.id               A 
_struct_sheet.type             ? 
_struct_sheet.number_strands   8 
_struct_sheet.details          ? 
# 
loop_
_struct_sheet_order.sheet_id 
_struct_sheet_order.range_id_1 
_struct_sheet_order.range_id_2 
_struct_sheet_order.offset 
_struct_sheet_order.sense 
A 1 2 ? anti-parallel 
A 2 3 ? anti-parallel 
A 3 4 ? parallel      
A 4 5 ? parallel      
A 5 6 ? parallel      
A 6 7 ? parallel      
A 7 8 ? parallel      
# 
loop_
_struct_sheet_range.sheet_id 
_struct_sheet_range.id 
_struct_sheet_range.beg_label_comp_id 
_struct_sheet_range.beg_label_asym_id 
_struct_sheet_range.beg_label_seq_id 
_struct_sheet_range.pdbx_beg_PDB_ins_code 
_struct_sheet_range.end_label_comp_id 
_struct_sheet_range.end_label_asym_id 
_struct_sheet_range.end_label_seq_id 
_struct_sheet_range.pdbx_end_PDB_ins_code 
_struct_sheet_range.beg_auth_comp_id 
_struct_sheet_range.beg_auth_asym_id 
_struct_sheet_range.beg_auth_seq_id 
_struct_sheet_range.end_auth_comp_id 
_struct_sheet_range.end_auth_asym_id 
_struct_sheet_range.end_auth_seq_id 
A 1 GLN A 170 ? GLU A 172 ? GLN A 170 GLU A 172 
A 2 ILE A 175 ? ASN A 185 ? ILE A 175 ASN A 185 
A 3 HIS A 130 ? ILE A 138 ? HIS A 130 ILE A 138 
A 4 LEU A 4   ? VAL A 10  ? LEU A 4   VAL A 10  
A 5 VAL A 112 ? ILE A 114 ? VAL A 112 ILE A 114 
A 6 LEU A 49  ? GLY A 53  ? LEU A 49  GLY A 53  
A 7 ILE A 71  ? LEU A 75  ? ILE A 71  LEU A 75  
A 8 PHE A 88  ? SER A 90  ? PHE A 88  SER A 90  
# 
loop_
_pdbx_struct_sheet_hbond.sheet_id 
_pdbx_struct_sheet_hbond.range_id_1 
_pdbx_struct_sheet_hbond.range_id_2 
_pdbx_struct_sheet_hbond.range_1_label_atom_id 
_pdbx_struct_sheet_hbond.range_1_label_comp_id 
_pdbx_struct_sheet_hbond.range_1_label_asym_id 
_pdbx_struct_sheet_hbond.range_1_label_seq_id 
_pdbx_struct_sheet_hbond.range_1_PDB_ins_code 
_pdbx_struct_sheet_hbond.range_1_auth_atom_id 
_pdbx_struct_sheet_hbond.range_1_auth_comp_id 
_pdbx_struct_sheet_hbond.range_1_auth_asym_id 
_pdbx_struct_sheet_hbond.range_1_auth_seq_id 
_pdbx_struct_sheet_hbond.range_2_label_atom_id 
_pdbx_struct_sheet_hbond.range_2_label_comp_id 
_pdbx_struct_sheet_hbond.range_2_label_asym_id 
_pdbx_struct_sheet_hbond.range_2_label_seq_id 
_pdbx_struct_sheet_hbond.range_2_PDB_ins_code 
_pdbx_struct_sheet_hbond.range_2_auth_atom_id 
_pdbx_struct_sheet_hbond.range_2_auth_comp_id 
_pdbx_struct_sheet_hbond.range_2_auth_asym_id 
_pdbx_struct_sheet_hbond.range_2_auth_seq_id 
A 1 2 O GLN A 170 ? O GLN A 170 N TYR A 177 ? N TYR A 177 
A 2 3 O LYS A 178 ? O LYS A 178 N ARG A 137 ? N ARG A 137 
A 3 4 O LYS A 132 ? O LYS A 132 N CYS A 6   ? N CYS A 6   
A 4 5 O ASN A 5   ? O ASN A 5   N VAL A 112 ? N VAL A 112 
A 5 6 O TRP A 113 ? O TRP A 113 N LEU A 49  ? N LEU A 49  
A 6 7 O VAL A 50  ? O VAL A 50  N ILE A 71  ? N ILE A 71  
A 7 8 O VAL A 74  ? O VAL A 74  N PHE A 88  ? N PHE A 88  
# 
loop_
_struct_site.id 
_struct_site.pdbx_evidence_code 
_struct_site.pdbx_auth_asym_id 
_struct_site.pdbx_auth_comp_id 
_struct_site.pdbx_auth_seq_id 
_struct_site.pdbx_auth_ins_code 
_struct_site.pdbx_num_residues 
_struct_site.details 
AC1 Software A NDP 187 ? 26 'BINDING SITE FOR RESIDUE NDP A 187' 
AC2 Software A COP 188 ? 17 'BINDING SITE FOR RESIDUE COP A 188' 
# 
loop_
_struct_site_gen.id 
_struct_site_gen.site_id 
_struct_site_gen.pdbx_num_res 
_struct_site_gen.label_comp_id 
_struct_site_gen.label_asym_id 
_struct_site_gen.label_seq_id 
_struct_site_gen.pdbx_auth_ins_code 
_struct_site_gen.auth_comp_id 
_struct_site_gen.auth_asym_id 
_struct_site_gen.auth_seq_id 
_struct_site_gen.label_atom_id 
_struct_site_gen.label_alt_id 
_struct_site_gen.symmetry 
_struct_site_gen.details 
1  AC1 26 VAL A 8   ? VAL A 8   . ? 1_555 ? 
2  AC1 26 ALA A 9   ? ALA A 9   . ? 1_555 ? 
3  AC1 26 ILE A 16  ? ILE A 16  . ? 1_555 ? 
4  AC1 26 GLY A 17  ? GLY A 17  . ? 1_555 ? 
5  AC1 26 LYS A 18  ? LYS A 18  . ? 1_555 ? 
6  AC1 26 GLY A 20  ? GLY A 20  . ? 1_555 ? 
7  AC1 26 ASP A 21  ? ASP A 21  . ? 1_555 ? 
8  AC1 26 TRP A 24  ? TRP A 24  . ? 1_555 ? 
9  AC1 26 GLY A 53  ? GLY A 53  . ? 1_555 ? 
10 AC1 26 LYS A 54  ? LYS A 54  . ? 1_555 ? 
11 AC1 26 LYS A 55  ? LYS A 55  . ? 1_555 ? 
12 AC1 26 THR A 56  ? THR A 56  . ? 1_555 ? 
13 AC1 26 SER A 59  ? SER A 59  . ? 1_555 ? 
14 AC1 26 LEU A 75  ? LEU A 75  . ? 1_555 ? 
15 AC1 26 SER A 76  ? SER A 76  . ? 1_555 ? 
16 AC1 26 ARG A 77  ? ARG A 77  . ? 1_555 ? 
17 AC1 26 ARG A 91  ? ARG A 91  . ? 1_555 ? 
18 AC1 26 VAL A 115 ? VAL A 115 . ? 1_555 ? 
19 AC1 26 GLY A 117 ? GLY A 117 . ? 1_555 ? 
20 AC1 26 SER A 118 ? SER A 118 . ? 1_555 ? 
21 AC1 26 SER A 119 ? SER A 119 . ? 1_555 ? 
22 AC1 26 VAL A 120 ? VAL A 120 . ? 1_555 ? 
23 AC1 26 TYR A 121 ? TYR A 121 . ? 1_555 ? 
24 AC1 26 GLU A 123 ? GLU A 123 . ? 1_555 ? 
25 AC1 26 THR A 146 ? THR A 146 . ? 1_555 ? 
26 AC1 26 COP C .   ? COP A 188 . ? 1_555 ? 
27 AC2 17 ILE A 7   ? ILE A 7   . ? 1_555 ? 
28 AC2 17 VAL A 8   ? VAL A 8   . ? 1_555 ? 
29 AC2 17 ALA A 9   ? ALA A 9   . ? 1_555 ? 
30 AC2 17 LEU A 22  ? LEU A 22  . ? 1_555 ? 
31 AC2 17 ARG A 28  ? ARG A 28  . ? 1_555 ? 
32 AC2 17 GLU A 30  ? GLU A 30  . ? 1_555 ? 
33 AC2 17 PHE A 31  ? PHE A 31  . ? 1_555 ? 
34 AC2 17 ARG A 32  ? ARG A 32  . ? 1_555 ? 
35 AC2 17 PHE A 34  ? PHE A 34  . ? 1_555 ? 
36 AC2 17 GLN A 35  ? GLN A 35  . ? 1_555 ? 
37 AC2 17 LYS A 63  ? LYS A 63  . ? 1_555 ? 
38 AC2 17 ASN A 64  ? ASN A 64  . ? 1_555 ? 
39 AC2 17 ARG A 70  ? ARG A 70  . ? 1_555 ? 
40 AC2 17 VAL A 115 ? VAL A 115 . ? 1_555 ? 
41 AC2 17 TYR A 121 ? TYR A 121 . ? 1_555 ? 
42 AC2 17 THR A 136 ? THR A 136 . ? 1_555 ? 
43 AC2 17 NDP B .   ? NDP A 187 . ? 1_555 ? 
# 
loop_
_pdbx_validate_close_contact.id 
_pdbx_validate_close_contact.PDB_model_num 
_pdbx_validate_close_contact.auth_atom_id_1 
_pdbx_validate_close_contact.auth_asym_id_1 
_pdbx_validate_close_contact.auth_comp_id_1 
_pdbx_validate_close_contact.auth_seq_id_1 
_pdbx_validate_close_contact.PDB_ins_code_1 
_pdbx_validate_close_contact.label_alt_id_1 
_pdbx_validate_close_contact.auth_atom_id_2 
_pdbx_validate_close_contact.auth_asym_id_2 
_pdbx_validate_close_contact.auth_comp_id_2 
_pdbx_validate_close_contact.auth_seq_id_2 
_pdbx_validate_close_contact.PDB_ins_code_2 
_pdbx_validate_close_contact.label_alt_id_2 
_pdbx_validate_close_contact.dist 
1 1 O   A THR 56  ? ? OG  A SER 59  ? ? 1.93 
2 1 O   A HIS 127 ? ? NZ  A LYS 184 ? ? 2.08 
3 1 CD  A ARG 28  ? ? O40 A COP 188 ? A 2.10 
4 1 O   A VAL 115 ? ? OH  A TYR 121 ? ? 2.11 
5 1 OG  A SER 11  ? ? OD1 A ASN 13  ? ? 2.14 
6 1 NH2 A ARG 36  ? ? O   A GLY 164 ? ? 2.14 
7 1 OE1 A GLU 180 ? ? OH  A TYR 182 ? ? 2.15 
8 1 NZ  A LYS 132 ? ? OH  A TYR 162 ? ? 2.16 
# 
loop_
_pdbx_validate_symm_contact.id 
_pdbx_validate_symm_contact.PDB_model_num 
_pdbx_validate_symm_contact.auth_atom_id_1 
_pdbx_validate_symm_contact.auth_asym_id_1 
_pdbx_validate_symm_contact.auth_comp_id_1 
_pdbx_validate_symm_contact.auth_seq_id_1 
_pdbx_validate_symm_contact.PDB_ins_code_1 
_pdbx_validate_symm_contact.label_alt_id_1 
_pdbx_validate_symm_contact.site_symmetry_1 
_pdbx_validate_symm_contact.auth_atom_id_2 
_pdbx_validate_symm_contact.auth_asym_id_2 
_pdbx_validate_symm_contact.auth_comp_id_2 
_pdbx_validate_symm_contact.auth_seq_id_2 
_pdbx_validate_symm_contact.PDB_ins_code_2 
_pdbx_validate_symm_contact.label_alt_id_2 
_pdbx_validate_symm_contact.site_symmetry_2 
_pdbx_validate_symm_contact.dist 
1 1 O  A HOH 195 ? ? 1_555 O A HOH 201 ? ? 2_555 1.65 
2 1 NZ A LYS 157 ? ? 1_555 O A HOH 194 ? ? 2_554 1.68 
3 1 O  A HOH 196 ? ? 1_555 O A HOH 202 ? ? 2_555 1.76 
4 1 CD A LYS 157 ? ? 1_555 O A HOH 194 ? ? 2_554 1.96 
5 1 CE A LYS 157 ? ? 1_555 O A HOH 194 ? ? 2_554 1.99 
# 
loop_
_pdbx_validate_rmsd_angle.id 
_pdbx_validate_rmsd_angle.PDB_model_num 
_pdbx_validate_rmsd_angle.auth_atom_id_1 
_pdbx_validate_rmsd_angle.auth_asym_id_1 
_pdbx_validate_rmsd_angle.auth_comp_id_1 
_pdbx_validate_rmsd_angle.auth_seq_id_1 
_pdbx_validate_rmsd_angle.PDB_ins_code_1 
_pdbx_validate_rmsd_angle.label_alt_id_1 
_pdbx_validate_rmsd_angle.auth_atom_id_2 
_pdbx_validate_rmsd_angle.auth_asym_id_2 
_pdbx_validate_rmsd_angle.auth_comp_id_2 
_pdbx_validate_rmsd_angle.auth_seq_id_2 
_pdbx_validate_rmsd_angle.PDB_ins_code_2 
_pdbx_validate_rmsd_angle.label_alt_id_2 
_pdbx_validate_rmsd_angle.auth_atom_id_3 
_pdbx_validate_rmsd_angle.auth_asym_id_3 
_pdbx_validate_rmsd_angle.auth_comp_id_3 
_pdbx_validate_rmsd_angle.auth_seq_id_3 
_pdbx_validate_rmsd_angle.PDB_ins_code_3 
_pdbx_validate_rmsd_angle.label_alt_id_3 
_pdbx_validate_rmsd_angle.angle_value 
_pdbx_validate_rmsd_angle.angle_target_value 
_pdbx_validate_rmsd_angle.angle_deviation 
_pdbx_validate_rmsd_angle.angle_standard_deviation 
_pdbx_validate_rmsd_angle.linker_flag 
1  1 N   A CYS 6   ? ? CA  A CYS 6   ? ? CB  A CYS 6   ? ? 120.37 110.80 9.57   1.50 N 
2  1 CA  A CYS 6   ? ? CB  A CYS 6   ? ? SG  A CYS 6   ? ? 121.02 114.20 6.82   1.10 N 
3  1 CA  A VAL 8   ? ? CB  A VAL 8   ? ? CG1 A VAL 8   ? ? 122.09 110.90 11.19  1.50 N 
4  1 N   A ALA 9   ? ? CA  A ALA 9   ? ? CB  A ALA 9   ? ? 119.08 110.10 8.98   1.40 N 
5  1 CB  A VAL 10  ? ? CA  A VAL 10  ? ? C   A VAL 10  ? ? 128.56 111.40 17.16  1.90 N 
6  1 CA  A VAL 10  ? ? CB  A VAL 10  ? ? CG1 A VAL 10  ? ? 120.79 110.90 9.89   1.50 N 
7  1 CB  A LYS 18  ? ? CA  A LYS 18  ? ? C   A LYS 18  ? ? 96.42  110.40 -13.98 2.00 N 
8  1 CB  A ASP 21  ? ? CG  A ASP 21  ? ? OD1 A ASP 21  ? ? 112.67 118.30 -5.63  0.90 N 
9  1 CA  A LEU 22  ? ? CB  A LEU 22  ? ? CG  A LEU 22  ? ? 136.77 115.30 21.47  2.30 N 
10 1 NE  A ARG 28  ? ? CZ  A ARG 28  ? ? NH1 A ARG 28  ? ? 128.41 120.30 8.11   0.50 N 
11 1 NE  A ARG 28  ? ? CZ  A ARG 28  ? ? NH2 A ARG 28  ? ? 111.87 120.30 -8.43  0.50 N 
12 1 CA  A ARG 28  ? ? C   A ARG 28  ? ? O   A ARG 28  ? ? 106.47 120.10 -13.63 2.10 N 
13 1 OE1 A GLU 30  ? ? CD  A GLU 30  ? ? OE2 A GLU 30  ? ? 115.22 123.30 -8.08  1.20 N 
14 1 NE  A ARG 32  ? ? CZ  A ARG 32  ? ? NH2 A ARG 32  ? ? 117.19 120.30 -3.11  0.50 N 
15 1 CB  A TYR 33  ? ? CG  A TYR 33  ? ? CD2 A TYR 33  ? ? 115.59 121.00 -5.41  0.60 N 
16 1 CD  A ARG 36  ? ? NE  A ARG 36  ? ? CZ  A ARG 36  ? ? 143.57 123.60 19.97  1.40 N 
17 1 NH1 A ARG 36  ? ? CZ  A ARG 36  ? ? NH2 A ARG 36  ? ? 112.72 119.40 -6.68  1.10 N 
18 1 NE  A ARG 36  ? ? CZ  A ARG 36  ? ? NH1 A ARG 36  ? ? 123.50 120.30 3.20   0.50 N 
19 1 NE  A ARG 36  ? ? CZ  A ARG 36  ? ? NH2 A ARG 36  ? ? 123.75 120.30 3.45   0.50 N 
20 1 CG  A MET 37  ? ? SD  A MET 37  ? ? CE  A MET 37  ? ? 89.35  100.20 -10.85 1.60 N 
21 1 CB  A VAL 43  ? ? CA  A VAL 43  ? ? C   A VAL 43  ? ? 124.83 111.40 13.43  1.90 N 
22 1 CB  A GLU 44  ? ? CA  A GLU 44  ? ? C   A GLU 44  ? ? 97.70  110.40 -12.70 2.00 N 
23 1 OE1 A GLU 44  ? ? CD  A GLU 44  ? ? OE2 A GLU 44  ? ? 131.12 123.30 7.82   1.20 N 
24 1 CA  A GLU 44  ? ? C   A GLU 44  ? ? O   A GLU 44  ? ? 103.91 120.10 -16.19 2.10 N 
25 1 O   A GLU 44  ? ? C   A GLU 44  ? ? N   A GLY 45  ? ? 147.78 123.20 24.58  1.70 Y 
26 1 C   A GLU 44  ? ? N   A GLY 45  ? ? CA  A GLY 45  ? ? 106.54 122.30 -15.76 2.10 Y 
27 1 CB  A LEU 49  ? ? CA  A LEU 49  ? ? C   A LEU 49  ? ? 122.30 110.20 12.10  1.90 N 
28 1 O   A ILE 51  ? ? C   A ILE 51  ? ? N   A MET 52  ? ? 133.09 122.70 10.39  1.60 Y 
29 1 CB  A LYS 54  ? ? CG  A LYS 54  ? ? CD  A LYS 54  ? ? 135.63 111.60 24.03  2.60 N 
30 1 C   A PHE 58  ? ? N   A SER 59  ? ? CA  A SER 59  ? ? 141.50 121.70 19.80  2.50 Y 
31 1 CB  A SER 59  ? ? CA  A SER 59  ? ? C   A SER 59  ? ? 95.13  110.10 -14.97 1.90 N 
32 1 CB  A ILE 60  ? ? CG1 A ILE 60  ? ? CD1 A ILE 60  ? ? 133.52 113.90 19.62  2.80 N 
33 1 O   A GLU 62  ? ? C   A GLU 62  ? ? N   A LYS 63  ? ? 113.00 122.70 -9.70  1.60 Y 
34 1 C   A GLU 62  ? ? N   A LYS 63  ? ? CA  A LYS 63  ? ? 140.46 121.70 18.76  2.50 Y 
35 1 OD1 A ASN 64  ? ? CG  A ASN 64  ? ? ND2 A ASN 64  ? ? 143.58 121.90 21.68  2.30 N 
36 1 CB  A ASN 64  ? ? CG  A ASN 64  ? ? OD1 A ASN 64  ? ? 103.90 121.60 -17.70 2.00 N 
37 1 NE  A ARG 65  ? ? CZ  A ARG 65  ? ? NH1 A ARG 65  ? ? 125.52 120.30 5.22   0.50 N 
38 1 N   A ARG 70  ? ? CA  A ARG 70  ? ? CB  A ARG 70  ? ? 99.28  110.60 -11.32 1.80 N 
39 1 NH1 A ARG 70  ? ? CZ  A ARG 70  ? ? NH2 A ARG 70  ? ? 126.34 119.40 6.94   1.10 N 
40 1 NE  A ARG 70  ? ? CZ  A ARG 70  ? ? NH2 A ARG 70  ? ? 114.92 120.30 -5.38  0.50 N 
41 1 CB  A LEU 73  ? ? CA  A LEU 73  ? ? C   A LEU 73  ? ? 126.97 110.20 16.77  1.90 N 
42 1 O   A SER 76  ? ? C   A SER 76  ? ? N   A ARG 77  ? ? 138.17 122.70 15.47  1.60 Y 
43 1 CA  A GLU 81  ? ? CB  A GLU 81  ? ? CG  A GLU 81  ? ? 127.16 113.40 13.76  2.20 N 
44 1 OE1 A GLU 81  ? ? CD  A GLU 81  ? ? OE2 A GLU 81  ? ? 112.97 123.30 -10.33 1.20 N 
45 1 N   A PHE 88  ? ? CA  A PHE 88  ? ? CB  A PHE 88  ? ? 123.12 110.60 12.52  1.80 N 
46 1 O   A PHE 88  ? ? C   A PHE 88  ? ? N   A LEU 89  ? ? 134.83 122.70 12.13  1.60 Y 
47 1 O   A LEU 89  ? ? C   A LEU 89  ? ? N   A SER 90  ? ? 135.16 122.70 12.46  1.60 Y 
48 1 CD  A ARG 91  ? ? NE  A ARG 91  ? ? CZ  A ARG 91  ? ? 109.58 123.60 -14.02 1.40 N 
49 1 CB  A ASP 94  ? ? CG  A ASP 94  ? ? OD1 A ASP 94  ? ? 112.20 118.30 -6.10  0.90 N 
50 1 CG  A MET 111 ? ? SD  A MET 111 ? ? CE  A MET 111 ? ? 110.23 100.20 10.03  1.60 N 
51 1 C   A GLY 116 ? ? N   A GLY 117 ? ? CA  A GLY 117 ? ? 135.10 122.30 12.80  2.10 Y 
52 1 CB  A SER 119 ? ? CA  A SER 119 ? ? C   A SER 119 ? ? 121.65 110.10 11.55  1.90 N 
53 1 CA  A GLU 123 ? ? CB  A GLU 123 ? ? CG  A GLU 123 ? ? 134.08 113.40 20.68  2.20 N 
54 1 C   A GLU 123 ? ? N   A ALA 124 ? ? CA  A ALA 124 ? ? 137.40 121.70 15.70  2.50 Y 
55 1 CB  A ASN 126 ? ? CA  A ASN 126 ? ? C   A ASN 126 ? ? 123.60 110.40 13.20  2.00 N 
56 1 CA  A HIS 130 ? ? CB  A HIS 130 ? ? CG  A HIS 130 ? ? 97.64  113.60 -15.96 1.70 N 
57 1 CD  A ARG 137 ? ? NE  A ARG 137 ? ? CZ  A ARG 137 ? ? 135.90 123.60 12.30  1.40 N 
58 1 NE  A ARG 137 ? ? CZ  A ARG 137 ? ? NH1 A ARG 137 ? ? 126.81 120.30 6.51   0.50 N 
59 1 NE  A ARG 137 ? ? CZ  A ARG 137 ? ? NH2 A ARG 137 ? ? 112.84 120.30 -7.46  0.50 N 
60 1 CA  A GLU 143 ? ? CB  A GLU 143 ? ? CG  A GLU 143 ? ? 133.42 113.40 20.02  2.20 N 
61 1 OD1 A ASP 145 ? ? CG  A ASP 145 ? ? OD2 A ASP 145 ? ? 106.68 123.30 -16.62 1.90 N 
62 1 CB  A ASP 145 ? ? CG  A ASP 145 ? ? OD1 A ASP 145 ? ? 126.36 118.30 8.06   0.90 N 
63 1 CB  A ASP 145 ? ? CG  A ASP 145 ? ? OD2 A ASP 145 ? ? 126.96 118.30 8.66   0.90 N 
64 1 CG  A GLU 150 ? ? CD  A GLU 150 ? ? OE1 A GLU 150 ? ? 104.80 118.30 -13.50 2.00 N 
65 1 CB  A LEU 153 ? ? CG  A LEU 153 ? ? CD2 A LEU 153 ? ? 98.60  111.00 -12.40 1.70 N 
66 1 O   A TYR 156 ? ? C   A TYR 156 ? ? N   A LYS 157 ? ? 132.57 122.70 9.87   1.60 Y 
67 1 CA  A LEU 158 ? ? CB  A LEU 158 ? ? CG  A LEU 158 ? ? 129.97 115.30 14.67  2.30 N 
68 1 CB  A LEU 158 ? ? CG  A LEU 158 ? ? CD1 A LEU 158 ? ? 121.28 111.00 10.28  1.70 N 
69 1 N   A TYR 162 ? ? CA  A TYR 162 ? ? CB  A TYR 162 ? ? 122.59 110.60 11.99  1.80 N 
70 1 CB  A TYR 162 ? ? CG  A TYR 162 ? ? CD2 A TYR 162 ? ? 125.01 121.00 4.01   0.60 N 
71 1 CA  A GLY 164 ? ? C   A GLY 164 ? ? N   A VAL 165 ? ? 97.10  117.20 -20.10 2.20 Y 
72 1 O   A GLY 164 ? ? C   A GLY 164 ? ? N   A VAL 165 ? ? 137.29 122.70 14.59  1.60 Y 
73 1 C   A GLY 164 ? ? N   A VAL 165 ? ? CA  A VAL 165 ? ? 98.24  121.70 -23.46 2.50 Y 
74 1 CB  A ASP 168 ? ? CG  A ASP 168 ? ? OD1 A ASP 168 ? ? 107.12 118.30 -11.18 0.90 N 
75 1 CB  A ASP 168 ? ? CG  A ASP 168 ? ? OD2 A ASP 168 ? ? 129.29 118.30 10.99  0.90 N 
76 1 OE1 A GLU 172 ? ? CD  A GLU 172 ? ? OE2 A GLU 172 ? ? 131.12 123.30 7.82   1.20 N 
77 1 CG  A GLU 172 ? ? CD  A GLU 172 ? ? OE2 A GLU 172 ? ? 105.58 118.30 -12.72 2.00 N 
78 1 O   A GLU 172 ? ? C   A GLU 172 ? ? N   A LYS 173 ? ? 136.81 122.70 14.11  1.60 Y 
79 1 CA  A LYS 176 ? ? CB  A LYS 176 ? ? CG  A LYS 176 ? ? 130.20 113.40 16.80  2.20 N 
80 1 CG1 A VAL 181 ? ? CB  A VAL 181 ? ? CG2 A VAL 181 ? ? 121.39 110.90 10.49  1.60 N 
81 1 OE1 A GLU 183 ? ? CD  A GLU 183 ? ? OE2 A GLU 183 ? ? 130.61 123.30 7.31   1.20 N 
82 1 O   A GLU 183 ? ? C   A GLU 183 ? ? N   A LYS 184 ? ? 132.99 122.70 10.29  1.60 Y 
83 1 N   A ASN 185 ? ? CA  A ASN 185 ? ? CB  A ASN 185 ? ? 121.61 110.60 11.01  1.80 N 
84 1 O   A ASN 185 ? ? C   A ASN 185 ? ? N   A ASP 186 ? ? 133.36 122.70 10.66  1.60 Y 
# 
loop_
_pdbx_validate_torsion.id 
_pdbx_validate_torsion.PDB_model_num 
_pdbx_validate_torsion.auth_comp_id 
_pdbx_validate_torsion.auth_asym_id 
_pdbx_validate_torsion.auth_seq_id 
_pdbx_validate_torsion.PDB_ins_code 
_pdbx_validate_torsion.label_alt_id 
_pdbx_validate_torsion.phi 
_pdbx_validate_torsion.psi 
1  1 LYS A 18  ? ? -169.58 98.96  
2  1 ASN A 19  ? ? 56.02   73.88  
3  1 THR A 40  ? ? -41.82  103.63 
4  1 PRO A 61  ? ? -38.96  140.86 
5  1 GLN A 102 ? ? -48.93  152.21 
6  1 PRO A 103 ? ? -24.08  -53.00 
7  1 ASP A 110 ? ? -108.29 -68.05 
8  1 ALA A 124 ? ? -37.90  -77.11 
9  1 ASN A 126 ? ? -71.70  35.81  
10 1 MET A 139 ? ? -95.98  54.46  
11 1 ASP A 152 ? ? -58.76  93.57  
12 1 LEU A 153 ? ? -78.72  23.01  
13 1 PRO A 163 ? ? -54.57  100.36 
14 1 LYS A 184 ? ? -173.50 139.27 
# 
loop_
_chem_comp_atom.comp_id 
_chem_comp_atom.atom_id 
_chem_comp_atom.type_symbol 
_chem_comp_atom.pdbx_aromatic_flag 
_chem_comp_atom.pdbx_stereo_config 
_chem_comp_atom.pdbx_ordinal 
ALA N    N N N 1   
ALA CA   C N S 2   
ALA C    C N N 3   
ALA O    O N N 4   
ALA CB   C N N 5   
ALA OXT  O N N 6   
ALA H    H N N 7   
ALA H2   H N N 8   
ALA HA   H N N 9   
ALA HB1  H N N 10  
ALA HB2  H N N 11  
ALA HB3  H N N 12  
ALA HXT  H N N 13  
ARG N    N N N 14  
ARG CA   C N S 15  
ARG C    C N N 16  
ARG O    O N N 17  
ARG CB   C N N 18  
ARG CG   C N N 19  
ARG CD   C N N 20  
ARG NE   N N N 21  
ARG CZ   C N N 22  
ARG NH1  N N N 23  
ARG NH2  N N N 24  
ARG OXT  O N N 25  
ARG H    H N N 26  
ARG H2   H N N 27  
ARG HA   H N N 28  
ARG HB2  H N N 29  
ARG HB3  H N N 30  
ARG HG2  H N N 31  
ARG HG3  H N N 32  
ARG HD2  H N N 33  
ARG HD3  H N N 34  
ARG HE   H N N 35  
ARG HH11 H N N 36  
ARG HH12 H N N 37  
ARG HH21 H N N 38  
ARG HH22 H N N 39  
ARG HXT  H N N 40  
ASN N    N N N 41  
ASN CA   C N S 42  
ASN C    C N N 43  
ASN O    O N N 44  
ASN CB   C N N 45  
ASN CG   C N N 46  
ASN OD1  O N N 47  
ASN ND2  N N N 48  
ASN OXT  O N N 49  
ASN H    H N N 50  
ASN H2   H N N 51  
ASN HA   H N N 52  
ASN HB2  H N N 53  
ASN HB3  H N N 54  
ASN HD21 H N N 55  
ASN HD22 H N N 56  
ASN HXT  H N N 57  
ASP N    N N N 58  
ASP CA   C N S 59  
ASP C    C N N 60  
ASP O    O N N 61  
ASP CB   C N N 62  
ASP CG   C N N 63  
ASP OD1  O N N 64  
ASP OD2  O N N 65  
ASP OXT  O N N 66  
ASP H    H N N 67  
ASP H2   H N N 68  
ASP HA   H N N 69  
ASP HB2  H N N 70  
ASP HB3  H N N 71  
ASP HD2  H N N 72  
ASP HXT  H N N 73  
COP C3   C Y N 74  
COP C1   C Y N 75  
COP C10  C Y N 76  
COP C8   C Y N 77  
COP C7   C Y N 78  
COP C5   C Y N 79  
COP C11  C N N 80  
COP C13  C Y N 81  
COP C18  C Y N 82  
COP C17  C Y N 83  
COP C16  C Y N 84  
COP C15  C Y N 85  
COP C14  C Y N 86  
COP C19  C N N 87  
COP C21  C N S 88  
COP C24  C N N 89  
COP C27  C N N 90  
COP C28  C N N 91  
COP C29  C N N 92  
COP N4   N Y N 93  
COP N3   N N N 94  
COP N2   N Y N 95  
COP N1   N N N 96  
COP N9   N Y N 97  
COP N6   N Y N 98  
COP N12  N N N 99  
COP N20  N N N 100 
COP O19  O N N 101 
COP O24  O N N 102 
COP O25  O N N 103 
COP N30  N N N 104 
COP C31  C N N 105 
COP O32  O N N 106 
COP C33  C Y N 107 
COP C38  C Y N 108 
COP C37  C Y N 109 
COP C36  C Y N 110 
COP C35  C Y N 111 
COP C34  C Y N 112 
COP C39  C N N 113 
COP O40  O N N 114 
COP O41  O N N 115 
COP H7   H N N 116 
COP H111 H N N 117 
COP H112 H N N 118 
COP H18  H N N 119 
COP H17  H N N 120 
COP H15  H N N 121 
COP H14  H N N 122 
COP H21  H N N 123 
COP H271 H N N 124 
COP H272 H N N 125 
COP H281 H N N 126 
COP H282 H N N 127 
COP H291 H N N 128 
COP H292 H N N 129 
COP HN31 H N N 130 
COP HN32 H N N 131 
COP HN11 H N N 132 
COP HN12 H N N 133 
COP HN2  H N N 134 
COP HN0  H N N 135 
COP HO5  H N N 136 
COP HN3  H N N 137 
COP H37  H N N 138 
COP H36  H N N 139 
COP H35  H N N 140 
COP H34  H N N 141 
COP HO1  H N N 142 
CYS N    N N N 143 
CYS CA   C N R 144 
CYS C    C N N 145 
CYS O    O N N 146 
CYS CB   C N N 147 
CYS SG   S N N 148 
CYS OXT  O N N 149 
CYS H    H N N 150 
CYS H2   H N N 151 
CYS HA   H N N 152 
CYS HB2  H N N 153 
CYS HB3  H N N 154 
CYS HG   H N N 155 
CYS HXT  H N N 156 
GLN N    N N N 157 
GLN CA   C N S 158 
GLN C    C N N 159 
GLN O    O N N 160 
GLN CB   C N N 161 
GLN CG   C N N 162 
GLN CD   C N N 163 
GLN OE1  O N N 164 
GLN NE2  N N N 165 
GLN OXT  O N N 166 
GLN H    H N N 167 
GLN H2   H N N 168 
GLN HA   H N N 169 
GLN HB2  H N N 170 
GLN HB3  H N N 171 
GLN HG2  H N N 172 
GLN HG3  H N N 173 
GLN HE21 H N N 174 
GLN HE22 H N N 175 
GLN HXT  H N N 176 
GLU N    N N N 177 
GLU CA   C N S 178 
GLU C    C N N 179 
GLU O    O N N 180 
GLU CB   C N N 181 
GLU CG   C N N 182 
GLU CD   C N N 183 
GLU OE1  O N N 184 
GLU OE2  O N N 185 
GLU OXT  O N N 186 
GLU H    H N N 187 
GLU H2   H N N 188 
GLU HA   H N N 189 
GLU HB2  H N N 190 
GLU HB3  H N N 191 
GLU HG2  H N N 192 
GLU HG3  H N N 193 
GLU HE2  H N N 194 
GLU HXT  H N N 195 
GLY N    N N N 196 
GLY CA   C N N 197 
GLY C    C N N 198 
GLY O    O N N 199 
GLY OXT  O N N 200 
GLY H    H N N 201 
GLY H2   H N N 202 
GLY HA2  H N N 203 
GLY HA3  H N N 204 
GLY HXT  H N N 205 
HIS N    N N N 206 
HIS CA   C N S 207 
HIS C    C N N 208 
HIS O    O N N 209 
HIS CB   C N N 210 
HIS CG   C Y N 211 
HIS ND1  N Y N 212 
HIS CD2  C Y N 213 
HIS CE1  C Y N 214 
HIS NE2  N Y N 215 
HIS OXT  O N N 216 
HIS H    H N N 217 
HIS H2   H N N 218 
HIS HA   H N N 219 
HIS HB2  H N N 220 
HIS HB3  H N N 221 
HIS HD1  H N N 222 
HIS HD2  H N N 223 
HIS HE1  H N N 224 
HIS HE2  H N N 225 
HIS HXT  H N N 226 
HOH O    O N N 227 
HOH H1   H N N 228 
HOH H2   H N N 229 
ILE N    N N N 230 
ILE CA   C N S 231 
ILE C    C N N 232 
ILE O    O N N 233 
ILE CB   C N S 234 
ILE CG1  C N N 235 
ILE CG2  C N N 236 
ILE CD1  C N N 237 
ILE OXT  O N N 238 
ILE H    H N N 239 
ILE H2   H N N 240 
ILE HA   H N N 241 
ILE HB   H N N 242 
ILE HG12 H N N 243 
ILE HG13 H N N 244 
ILE HG21 H N N 245 
ILE HG22 H N N 246 
ILE HG23 H N N 247 
ILE HD11 H N N 248 
ILE HD12 H N N 249 
ILE HD13 H N N 250 
ILE HXT  H N N 251 
LEU N    N N N 252 
LEU CA   C N S 253 
LEU C    C N N 254 
LEU O    O N N 255 
LEU CB   C N N 256 
LEU CG   C N N 257 
LEU CD1  C N N 258 
LEU CD2  C N N 259 
LEU OXT  O N N 260 
LEU H    H N N 261 
LEU H2   H N N 262 
LEU HA   H N N 263 
LEU HB2  H N N 264 
LEU HB3  H N N 265 
LEU HG   H N N 266 
LEU HD11 H N N 267 
LEU HD12 H N N 268 
LEU HD13 H N N 269 
LEU HD21 H N N 270 
LEU HD22 H N N 271 
LEU HD23 H N N 272 
LEU HXT  H N N 273 
LYS N    N N N 274 
LYS CA   C N S 275 
LYS C    C N N 276 
LYS O    O N N 277 
LYS CB   C N N 278 
LYS CG   C N N 279 
LYS CD   C N N 280 
LYS CE   C N N 281 
LYS NZ   N N N 282 
LYS OXT  O N N 283 
LYS H    H N N 284 
LYS H2   H N N 285 
LYS HA   H N N 286 
LYS HB2  H N N 287 
LYS HB3  H N N 288 
LYS HG2  H N N 289 
LYS HG3  H N N 290 
LYS HD2  H N N 291 
LYS HD3  H N N 292 
LYS HE2  H N N 293 
LYS HE3  H N N 294 
LYS HZ1  H N N 295 
LYS HZ2  H N N 296 
LYS HZ3  H N N 297 
LYS HXT  H N N 298 
MET N    N N N 299 
MET CA   C N S 300 
MET C    C N N 301 
MET O    O N N 302 
MET CB   C N N 303 
MET CG   C N N 304 
MET SD   S N N 305 
MET CE   C N N 306 
MET OXT  O N N 307 
MET H    H N N 308 
MET H2   H N N 309 
MET HA   H N N 310 
MET HB2  H N N 311 
MET HB3  H N N 312 
MET HG2  H N N 313 
MET HG3  H N N 314 
MET HE1  H N N 315 
MET HE2  H N N 316 
MET HE3  H N N 317 
MET HXT  H N N 318 
NDP PA   P N S 319 
NDP O1A  O N N 320 
NDP O2A  O N N 321 
NDP O5B  O N N 322 
NDP C5B  C N N 323 
NDP C4B  C N R 324 
NDP O4B  O N N 325 
NDP C3B  C N R 326 
NDP O3B  O N N 327 
NDP C2B  C N R 328 
NDP O2B  O N N 329 
NDP C1B  C N R 330 
NDP N9A  N Y N 331 
NDP C8A  C Y N 332 
NDP N7A  N Y N 333 
NDP C5A  C Y N 334 
NDP C6A  C Y N 335 
NDP N6A  N N N 336 
NDP N1A  N Y N 337 
NDP C2A  C Y N 338 
NDP N3A  N Y N 339 
NDP C4A  C Y N 340 
NDP O3   O N N 341 
NDP PN   P N S 342 
NDP O1N  O N N 343 
NDP O2N  O N N 344 
NDP O5D  O N N 345 
NDP C5D  C N N 346 
NDP C4D  C N R 347 
NDP O4D  O N N 348 
NDP C3D  C N S 349 
NDP O3D  O N N 350 
NDP C2D  C N R 351 
NDP O2D  O N N 352 
NDP C1D  C N R 353 
NDP N1N  N N N 354 
NDP C2N  C N N 355 
NDP C3N  C N N 356 
NDP C7N  C N N 357 
NDP O7N  O N N 358 
NDP N7N  N N N 359 
NDP C4N  C N N 360 
NDP C5N  C N N 361 
NDP C6N  C N N 362 
NDP P2B  P N N 363 
NDP O1X  O N N 364 
NDP O2X  O N N 365 
NDP O3X  O N N 366 
NDP HOA2 H N N 367 
NDP H51A H N N 368 
NDP H52A H N N 369 
NDP H4B  H N N 370 
NDP H3B  H N N 371 
NDP HO3A H N N 372 
NDP H2B  H N N 373 
NDP H1B  H N N 374 
NDP H8A  H N N 375 
NDP H61A H N N 376 
NDP H62A H N N 377 
NDP H2A  H N N 378 
NDP H21N H N N 379 
NDP H51N H N N 380 
NDP H52N H N N 381 
NDP H4D  H N N 382 
NDP H3D  H N N 383 
NDP HO3N H N N 384 
NDP H2D  H N N 385 
NDP HO2N H N N 386 
NDP H1D  H N N 387 
NDP H2N  H N N 388 
NDP H71N H N N 389 
NDP H72N H N N 390 
NDP H41N H N N 391 
NDP H42N H N N 392 
NDP H5N  H N N 393 
NDP H6N  H N N 394 
NDP HOP2 H N N 395 
NDP HOP3 H N N 396 
PHE N    N N N 397 
PHE CA   C N S 398 
PHE C    C N N 399 
PHE O    O N N 400 
PHE CB   C N N 401 
PHE CG   C Y N 402 
PHE CD1  C Y N 403 
PHE CD2  C Y N 404 
PHE CE1  C Y N 405 
PHE CE2  C Y N 406 
PHE CZ   C Y N 407 
PHE OXT  O N N 408 
PHE H    H N N 409 
PHE H2   H N N 410 
PHE HA   H N N 411 
PHE HB2  H N N 412 
PHE HB3  H N N 413 
PHE HD1  H N N 414 
PHE HD2  H N N 415 
PHE HE1  H N N 416 
PHE HE2  H N N 417 
PHE HZ   H N N 418 
PHE HXT  H N N 419 
PRO N    N N N 420 
PRO CA   C N S 421 
PRO C    C N N 422 
PRO O    O N N 423 
PRO CB   C N N 424 
PRO CG   C N N 425 
PRO CD   C N N 426 
PRO OXT  O N N 427 
PRO H    H N N 428 
PRO HA   H N N 429 
PRO HB2  H N N 430 
PRO HB3  H N N 431 
PRO HG2  H N N 432 
PRO HG3  H N N 433 
PRO HD2  H N N 434 
PRO HD3  H N N 435 
PRO HXT  H N N 436 
SER N    N N N 437 
SER CA   C N S 438 
SER C    C N N 439 
SER O    O N N 440 
SER CB   C N N 441 
SER OG   O N N 442 
SER OXT  O N N 443 
SER H    H N N 444 
SER H2   H N N 445 
SER HA   H N N 446 
SER HB2  H N N 447 
SER HB3  H N N 448 
SER HG   H N N 449 
SER HXT  H N N 450 
THR N    N N N 451 
THR CA   C N S 452 
THR C    C N N 453 
THR O    O N N 454 
THR CB   C N R 455 
THR OG1  O N N 456 
THR CG2  C N N 457 
THR OXT  O N N 458 
THR H    H N N 459 
THR H2   H N N 460 
THR HA   H N N 461 
THR HB   H N N 462 
THR HG1  H N N 463 
THR HG21 H N N 464 
THR HG22 H N N 465 
THR HG23 H N N 466 
THR HXT  H N N 467 
TRP N    N N N 468 
TRP CA   C N S 469 
TRP C    C N N 470 
TRP O    O N N 471 
TRP CB   C N N 472 
TRP CG   C Y N 473 
TRP CD1  C Y N 474 
TRP CD2  C Y N 475 
TRP NE1  N Y N 476 
TRP CE2  C Y N 477 
TRP CE3  C Y N 478 
TRP CZ2  C Y N 479 
TRP CZ3  C Y N 480 
TRP CH2  C Y N 481 
TRP OXT  O N N 482 
TRP H    H N N 483 
TRP H2   H N N 484 
TRP HA   H N N 485 
TRP HB2  H N N 486 
TRP HB3  H N N 487 
TRP HD1  H N N 488 
TRP HE1  H N N 489 
TRP HE3  H N N 490 
TRP HZ2  H N N 491 
TRP HZ3  H N N 492 
TRP HH2  H N N 493 
TRP HXT  H N N 494 
TYR N    N N N 495 
TYR CA   C N S 496 
TYR C    C N N 497 
TYR O    O N N 498 
TYR CB   C N N 499 
TYR CG   C Y N 500 
TYR CD1  C Y N 501 
TYR CD2  C Y N 502 
TYR CE1  C Y N 503 
TYR CE2  C Y N 504 
TYR CZ   C Y N 505 
TYR OH   O N N 506 
TYR OXT  O N N 507 
TYR H    H N N 508 
TYR H2   H N N 509 
TYR HA   H N N 510 
TYR HB2  H N N 511 
TYR HB3  H N N 512 
TYR HD1  H N N 513 
TYR HD2  H N N 514 
TYR HE1  H N N 515 
TYR HE2  H N N 516 
TYR HH   H N N 517 
TYR HXT  H N N 518 
VAL N    N N N 519 
VAL CA   C N S 520 
VAL C    C N N 521 
VAL O    O N N 522 
VAL CB   C N N 523 
VAL CG1  C N N 524 
VAL CG2  C N N 525 
VAL OXT  O N N 526 
VAL H    H N N 527 
VAL H2   H N N 528 
VAL HA   H N N 529 
VAL HB   H N N 530 
VAL HG11 H N N 531 
VAL HG12 H N N 532 
VAL HG13 H N N 533 
VAL HG21 H N N 534 
VAL HG22 H N N 535 
VAL HG23 H N N 536 
VAL HXT  H N N 537 
# 
loop_
_chem_comp_bond.comp_id 
_chem_comp_bond.atom_id_1 
_chem_comp_bond.atom_id_2 
_chem_comp_bond.value_order 
_chem_comp_bond.pdbx_aromatic_flag 
_chem_comp_bond.pdbx_stereo_config 
_chem_comp_bond.pdbx_ordinal 
ALA N   CA   sing N N 1   
ALA N   H    sing N N 2   
ALA N   H2   sing N N 3   
ALA CA  C    sing N N 4   
ALA CA  CB   sing N N 5   
ALA CA  HA   sing N N 6   
ALA C   O    doub N N 7   
ALA C   OXT  sing N N 8   
ALA CB  HB1  sing N N 9   
ALA CB  HB2  sing N N 10  
ALA CB  HB3  sing N N 11  
ALA OXT HXT  sing N N 12  
ARG N   CA   sing N N 13  
ARG N   H    sing N N 14  
ARG N   H2   sing N N 15  
ARG CA  C    sing N N 16  
ARG CA  CB   sing N N 17  
ARG CA  HA   sing N N 18  
ARG C   O    doub N N 19  
ARG C   OXT  sing N N 20  
ARG CB  CG   sing N N 21  
ARG CB  HB2  sing N N 22  
ARG CB  HB3  sing N N 23  
ARG CG  CD   sing N N 24  
ARG CG  HG2  sing N N 25  
ARG CG  HG3  sing N N 26  
ARG CD  NE   sing N N 27  
ARG CD  HD2  sing N N 28  
ARG CD  HD3  sing N N 29  
ARG NE  CZ   sing N N 30  
ARG NE  HE   sing N N 31  
ARG CZ  NH1  sing N N 32  
ARG CZ  NH2  doub N N 33  
ARG NH1 HH11 sing N N 34  
ARG NH1 HH12 sing N N 35  
ARG NH2 HH21 sing N N 36  
ARG NH2 HH22 sing N N 37  
ARG OXT HXT  sing N N 38  
ASN N   CA   sing N N 39  
ASN N   H    sing N N 40  
ASN N   H2   sing N N 41  
ASN CA  C    sing N N 42  
ASN CA  CB   sing N N 43  
ASN CA  HA   sing N N 44  
ASN C   O    doub N N 45  
ASN C   OXT  sing N N 46  
ASN CB  CG   sing N N 47  
ASN CB  HB2  sing N N 48  
ASN CB  HB3  sing N N 49  
ASN CG  OD1  doub N N 50  
ASN CG  ND2  sing N N 51  
ASN ND2 HD21 sing N N 52  
ASN ND2 HD22 sing N N 53  
ASN OXT HXT  sing N N 54  
ASP N   CA   sing N N 55  
ASP N   H    sing N N 56  
ASP N   H2   sing N N 57  
ASP CA  C    sing N N 58  
ASP CA  CB   sing N N 59  
ASP CA  HA   sing N N 60  
ASP C   O    doub N N 61  
ASP C   OXT  sing N N 62  
ASP CB  CG   sing N N 63  
ASP CB  HB2  sing N N 64  
ASP CB  HB3  sing N N 65  
ASP CG  OD1  doub N N 66  
ASP CG  OD2  sing N N 67  
ASP OD2 HD2  sing N N 68  
ASP OXT HXT  sing N N 69  
COP C3  N4   doub Y N 70  
COP C3  N3   sing N N 71  
COP C3  N2   sing Y N 72  
COP C1  C10  sing Y N 73  
COP C1  N2   doub Y N 74  
COP C1  N1   sing N N 75  
COP C10 C5   doub Y N 76  
COP C10 N9   sing Y N 77  
COP C8  C7   sing Y N 78  
COP C8  C11  sing N N 79  
COP C8  N9   doub Y N 80  
COP C7  N6   doub Y N 81  
COP C7  H7   sing N N 82  
COP C5  N4   sing Y N 83  
COP C5  N6   sing Y N 84  
COP C11 N12  sing N N 85  
COP C11 H111 sing N N 86  
COP C11 H112 sing N N 87  
COP C13 C18  doub Y N 88  
COP C13 C14  sing Y N 89  
COP C13 N12  sing N N 90  
COP C18 C17  sing Y N 91  
COP C18 H18  sing N N 92  
COP C17 C16  doub Y N 93  
COP C17 H17  sing N N 94  
COP C16 C15  sing Y N 95  
COP C16 C19  sing N N 96  
COP C15 C14  doub Y N 97  
COP C15 H15  sing N N 98  
COP C14 H14  sing N N 99  
COP C19 N20  sing N N 100 
COP C19 O19  doub N N 101 
COP C21 C24  sing N N 102 
COP C21 C27  sing N N 103 
COP C21 N20  sing N N 104 
COP C21 H21  sing N N 105 
COP C24 O24  doub N N 106 
COP C24 O25  sing N N 107 
COP C27 C28  sing N N 108 
COP C27 H271 sing N N 109 
COP C27 H272 sing N N 110 
COP C28 C29  sing N N 111 
COP C28 H281 sing N N 112 
COP C28 H282 sing N N 113 
COP C29 N30  sing N N 114 
COP C29 H291 sing N N 115 
COP C29 H292 sing N N 116 
COP N3  HN31 sing N N 117 
COP N3  HN32 sing N N 118 
COP N1  HN11 sing N N 119 
COP N1  HN12 sing N N 120 
COP N12 HN2  sing N N 121 
COP N20 HN0  sing N N 122 
COP O25 HO5  sing N N 123 
COP N30 C31  sing N N 124 
COP N30 HN3  sing N N 125 
COP C31 O32  doub N N 126 
COP C31 C33  sing N N 127 
COP C33 C38  doub Y N 128 
COP C33 C34  sing Y N 129 
COP C38 C37  sing Y N 130 
COP C38 C39  sing N N 131 
COP C37 C36  doub Y N 132 
COP C37 H37  sing N N 133 
COP C36 C35  sing Y N 134 
COP C36 H36  sing N N 135 
COP C35 C34  doub Y N 136 
COP C35 H35  sing N N 137 
COP C34 H34  sing N N 138 
COP C39 O40  doub N N 139 
COP C39 O41  sing N N 140 
COP O41 HO1  sing N N 141 
CYS N   CA   sing N N 142 
CYS N   H    sing N N 143 
CYS N   H2   sing N N 144 
CYS CA  C    sing N N 145 
CYS CA  CB   sing N N 146 
CYS CA  HA   sing N N 147 
CYS C   O    doub N N 148 
CYS C   OXT  sing N N 149 
CYS CB  SG   sing N N 150 
CYS CB  HB2  sing N N 151 
CYS CB  HB3  sing N N 152 
CYS SG  HG   sing N N 153 
CYS OXT HXT  sing N N 154 
GLN N   CA   sing N N 155 
GLN N   H    sing N N 156 
GLN N   H2   sing N N 157 
GLN CA  C    sing N N 158 
GLN CA  CB   sing N N 159 
GLN CA  HA   sing N N 160 
GLN C   O    doub N N 161 
GLN C   OXT  sing N N 162 
GLN CB  CG   sing N N 163 
GLN CB  HB2  sing N N 164 
GLN CB  HB3  sing N N 165 
GLN CG  CD   sing N N 166 
GLN CG  HG2  sing N N 167 
GLN CG  HG3  sing N N 168 
GLN CD  OE1  doub N N 169 
GLN CD  NE2  sing N N 170 
GLN NE2 HE21 sing N N 171 
GLN NE2 HE22 sing N N 172 
GLN OXT HXT  sing N N 173 
GLU N   CA   sing N N 174 
GLU N   H    sing N N 175 
GLU N   H2   sing N N 176 
GLU CA  C    sing N N 177 
GLU CA  CB   sing N N 178 
GLU CA  HA   sing N N 179 
GLU C   O    doub N N 180 
GLU C   OXT  sing N N 181 
GLU CB  CG   sing N N 182 
GLU CB  HB2  sing N N 183 
GLU CB  HB3  sing N N 184 
GLU CG  CD   sing N N 185 
GLU CG  HG2  sing N N 186 
GLU CG  HG3  sing N N 187 
GLU CD  OE1  doub N N 188 
GLU CD  OE2  sing N N 189 
GLU OE2 HE2  sing N N 190 
GLU OXT HXT  sing N N 191 
GLY N   CA   sing N N 192 
GLY N   H    sing N N 193 
GLY N   H2   sing N N 194 
GLY CA  C    sing N N 195 
GLY CA  HA2  sing N N 196 
GLY CA  HA3  sing N N 197 
GLY C   O    doub N N 198 
GLY C   OXT  sing N N 199 
GLY OXT HXT  sing N N 200 
HIS N   CA   sing N N 201 
HIS N   H    sing N N 202 
HIS N   H2   sing N N 203 
HIS CA  C    sing N N 204 
HIS CA  CB   sing N N 205 
HIS CA  HA   sing N N 206 
HIS C   O    doub N N 207 
HIS C   OXT  sing N N 208 
HIS CB  CG   sing N N 209 
HIS CB  HB2  sing N N 210 
HIS CB  HB3  sing N N 211 
HIS CG  ND1  sing Y N 212 
HIS CG  CD2  doub Y N 213 
HIS ND1 CE1  doub Y N 214 
HIS ND1 HD1  sing N N 215 
HIS CD2 NE2  sing Y N 216 
HIS CD2 HD2  sing N N 217 
HIS CE1 NE2  sing Y N 218 
HIS CE1 HE1  sing N N 219 
HIS NE2 HE2  sing N N 220 
HIS OXT HXT  sing N N 221 
HOH O   H1   sing N N 222 
HOH O   H2   sing N N 223 
ILE N   CA   sing N N 224 
ILE N   H    sing N N 225 
ILE N   H2   sing N N 226 
ILE CA  C    sing N N 227 
ILE CA  CB   sing N N 228 
ILE CA  HA   sing N N 229 
ILE C   O    doub N N 230 
ILE C   OXT  sing N N 231 
ILE CB  CG1  sing N N 232 
ILE CB  CG2  sing N N 233 
ILE CB  HB   sing N N 234 
ILE CG1 CD1  sing N N 235 
ILE CG1 HG12 sing N N 236 
ILE CG1 HG13 sing N N 237 
ILE CG2 HG21 sing N N 238 
ILE CG2 HG22 sing N N 239 
ILE CG2 HG23 sing N N 240 
ILE CD1 HD11 sing N N 241 
ILE CD1 HD12 sing N N 242 
ILE CD1 HD13 sing N N 243 
ILE OXT HXT  sing N N 244 
LEU N   CA   sing N N 245 
LEU N   H    sing N N 246 
LEU N   H2   sing N N 247 
LEU CA  C    sing N N 248 
LEU CA  CB   sing N N 249 
LEU CA  HA   sing N N 250 
LEU C   O    doub N N 251 
LEU C   OXT  sing N N 252 
LEU CB  CG   sing N N 253 
LEU CB  HB2  sing N N 254 
LEU CB  HB3  sing N N 255 
LEU CG  CD1  sing N N 256 
LEU CG  CD2  sing N N 257 
LEU CG  HG   sing N N 258 
LEU CD1 HD11 sing N N 259 
LEU CD1 HD12 sing N N 260 
LEU CD1 HD13 sing N N 261 
LEU CD2 HD21 sing N N 262 
LEU CD2 HD22 sing N N 263 
LEU CD2 HD23 sing N N 264 
LEU OXT HXT  sing N N 265 
LYS N   CA   sing N N 266 
LYS N   H    sing N N 267 
LYS N   H2   sing N N 268 
LYS CA  C    sing N N 269 
LYS CA  CB   sing N N 270 
LYS CA  HA   sing N N 271 
LYS C   O    doub N N 272 
LYS C   OXT  sing N N 273 
LYS CB  CG   sing N N 274 
LYS CB  HB2  sing N N 275 
LYS CB  HB3  sing N N 276 
LYS CG  CD   sing N N 277 
LYS CG  HG2  sing N N 278 
LYS CG  HG3  sing N N 279 
LYS CD  CE   sing N N 280 
LYS CD  HD2  sing N N 281 
LYS CD  HD3  sing N N 282 
LYS CE  NZ   sing N N 283 
LYS CE  HE2  sing N N 284 
LYS CE  HE3  sing N N 285 
LYS NZ  HZ1  sing N N 286 
LYS NZ  HZ2  sing N N 287 
LYS NZ  HZ3  sing N N 288 
LYS OXT HXT  sing N N 289 
MET N   CA   sing N N 290 
MET N   H    sing N N 291 
MET N   H2   sing N N 292 
MET CA  C    sing N N 293 
MET CA  CB   sing N N 294 
MET CA  HA   sing N N 295 
MET C   O    doub N N 296 
MET C   OXT  sing N N 297 
MET CB  CG   sing N N 298 
MET CB  HB2  sing N N 299 
MET CB  HB3  sing N N 300 
MET CG  SD   sing N N 301 
MET CG  HG2  sing N N 302 
MET CG  HG3  sing N N 303 
MET SD  CE   sing N N 304 
MET CE  HE1  sing N N 305 
MET CE  HE2  sing N N 306 
MET CE  HE3  sing N N 307 
MET OXT HXT  sing N N 308 
NDP PA  O1A  doub N N 309 
NDP PA  O2A  sing N N 310 
NDP PA  O5B  sing N N 311 
NDP PA  O3   sing N N 312 
NDP O2A HOA2 sing N N 313 
NDP O5B C5B  sing N N 314 
NDP C5B C4B  sing N N 315 
NDP C5B H51A sing N N 316 
NDP C5B H52A sing N N 317 
NDP C4B O4B  sing N N 318 
NDP C4B C3B  sing N N 319 
NDP C4B H4B  sing N N 320 
NDP O4B C1B  sing N N 321 
NDP C3B O3B  sing N N 322 
NDP C3B C2B  sing N N 323 
NDP C3B H3B  sing N N 324 
NDP O3B HO3A sing N N 325 
NDP C2B O2B  sing N N 326 
NDP C2B C1B  sing N N 327 
NDP C2B H2B  sing N N 328 
NDP O2B P2B  sing N N 329 
NDP C1B N9A  sing N N 330 
NDP C1B H1B  sing N N 331 
NDP N9A C8A  sing Y N 332 
NDP N9A C4A  sing Y N 333 
NDP C8A N7A  doub Y N 334 
NDP C8A H8A  sing N N 335 
NDP N7A C5A  sing Y N 336 
NDP C5A C6A  sing Y N 337 
NDP C5A C4A  doub Y N 338 
NDP C6A N6A  sing N N 339 
NDP C6A N1A  doub Y N 340 
NDP N6A H61A sing N N 341 
NDP N6A H62A sing N N 342 
NDP N1A C2A  sing Y N 343 
NDP C2A N3A  doub Y N 344 
NDP C2A H2A  sing N N 345 
NDP N3A C4A  sing Y N 346 
NDP O3  PN   sing N N 347 
NDP PN  O1N  doub N N 348 
NDP PN  O2N  sing N N 349 
NDP PN  O5D  sing N N 350 
NDP O2N H21N sing N N 351 
NDP O5D C5D  sing N N 352 
NDP C5D C4D  sing N N 353 
NDP C5D H51N sing N N 354 
NDP C5D H52N sing N N 355 
NDP C4D O4D  sing N N 356 
NDP C4D C3D  sing N N 357 
NDP C4D H4D  sing N N 358 
NDP O4D C1D  sing N N 359 
NDP C3D O3D  sing N N 360 
NDP C3D C2D  sing N N 361 
NDP C3D H3D  sing N N 362 
NDP O3D HO3N sing N N 363 
NDP C2D O2D  sing N N 364 
NDP C2D C1D  sing N N 365 
NDP C2D H2D  sing N N 366 
NDP O2D HO2N sing N N 367 
NDP C1D N1N  sing N N 368 
NDP C1D H1D  sing N N 369 
NDP N1N C2N  sing N N 370 
NDP N1N C6N  sing N N 371 
NDP C2N C3N  doub N N 372 
NDP C2N H2N  sing N N 373 
NDP C3N C7N  sing N N 374 
NDP C3N C4N  sing N N 375 
NDP C7N O7N  doub N N 376 
NDP C7N N7N  sing N N 377 
NDP N7N H71N sing N N 378 
NDP N7N H72N sing N N 379 
NDP C4N C5N  sing N N 380 
NDP C4N H41N sing N N 381 
NDP C4N H42N sing N N 382 
NDP C5N C6N  doub N N 383 
NDP C5N H5N  sing N N 384 
NDP C6N H6N  sing N N 385 
NDP P2B O1X  doub N N 386 
NDP P2B O2X  sing N N 387 
NDP P2B O3X  sing N N 388 
NDP O2X HOP2 sing N N 389 
NDP O3X HOP3 sing N N 390 
PHE N   CA   sing N N 391 
PHE N   H    sing N N 392 
PHE N   H2   sing N N 393 
PHE CA  C    sing N N 394 
PHE CA  CB   sing N N 395 
PHE CA  HA   sing N N 396 
PHE C   O    doub N N 397 
PHE C   OXT  sing N N 398 
PHE CB  CG   sing N N 399 
PHE CB  HB2  sing N N 400 
PHE CB  HB3  sing N N 401 
PHE CG  CD1  doub Y N 402 
PHE CG  CD2  sing Y N 403 
PHE CD1 CE1  sing Y N 404 
PHE CD1 HD1  sing N N 405 
PHE CD2 CE2  doub Y N 406 
PHE CD2 HD2  sing N N 407 
PHE CE1 CZ   doub Y N 408 
PHE CE1 HE1  sing N N 409 
PHE CE2 CZ   sing Y N 410 
PHE CE2 HE2  sing N N 411 
PHE CZ  HZ   sing N N 412 
PHE OXT HXT  sing N N 413 
PRO N   CA   sing N N 414 
PRO N   CD   sing N N 415 
PRO N   H    sing N N 416 
PRO CA  C    sing N N 417 
PRO CA  CB   sing N N 418 
PRO CA  HA   sing N N 419 
PRO C   O    doub N N 420 
PRO C   OXT  sing N N 421 
PRO CB  CG   sing N N 422 
PRO CB  HB2  sing N N 423 
PRO CB  HB3  sing N N 424 
PRO CG  CD   sing N N 425 
PRO CG  HG2  sing N N 426 
PRO CG  HG3  sing N N 427 
PRO CD  HD2  sing N N 428 
PRO CD  HD3  sing N N 429 
PRO OXT HXT  sing N N 430 
SER N   CA   sing N N 431 
SER N   H    sing N N 432 
SER N   H2   sing N N 433 
SER CA  C    sing N N 434 
SER CA  CB   sing N N 435 
SER CA  HA   sing N N 436 
SER C   O    doub N N 437 
SER C   OXT  sing N N 438 
SER CB  OG   sing N N 439 
SER CB  HB2  sing N N 440 
SER CB  HB3  sing N N 441 
SER OG  HG   sing N N 442 
SER OXT HXT  sing N N 443 
THR N   CA   sing N N 444 
THR N   H    sing N N 445 
THR N   H2   sing N N 446 
THR CA  C    sing N N 447 
THR CA  CB   sing N N 448 
THR CA  HA   sing N N 449 
THR C   O    doub N N 450 
THR C   OXT  sing N N 451 
THR CB  OG1  sing N N 452 
THR CB  CG2  sing N N 453 
THR CB  HB   sing N N 454 
THR OG1 HG1  sing N N 455 
THR CG2 HG21 sing N N 456 
THR CG2 HG22 sing N N 457 
THR CG2 HG23 sing N N 458 
THR OXT HXT  sing N N 459 
TRP N   CA   sing N N 460 
TRP N   H    sing N N 461 
TRP N   H2   sing N N 462 
TRP CA  C    sing N N 463 
TRP CA  CB   sing N N 464 
TRP CA  HA   sing N N 465 
TRP C   O    doub N N 466 
TRP C   OXT  sing N N 467 
TRP CB  CG   sing N N 468 
TRP CB  HB2  sing N N 469 
TRP CB  HB3  sing N N 470 
TRP CG  CD1  doub Y N 471 
TRP CG  CD2  sing Y N 472 
TRP CD1 NE1  sing Y N 473 
TRP CD1 HD1  sing N N 474 
TRP CD2 CE2  doub Y N 475 
TRP CD2 CE3  sing Y N 476 
TRP NE1 CE2  sing Y N 477 
TRP NE1 HE1  sing N N 478 
TRP CE2 CZ2  sing Y N 479 
TRP CE3 CZ3  doub Y N 480 
TRP CE3 HE3  sing N N 481 
TRP CZ2 CH2  doub Y N 482 
TRP CZ2 HZ2  sing N N 483 
TRP CZ3 CH2  sing Y N 484 
TRP CZ3 HZ3  sing N N 485 
TRP CH2 HH2  sing N N 486 
TRP OXT HXT  sing N N 487 
TYR N   CA   sing N N 488 
TYR N   H    sing N N 489 
TYR N   H2   sing N N 490 
TYR CA  C    sing N N 491 
TYR CA  CB   sing N N 492 
TYR CA  HA   sing N N 493 
TYR C   O    doub N N 494 
TYR C   OXT  sing N N 495 
TYR CB  CG   sing N N 496 
TYR CB  HB2  sing N N 497 
TYR CB  HB3  sing N N 498 
TYR CG  CD1  doub Y N 499 
TYR CG  CD2  sing Y N 500 
TYR CD1 CE1  sing Y N 501 
TYR CD1 HD1  sing N N 502 
TYR CD2 CE2  doub Y N 503 
TYR CD2 HD2  sing N N 504 
TYR CE1 CZ   doub Y N 505 
TYR CE1 HE1  sing N N 506 
TYR CE2 CZ   sing Y N 507 
TYR CE2 HE2  sing N N 508 
TYR CZ  OH   sing N N 509 
TYR OH  HH   sing N N 510 
TYR OXT HXT  sing N N 511 
VAL N   CA   sing N N 512 
VAL N   H    sing N N 513 
VAL N   H2   sing N N 514 
VAL CA  C    sing N N 515 
VAL CA  CB   sing N N 516 
VAL CA  HA   sing N N 517 
VAL C   O    doub N N 518 
VAL C   OXT  sing N N 519 
VAL CB  CG1  sing N N 520 
VAL CB  CG2  sing N N 521 
VAL CB  HB   sing N N 522 
VAL CG1 HG11 sing N N 523 
VAL CG1 HG12 sing N N 524 
VAL CG1 HG13 sing N N 525 
VAL CG2 HG21 sing N N 526 
VAL CG2 HG22 sing N N 527 
VAL CG2 HG23 sing N N 528 
VAL OXT HXT  sing N N 529 
# 
_atom_sites.entry_id                    1OHK 
_atom_sites.fract_transf_matrix[1][1]   0.01205239 
_atom_sites.fract_transf_matrix[1][2]   -0.02337713 
_atom_sites.fract_transf_matrix[1][3]   -0.00651896 
_atom_sites.fract_transf_matrix[2][1]   0.00537713 
_atom_sites.fract_transf_matrix[2][2]   0.00610368 
_atom_sites.fract_transf_matrix[2][3]   -0.01194658 
_atom_sites.fract_transf_matrix[3][1]   0.01164706 
_atom_sites.fract_transf_matrix[3][2]   0.00397639 
_atom_sites.fract_transf_matrix[3][3]   0.00727392 
_atom_sites.fract_transf_vector[1]      0.089276 
_atom_sites.fract_transf_vector[2]      0.012916 
_atom_sites.fract_transf_vector[3]      0.506418 
# 
loop_
_atom_type.symbol 
C 
N 
O 
P 
S 
# 
loop_
_atom_site.group_PDB 
_atom_site.id 
_atom_site.type_symbol 
_atom_site.label_atom_id 
_atom_site.label_alt_id 
_atom_site.label_comp_id 
_atom_site.label_asym_id 
_atom_site.label_entity_id 
_atom_site.label_seq_id 
_atom_site.pdbx_PDB_ins_code 
_atom_site.Cartn_x 
_atom_site.Cartn_y 
_atom_site.Cartn_z 
_atom_site.occupancy 
_atom_site.B_iso_or_equiv 
_atom_site.pdbx_formal_charge 
_atom_site.auth_seq_id 
_atom_site.auth_comp_id 
_atom_site.auth_asym_id 
_atom_site.auth_atom_id 
_atom_site.pdbx_PDB_model_num 
ATOM   1    N N   . VAL A 1 1   ? 10.159  -8.481  -11.970 1.00 30.13 ? 1   VAL A N   1 
ATOM   2    C CA  . VAL A 1 1   ? 10.509  -8.493  -10.555 1.00 29.96 ? 1   VAL A CA  1 
ATOM   3    C C   . VAL A 1 1   ? 9.382   -9.080  -9.691  1.00 29.97 ? 1   VAL A C   1 
ATOM   4    O O   . VAL A 1 1   ? 9.276   -10.306 -9.411  1.00 29.45 ? 1   VAL A O   1 
ATOM   5    C CB  . VAL A 1 1   ? 10.743  -7.016  -10.095 1.00 30.02 ? 1   VAL A CB  1 
ATOM   6    C CG1 . VAL A 1 1   ? 12.176  -6.703  -9.677  1.00 29.67 ? 1   VAL A CG1 1 
ATOM   7    C CG2 . VAL A 1 1   ? 10.185  -6.121  -11.188 1.00 29.68 ? 1   VAL A CG2 1 
ATOM   8    N N   . GLY A 1 2   ? 8.598   -8.024  -9.287  1.00 29.18 ? 2   GLY A N   1 
ATOM   9    C CA  . GLY A 1 2   ? 7.430   -8.417  -8.409  1.00 28.67 ? 2   GLY A CA  1 
ATOM   10   C C   . GLY A 1 2   ? 6.281   -7.692  -9.118  1.00 27.59 ? 2   GLY A C   1 
ATOM   11   O O   . GLY A 1 2   ? 6.671   -6.840  -9.966  1.00 28.27 ? 2   GLY A O   1 
ATOM   12   N N   . SER A 1 3   ? 5.047   -7.979  -8.766  1.00 26.45 ? 3   SER A N   1 
ATOM   13   C CA  . SER A 1 3   ? 4.029   -7.166  -9.575  1.00 25.23 ? 3   SER A CA  1 
ATOM   14   C C   . SER A 1 3   ? 3.533   -6.027  -8.698  1.00 23.46 ? 3   SER A C   1 
ATOM   15   O O   . SER A 1 3   ? 3.718   -5.911  -7.501  1.00 23.87 ? 3   SER A O   1 
ATOM   16   C CB  . SER A 1 3   ? 2.968   -8.122  -10.093 1.00 25.14 ? 3   SER A CB  1 
ATOM   17   O OG  . SER A 1 3   ? 3.512   -8.982  -11.097 1.00 24.49 ? 3   SER A OG  1 
ATOM   18   N N   . LEU A 1 4   ? 2.879   -5.104  -9.337  1.00 21.66 ? 4   LEU A N   1 
ATOM   19   C CA  . LEU A 1 4   ? 2.282   -3.899  -8.715  1.00 19.36 ? 4   LEU A CA  1 
ATOM   20   C C   . LEU A 1 4   ? 1.279   -4.569  -7.756  1.00 18.29 ? 4   LEU A C   1 
ATOM   21   O O   . LEU A 1 4   ? 0.307   -5.268  -8.046  1.00 16.57 ? 4   LEU A O   1 
ATOM   22   C CB  . LEU A 1 4   ? 1.832   -2.886  -9.736  1.00 18.94 ? 4   LEU A CB  1 
ATOM   23   C CG  . LEU A 1 4   ? 1.709   -1.449  -9.252  1.00 19.40 ? 4   LEU A CG  1 
ATOM   24   C CD1 . LEU A 1 4   ? 2.877   -1.085  -8.312  1.00 19.76 ? 4   LEU A CD1 1 
ATOM   25   C CD2 . LEU A 1 4   ? 1.700   -0.382  -10.331 1.00 17.91 ? 4   LEU A CD2 1 
ATOM   26   N N   . ASN A 1 5   ? 1.701   -4.376  -6.490  1.00 17.17 ? 5   ASN A N   1 
ATOM   27   C CA  . ASN A 1 5   ? 0.793   -4.889  -5.449  1.00 16.99 ? 5   ASN A CA  1 
ATOM   28   C C   . ASN A 1 5   ? 0.193   -3.595  -4.851  1.00 15.91 ? 5   ASN A C   1 
ATOM   29   O O   . ASN A 1 5   ? 0.984   -2.609  -4.725  1.00 15.36 ? 5   ASN A O   1 
ATOM   30   C CB  . ASN A 1 5   ? 1.584   -5.763  -4.511  1.00 18.55 ? 5   ASN A CB  1 
ATOM   31   C CG  . ASN A 1 5   ? 2.250   -6.939  -5.132  1.00 19.03 ? 5   ASN A CG  1 
ATOM   32   O OD1 . ASN A 1 5   ? 1.648   -7.657  -5.877  1.00 19.50 ? 5   ASN A OD1 1 
ATOM   33   N ND2 . ASN A 1 5   ? 3.500   -7.257  -4.815  1.00 20.74 ? 5   ASN A ND2 1 
ATOM   34   N N   . CYS A 1 6   ? -1.073  -3.619  -4.520  1.00 14.65 ? 6   CYS A N   1 
ATOM   35   C CA  . CYS A 1 6   ? -1.641  -2.399  -3.861  1.00 13.76 ? 6   CYS A CA  1 
ATOM   36   C C   . CYS A 1 6   ? -2.094  -2.968  -2.475  1.00 13.45 ? 6   CYS A C   1 
ATOM   37   O O   . CYS A 1 6   ? -2.579  -4.113  -2.457  1.00 13.18 ? 6   CYS A O   1 
ATOM   38   C CB  . CYS A 1 6   ? -2.653  -1.578  -4.556  1.00 13.12 ? 6   CYS A CB  1 
ATOM   39   S SG  . CYS A 1 6   ? -2.292  -0.805  -6.152  1.00 14.52 ? 6   CYS A SG  1 
ATOM   40   N N   . ILE A 1 7   ? -1.842  -2.217  -1.408  1.00 12.71 ? 7   ILE A N   1 
ATOM   41   C CA  . ILE A 1 7   ? -2.273  -2.672  -0.047  1.00 12.65 ? 7   ILE A CA  1 
ATOM   42   C C   . ILE A 1 7   ? -2.996  -1.450  0.544   1.00 13.04 ? 7   ILE A C   1 
ATOM   43   O O   . ILE A 1 7   ? -2.370  -0.338  0.571   1.00 14.24 ? 7   ILE A O   1 
ATOM   44   C CB  . ILE A 1 7   ? -1.177  -3.408  0.761   1.00 11.74 ? 7   ILE A CB  1 
ATOM   45   C CG1 . ILE A 1 7   ? -1.842  -4.159  1.920   1.00 10.88 ? 7   ILE A CG1 1 
ATOM   46   C CG2 . ILE A 1 7   ? 0.030   -2.610  1.311   1.00 11.42 ? 7   ILE A CG2 1 
ATOM   47   C CD1 . ILE A 1 7   ? -0.895  -4.456  3.091   1.00 9.71  ? 7   ILE A CD1 1 
ATOM   48   N N   . VAL A 1 8   ? -4.273  -1.668  0.840   1.00 12.16 ? 8   VAL A N   1 
ATOM   49   C CA  . VAL A 1 8   ? -5.174  -0.665  1.380   1.00 12.23 ? 8   VAL A CA  1 
ATOM   50   C C   . VAL A 1 8   ? -6.032  -1.256  2.494   1.00 12.34 ? 8   VAL A C   1 
ATOM   51   O O   . VAL A 1 8   ? -6.201  -2.440  2.256   1.00 12.85 ? 8   VAL A O   1 
ATOM   52   C CB  . VAL A 1 8   ? -6.145  -0.068  0.323   1.00 12.09 ? 8   VAL A CB  1 
ATOM   53   C CG1 . VAL A 1 8   ? -7.087  -0.940  -0.490  1.00 11.01 ? 8   VAL A CG1 1 
ATOM   54   C CG2 . VAL A 1 8   ? -7.032  1.044   0.911   1.00 11.76 ? 8   VAL A CG2 1 
ATOM   55   N N   . ALA A 1 9   ? -6.540  -0.534  3.457   1.00 12.37 ? 9   ALA A N   1 
ATOM   56   C CA  . ALA A 1 9   ? -7.441  -1.044  4.500   1.00 12.65 ? 9   ALA A CA  1 
ATOM   57   C C   . ALA A 1 9   ? -8.686  -0.161  4.264   1.00 14.07 ? 9   ALA A C   1 
ATOM   58   O O   . ALA A 1 9   ? -8.612  1.075   4.108   1.00 14.08 ? 9   ALA A O   1 
ATOM   59   C CB  . ALA A 1 9   ? -6.981  -1.055  5.902   1.00 12.64 ? 9   ALA A CB  1 
ATOM   60   N N   . VAL A 1 10  ? -9.824  -0.841  4.153   1.00 14.99 ? 10  VAL A N   1 
ATOM   61   C CA  . VAL A 1 10  ? -11.050 -0.081  3.822   1.00 15.77 ? 10  VAL A CA  1 
ATOM   62   C C   . VAL A 1 10  ? -12.058 -0.357  4.897   1.00 16.36 ? 10  VAL A C   1 
ATOM   63   O O   . VAL A 1 10  ? -12.142 -1.364  5.645   1.00 16.20 ? 10  VAL A O   1 
ATOM   64   C CB  . VAL A 1 10  ? -11.185 -0.296  2.300   1.00 16.23 ? 10  VAL A CB  1 
ATOM   65   C CG1 . VAL A 1 10  ? -12.036 -1.452  1.739   1.00 16.87 ? 10  VAL A CG1 1 
ATOM   66   C CG2 . VAL A 1 10  ? -11.638 0.933   1.538   1.00 16.52 ? 10  VAL A CG2 1 
ATOM   67   N N   . SER A 1 11  ? -12.833 0.712   5.107   1.00 17.30 ? 11  SER A N   1 
ATOM   68   C CA  . SER A 1 11  ? -13.950 0.676   6.093   1.00 18.05 ? 11  SER A CA  1 
ATOM   69   C C   . SER A 1 11  ? -15.111 0.490   5.106   1.00 19.27 ? 11  SER A C   1 
ATOM   70   O O   . SER A 1 11  ? -15.018 0.925   3.924   1.00 19.37 ? 11  SER A O   1 
ATOM   71   C CB  . SER A 1 11  ? -14.102 1.916   6.932   1.00 17.83 ? 11  SER A CB  1 
ATOM   72   O OG  . SER A 1 11  ? -14.473 3.063   6.178   1.00 16.82 ? 11  SER A OG  1 
ATOM   73   N N   . GLN A 1 12  ? -16.129 -0.159  5.577   1.00 20.95 ? 12  GLN A N   1 
ATOM   74   C CA  . GLN A 1 12  ? -17.363 -0.445  4.815   1.00 22.42 ? 12  GLN A CA  1 
ATOM   75   C C   . GLN A 1 12  ? -17.833 0.743   3.994   1.00 23.16 ? 12  GLN A C   1 
ATOM   76   O O   . GLN A 1 12  ? -18.316 0.530   2.887   1.00 23.20 ? 12  GLN A O   1 
ATOM   77   C CB  . GLN A 1 12  ? -18.441 -0.864  5.803   1.00 23.13 ? 12  GLN A CB  1 
ATOM   78   C CG  . GLN A 1 12  ? -19.079 -2.184  5.290   1.00 23.69 ? 12  GLN A CG  1 
ATOM   79   C CD  . GLN A 1 12  ? -20.276 -2.371  6.179   1.00 23.73 ? 12  GLN A CD  1 
ATOM   80   O OE1 . GLN A 1 12  ? -20.216 -1.629  7.146   1.00 24.55 ? 12  GLN A OE1 1 
ATOM   81   N NE2 . GLN A 1 12  ? -21.239 -3.243  5.931   1.00 24.59 ? 12  GLN A NE2 1 
ATOM   82   N N   . ASN A 1 13  ? -17.648 1.944   4.545   1.00 23.68 ? 13  ASN A N   1 
ATOM   83   C CA  . ASN A 1 13  ? -18.006 3.216   3.959   1.00 23.56 ? 13  ASN A CA  1 
ATOM   84   C C   . ASN A 1 13  ? -17.019 3.628   2.905   1.00 24.68 ? 13  ASN A C   1 
ATOM   85   O O   . ASN A 1 13  ? -17.234 4.765   2.351   1.00 26.31 ? 13  ASN A O   1 
ATOM   86   C CB  . ASN A 1 13  ? -18.236 4.315   5.000   1.00 23.43 ? 13  ASN A CB  1 
ATOM   87   C CG  . ASN A 1 13  ? -17.169 4.538   6.044   1.00 23.11 ? 13  ASN A CG  1 
ATOM   88   O OD1 . ASN A 1 13  ? -16.501 3.619   6.561   1.00 22.92 ? 13  ASN A OD1 1 
ATOM   89   N ND2 . ASN A 1 13  ? -16.940 5.795   6.428   1.00 22.57 ? 13  ASN A ND2 1 
ATOM   90   N N   . MET A 1 14  ? -15.982 2.850   2.660   1.00 24.26 ? 14  MET A N   1 
ATOM   91   C CA  . MET A 1 14  ? -14.943 3.086   1.649   1.00 23.15 ? 14  MET A CA  1 
ATOM   92   C C   . MET A 1 14  ? -13.882 4.089   2.063   1.00 22.36 ? 14  MET A C   1 
ATOM   93   O O   . MET A 1 14  ? -12.992 4.515   1.258   1.00 22.53 ? 14  MET A O   1 
ATOM   94   C CB  . MET A 1 14  ? -15.556 3.240   0.274   1.00 24.56 ? 14  MET A CB  1 
ATOM   95   C CG  . MET A 1 14  ? -14.846 2.597   -0.914  1.00 26.31 ? 14  MET A CG  1 
ATOM   96   S SD  . MET A 1 14  ? -15.424 0.791   -1.049  1.00 28.06 ? 14  MET A SD  1 
ATOM   97   C CE  . MET A 1 14  ? -14.578 0.493   -2.608  1.00 28.10 ? 14  MET A CE  1 
ATOM   98   N N   . GLY A 1 15  ? -13.823 4.385   3.339   1.00 21.29 ? 15  GLY A N   1 
ATOM   99   C CA  . GLY A 1 15  ? -12.917 5.320   4.032   1.00 20.01 ? 15  GLY A CA  1 
ATOM   100  C C   . GLY A 1 15  ? -11.606 4.644   4.410   1.00 19.62 ? 15  GLY A C   1 
ATOM   101  O O   . GLY A 1 15  ? -11.538 3.537   4.932   1.00 19.17 ? 15  GLY A O   1 
ATOM   102  N N   . ILE A 1 16  ? -10.518 5.327   4.142   1.00 19.55 ? 16  ILE A N   1 
ATOM   103  C CA  . ILE A 1 16  ? -9.123  5.034   4.306   1.00 18.85 ? 16  ILE A CA  1 
ATOM   104  C C   . ILE A 1 16  ? -8.395  6.071   5.165   1.00 19.41 ? 16  ILE A C   1 
ATOM   105  O O   . ILE A 1 16  ? -7.308  5.813   5.746   1.00 19.95 ? 16  ILE A O   1 
ATOM   106  C CB  . ILE A 1 16  ? -8.373  4.914   2.924   1.00 18.78 ? 16  ILE A CB  1 
ATOM   107  C CG1 . ILE A 1 16  ? -8.266  6.236   2.115   1.00 18.60 ? 16  ILE A CG1 1 
ATOM   108  C CG2 . ILE A 1 16  ? -8.928  3.773   1.984   1.00 18.69 ? 16  ILE A CG2 1 
ATOM   109  C CD1 . ILE A 1 16  ? -7.243  6.159   0.913   1.00 17.74 ? 16  ILE A CD1 1 
ATOM   110  N N   . GLY A 1 17  ? -8.973  7.240   5.294   1.00 19.25 ? 17  GLY A N   1 
ATOM   111  C CA  . GLY A 1 17  ? -8.369  8.324   6.070   1.00 19.05 ? 17  GLY A CA  1 
ATOM   112  C C   . GLY A 1 17  ? -9.391  9.308   6.590   1.00 18.91 ? 17  GLY A C   1 
ATOM   113  O O   . GLY A 1 17  ? -10.545 9.305   6.191   1.00 18.48 ? 17  GLY A O   1 
ATOM   114  N N   . LYS A 1 18  ? -8.836  10.123  7.469   1.00 19.60 ? 18  LYS A N   1 
ATOM   115  C CA  . LYS A 1 18  ? -9.506  11.153  8.241   1.00 19.95 ? 18  LYS A CA  1 
ATOM   116  C C   . LYS A 1 18  ? -8.636  12.134  9.012   1.00 20.81 ? 18  LYS A C   1 
ATOM   117  O O   . LYS A 1 18  ? -8.303  11.602  10.082  1.00 21.43 ? 18  LYS A O   1 
ATOM   118  C CB  . LYS A 1 18  ? -10.084 10.410  9.493   1.00 18.37 ? 18  LYS A CB  1 
ATOM   119  C CG  . LYS A 1 18  ? -11.194 11.356  9.967   1.00 17.59 ? 18  LYS A CG  1 
ATOM   120  C CD  . LYS A 1 18  ? -12.132 10.460  10.730  1.00 17.46 ? 18  LYS A CD  1 
ATOM   121  C CE  . LYS A 1 18  ? -11.472 10.129  12.082  1.00 17.45 ? 18  LYS A CE  1 
ATOM   122  N NZ  . LYS A 1 18  ? -12.574 9.357   12.745  1.00 18.83 ? 18  LYS A NZ  1 
ATOM   123  N N   . ASN A 1 19  ? -8.343  13.320  8.589   1.00 21.76 ? 19  ASN A N   1 
ATOM   124  C CA  . ASN A 1 19  ? -7.483  14.280  9.273   1.00 22.73 ? 19  ASN A CA  1 
ATOM   125  C C   . ASN A 1 19  ? -6.123  13.553  9.495   1.00 22.60 ? 19  ASN A C   1 
ATOM   126  O O   . ASN A 1 19  ? -5.788  13.116  10.635  1.00 23.15 ? 19  ASN A O   1 
ATOM   127  C CB  . ASN A 1 19  ? -7.926  14.918  10.590  1.00 23.15 ? 19  ASN A CB  1 
ATOM   128  C CG  . ASN A 1 19  ? -9.237  15.644  10.756  1.00 23.86 ? 19  ASN A CG  1 
ATOM   129  O OD1 . ASN A 1 19  ? -9.794  16.476  9.948   1.00 23.38 ? 19  ASN A OD1 1 
ATOM   130  N ND2 . ASN A 1 19  ? -9.771  15.262  11.956  1.00 23.95 ? 19  ASN A ND2 1 
ATOM   131  N N   . GLY A 1 20  ? -5.440  13.445  8.386   1.00 21.85 ? 20  GLY A N   1 
ATOM   132  C CA  . GLY A 1 20  ? -4.111  12.828  8.322   1.00 20.77 ? 20  GLY A CA  1 
ATOM   133  C C   . GLY A 1 20  ? -3.866  11.571  9.124   1.00 19.84 ? 20  GLY A C   1 
ATOM   134  O O   . GLY A 1 20  ? -2.708  11.195  9.423   1.00 20.20 ? 20  GLY A O   1 
ATOM   135  N N   . ASP A 1 21  ? -4.918  10.835  9.381   1.00 18.89 ? 21  ASP A N   1 
ATOM   136  C CA  . ASP A 1 21  ? -4.871  9.615   10.147  1.00 18.49 ? 21  ASP A CA  1 
ATOM   137  C C   . ASP A 1 21  ? -5.907  8.584   9.679   1.00 17.91 ? 21  ASP A C   1 
ATOM   138  O O   . ASP A 1 21  ? -6.616  8.728   8.679   1.00 16.60 ? 21  ASP A O   1 
ATOM   139  C CB  . ASP A 1 21  ? -4.977  10.047  11.614  1.00 19.63 ? 21  ASP A CB  1 
ATOM   140  C CG  . ASP A 1 21  ? -3.853  9.425   12.471  1.00 21.25 ? 21  ASP A CG  1 
ATOM   141  O OD1 . ASP A 1 21  ? -2.685  9.677   12.012  1.00 21.82 ? 21  ASP A OD1 1 
ATOM   142  O OD2 . ASP A 1 21  ? -4.103  8.764   13.503  1.00 21.06 ? 21  ASP A OD2 1 
ATOM   143  N N   . LEU A 1 22  ? -5.964  7.540   10.538  1.00 17.21 ? 22  LEU A N   1 
ATOM   144  C CA  . LEU A 1 22  ? -6.832  6.403   10.253  1.00 16.66 ? 22  LEU A CA  1 
ATOM   145  C C   . LEU A 1 22  ? -8.268  6.542   10.745  1.00 16.31 ? 22  LEU A C   1 
ATOM   146  O O   . LEU A 1 22  ? -8.630  6.833   11.905  1.00 16.41 ? 22  LEU A O   1 
ATOM   147  C CB  . LEU A 1 22  ? -6.071  5.212   10.793  1.00 16.84 ? 22  LEU A CB  1 
ATOM   148  C CG  . LEU A 1 22  ? -5.239  4.100   10.228  1.00 16.84 ? 22  LEU A CG  1 
ATOM   149  C CD1 . LEU A 1 22  ? -4.182  4.441   9.233   1.00 16.10 ? 22  LEU A CD1 1 
ATOM   150  C CD2 . LEU A 1 22  ? -4.463  3.468   11.412  1.00 16.66 ? 22  LEU A CD2 1 
ATOM   151  N N   . PRO A 1 23  ? -9.144  6.185   9.824   1.00 15.54 ? 23  PRO A N   1 
ATOM   152  C CA  . PRO A 1 23  ? -10.561 6.206   10.126  1.00 15.48 ? 23  PRO A CA  1 
ATOM   153  C C   . PRO A 1 23  ? -10.801 5.380   11.399  1.00 15.26 ? 23  PRO A C   1 
ATOM   154  O O   . PRO A 1 23  ? -11.948 5.629   11.882  1.00 16.03 ? 23  PRO A O   1 
ATOM   155  C CB  . PRO A 1 23  ? -11.263 5.548   8.940   1.00 15.24 ? 23  PRO A CB  1 
ATOM   156  C CG  . PRO A 1 23  ? -10.291 5.668   7.820   1.00 16.08 ? 23  PRO A CG  1 
ATOM   157  C CD  . PRO A 1 23  ? -8.893  5.792   8.434   1.00 15.95 ? 23  PRO A CD  1 
ATOM   158  N N   . TRP A 1 24  ? -9.893  4.521   11.839  1.00 13.96 ? 24  TRP A N   1 
ATOM   159  C CA  . TRP A 1 24  ? -10.181 3.658   13.013  1.00 13.24 ? 24  TRP A CA  1 
ATOM   160  C C   . TRP A 1 24  ? -9.018  3.568   13.991  1.00 13.56 ? 24  TRP A C   1 
ATOM   161  O O   . TRP A 1 24  ? -7.917  3.993   13.562  1.00 14.11 ? 24  TRP A O   1 
ATOM   162  C CB  . TRP A 1 24  ? -10.507 2.190   12.581  1.00 11.45 ? 24  TRP A CB  1 
ATOM   163  C CG  . TRP A 1 24  ? -9.533  1.829   11.495  1.00 10.75 ? 24  TRP A CG  1 
ATOM   164  C CD1 . TRP A 1 24  ? -8.284  1.328   11.681  1.00 10.19 ? 24  TRP A CD1 1 
ATOM   165  C CD2 . TRP A 1 24  ? -9.668  1.905   10.061  1.00 9.41  ? 24  TRP A CD2 1 
ATOM   166  N NE1 . TRP A 1 24  ? -7.648  1.143   10.513  1.00 9.14  ? 24  TRP A NE1 1 
ATOM   167  C CE2 . TRP A 1 24  ? -8.476  1.503   9.506   1.00 9.15  ? 24  TRP A CE2 1 
ATOM   168  C CE3 . TRP A 1 24  ? -10.676 2.285   9.213   1.00 9.39  ? 24  TRP A CE3 1 
ATOM   169  C CZ2 . TRP A 1 24  ? -8.237  1.543   8.142   1.00 8.96  ? 24  TRP A CZ2 1 
ATOM   170  C CZ3 . TRP A 1 24  ? -10.458 2.304   7.869   1.00 8.65  ? 24  TRP A CZ3 1 
ATOM   171  C CH2 . TRP A 1 24  ? -9.261  1.909   7.332   1.00 8.51  ? 24  TRP A CH2 1 
ATOM   172  N N   . PRO A 1 25  ? -9.334  3.106   15.189  1.00 13.37 ? 25  PRO A N   1 
ATOM   173  C CA  . PRO A 1 25  ? -8.311  2.876   16.223  1.00 13.72 ? 25  PRO A CA  1 
ATOM   174  C C   . PRO A 1 25  ? -7.261  2.031   15.499  1.00 14.54 ? 25  PRO A C   1 
ATOM   175  O O   . PRO A 1 25  ? -7.650  1.246   14.631  1.00 13.76 ? 25  PRO A O   1 
ATOM   176  C CB  . PRO A 1 25  ? -8.907  1.993   17.321  1.00 12.45 ? 25  PRO A CB  1 
ATOM   177  C CG  . PRO A 1 25  ? -10.373 2.061   17.037  1.00 13.28 ? 25  PRO A CG  1 
ATOM   178  C CD  . PRO A 1 25  ? -10.664 2.645   15.655  1.00 13.27 ? 25  PRO A CD  1 
ATOM   179  N N   . PRO A 1 26  ? -6.020  2.221   15.908  1.00 15.78 ? 26  PRO A N   1 
ATOM   180  C CA  . PRO A 1 26  ? -4.951  1.389   15.243  1.00 16.14 ? 26  PRO A CA  1 
ATOM   181  C C   . PRO A 1 26  ? -5.263  -0.032  15.701  1.00 16.21 ? 26  PRO A C   1 
ATOM   182  O O   . PRO A 1 26  ? -5.547  -0.163  16.885  1.00 15.88 ? 26  PRO A O   1 
ATOM   183  C CB  . PRO A 1 26  ? -3.682  2.119   15.608  1.00 16.11 ? 26  PRO A CB  1 
ATOM   184  C CG  . PRO A 1 26  ? -4.005  3.295   16.526  1.00 15.78 ? 26  PRO A CG  1 
ATOM   185  C CD  . PRO A 1 26  ? -5.476  3.098   16.960  1.00 15.45 ? 26  PRO A CD  1 
ATOM   186  N N   . LEU A 1 27  ? -5.276  -1.034  14.839  1.00 16.96 ? 27  LEU A N   1 
ATOM   187  C CA  . LEU A 1 27  ? -5.519  -2.467  14.954  1.00 17.12 ? 27  LEU A CA  1 
ATOM   188  C C   . LEU A 1 27  ? -4.218  -3.250  14.761  1.00 17.53 ? 27  LEU A C   1 
ATOM   189  O O   . LEU A 1 27  ? -3.877  -3.575  13.565  1.00 17.94 ? 27  LEU A O   1 
ATOM   190  C CB  . LEU A 1 27  ? -6.488  -2.844  13.803  1.00 17.07 ? 27  LEU A CB  1 
ATOM   191  C CG  . LEU A 1 27  ? -7.805  -2.070  14.009  1.00 17.72 ? 27  LEU A CG  1 
ATOM   192  C CD1 . LEU A 1 27  ? -8.610  -2.114  12.723  1.00 18.21 ? 27  LEU A CD1 1 
ATOM   193  C CD2 . LEU A 1 27  ? -8.536  -2.637  15.214  1.00 16.73 ? 27  LEU A CD2 1 
ATOM   194  N N   . ARG A 1 28  ? -3.582  -3.559  15.892  1.00 17.26 ? 28  ARG A N   1 
ATOM   195  C CA  . ARG A 1 28  ? -2.241  -4.217  15.713  1.00 17.39 ? 28  ARG A CA  1 
ATOM   196  C C   . ARG A 1 28  ? -2.155  -5.486  14.910  1.00 15.36 ? 28  ARG A C   1 
ATOM   197  O O   . ARG A 1 28  ? -1.079  -5.443  14.303  1.00 14.20 ? 28  ARG A O   1 
ATOM   198  C CB  . ARG A 1 28  ? -1.278  -4.207  16.904  1.00 18.21 ? 28  ARG A CB  1 
ATOM   199  C CG  . ARG A 1 28  ? -1.457  -5.276  17.934  1.00 20.14 ? 28  ARG A CG  1 
ATOM   200  C CD  . ARG A 1 28  ? -0.290  -6.214  17.925  1.00 22.41 ? 28  ARG A CD  1 
ATOM   201  N NE  . ARG A 1 28  ? 0.153   -6.435  19.326  1.00 24.31 ? 28  ARG A NE  1 
ATOM   202  C CZ  . ARG A 1 28  ? -0.507  -7.365  20.068  1.00 25.84 ? 28  ARG A CZ  1 
ATOM   203  N NH1 . ARG A 1 28  ? -1.487  -8.227  19.670  1.00 25.38 ? 28  ARG A NH1 1 
ATOM   204  N NH2 . ARG A 1 28  ? -0.139  -7.320  21.386  1.00 26.43 ? 28  ARG A NH2 1 
ATOM   205  N N   . ASN A 1 29  ? -3.025  -6.449  14.854  1.00 14.41 ? 29  ASN A N   1 
ATOM   206  C CA  . ASN A 1 29  ? -2.667  -7.583  13.945  1.00 14.06 ? 29  ASN A CA  1 
ATOM   207  C C   . ASN A 1 29  ? -2.761  -7.158  12.480  1.00 14.07 ? 29  ASN A C   1 
ATOM   208  O O   . ASN A 1 29  ? -2.109  -7.797  11.631  1.00 13.74 ? 29  ASN A O   1 
ATOM   209  C CB  . ASN A 1 29  ? -3.495  -8.811  14.246  1.00 14.16 ? 29  ASN A CB  1 
ATOM   210  C CG  . ASN A 1 29  ? -3.117  -9.159  15.677  1.00 14.40 ? 29  ASN A CG  1 
ATOM   211  O OD1 . ASN A 1 29  ? -1.931  -9.071  16.021  1.00 15.06 ? 29  ASN A OD1 1 
ATOM   212  N ND2 . ASN A 1 29  ? -4.125  -9.476  16.445  1.00 14.37 ? 29  ASN A ND2 1 
ATOM   213  N N   . GLU A 1 30  ? -3.576  -6.120  12.234  1.00 13.66 ? 30  GLU A N   1 
ATOM   214  C CA  . GLU A 1 30  ? -3.719  -5.622  10.860  1.00 13.32 ? 30  GLU A CA  1 
ATOM   215  C C   . GLU A 1 30  ? -2.419  -4.936  10.429  1.00 12.36 ? 30  GLU A C   1 
ATOM   216  O O   . GLU A 1 30  ? -2.027  -4.969  9.298   1.00 11.19 ? 30  GLU A O   1 
ATOM   217  C CB  . GLU A 1 30  ? -4.959  -4.754  10.680  1.00 13.97 ? 30  GLU A CB  1 
ATOM   218  C CG  . GLU A 1 30  ? -5.462  -4.527  9.248   1.00 13.85 ? 30  GLU A CG  1 
ATOM   219  C CD  . GLU A 1 30  ? -4.755  -3.587  8.368   1.00 14.33 ? 30  GLU A CD  1 
ATOM   220  O OE1 . GLU A 1 30  ? -4.584  -2.429  8.795   1.00 14.75 ? 30  GLU A OE1 1 
ATOM   221  O OE2 . GLU A 1 30  ? -4.320  -3.798  7.248   1.00 15.06 ? 30  GLU A OE2 1 
ATOM   222  N N   . PHE A 1 31  ? -1.690  -4.307  11.291  1.00 12.79 ? 31  PHE A N   1 
ATOM   223  C CA  . PHE A 1 31  ? -0.428  -3.625  11.266  1.00 13.17 ? 31  PHE A CA  1 
ATOM   224  C C   . PHE A 1 31  ? 0.678   -4.669  11.052  1.00 14.29 ? 31  PHE A C   1 
ATOM   225  O O   . PHE A 1 31  ? 1.564   -4.557  10.172  1.00 14.79 ? 31  PHE A O   1 
ATOM   226  C CB  . PHE A 1 31  ? -0.239  -2.767  12.525  1.00 12.90 ? 31  PHE A CB  1 
ATOM   227  C CG  . PHE A 1 31  ? -0.648  -1.321  12.350  1.00 12.90 ? 31  PHE A CG  1 
ATOM   228  C CD1 . PHE A 1 31  ? -0.338  -0.628  11.194  1.00 12.35 ? 31  PHE A CD1 1 
ATOM   229  C CD2 . PHE A 1 31  ? -1.437  -0.666  13.294  1.00 13.56 ? 31  PHE A CD2 1 
ATOM   230  C CE1 . PHE A 1 31  ? -0.693  0.680   10.997  1.00 13.06 ? 31  PHE A CE1 1 
ATOM   231  C CE2 . PHE A 1 31  ? -1.845  0.671   13.111  1.00 12.77 ? 31  PHE A CE2 1 
ATOM   232  C CZ  . PHE A 1 31  ? -1.453  1.331   11.979  1.00 12.59 ? 31  PHE A CZ  1 
ATOM   233  N N   . ARG A 1 32  ? 0.655   -5.737  11.835  1.00 14.99 ? 32  ARG A N   1 
ATOM   234  C CA  . ARG A 1 32  ? 1.658   -6.811  11.731  1.00 15.90 ? 32  ARG A CA  1 
ATOM   235  C C   . ARG A 1 32  ? 1.610   -7.456  10.374  1.00 15.44 ? 32  ARG A C   1 
ATOM   236  O O   . ARG A 1 32  ? 2.624   -7.806  9.736   1.00 16.43 ? 32  ARG A O   1 
ATOM   237  C CB  . ARG A 1 32  ? 1.473   -7.801  12.887  1.00 17.64 ? 32  ARG A CB  1 
ATOM   238  C CG  . ARG A 1 32  ? 1.614   -6.941  14.192  1.00 18.60 ? 32  ARG A CG  1 
ATOM   239  C CD  . ARG A 1 32  ? 2.210   -7.916  15.141  1.00 20.84 ? 32  ARG A CD  1 
ATOM   240  N NE  . ARG A 1 32  ? 1.328   -8.531  16.093  1.00 22.71 ? 32  ARG A NE  1 
ATOM   241  C CZ  . ARG A 1 32  ? 1.324   -9.843  16.339  1.00 24.25 ? 32  ARG A CZ  1 
ATOM   242  N NH1 . ARG A 1 32  ? 2.058   -10.720 15.621  1.00 25.03 ? 32  ARG A NH1 1 
ATOM   243  N NH2 . ARG A 1 32  ? 0.624   -10.266 17.411  1.00 24.19 ? 32  ARG A NH2 1 
ATOM   244  N N   . TYR A 1 33  ? 0.425   -7.569  9.845   1.00 14.50 ? 33  TYR A N   1 
ATOM   245  C CA  . TYR A 1 33  ? 0.174   -8.138  8.512   1.00 13.60 ? 33  TYR A CA  1 
ATOM   246  C C   . TYR A 1 33  ? 0.690   -7.218  7.410   1.00 13.60 ? 33  TYR A C   1 
ATOM   247  O O   . TYR A 1 33  ? 1.266   -7.565  6.364   1.00 13.63 ? 33  TYR A O   1 
ATOM   248  C CB  . TYR A 1 33  ? -1.317  -8.348  8.418   1.00 13.26 ? 33  TYR A CB  1 
ATOM   249  C CG  . TYR A 1 33  ? -1.883  -8.388  7.039   1.00 13.62 ? 33  TYR A CG  1 
ATOM   250  C CD1 . TYR A 1 33  ? -2.005  -9.559  6.293   1.00 13.40 ? 33  TYR A CD1 1 
ATOM   251  C CD2 . TYR A 1 33  ? -2.363  -7.158  6.542   1.00 13.82 ? 33  TYR A CD2 1 
ATOM   252  C CE1 . TYR A 1 33  ? -2.607  -9.517  5.016   1.00 13.82 ? 33  TYR A CE1 1 
ATOM   253  C CE2 . TYR A 1 33  ? -2.940  -7.110  5.256   1.00 14.15 ? 33  TYR A CE2 1 
ATOM   254  C CZ  . TYR A 1 33  ? -3.029  -8.289  4.514   1.00 14.01 ? 33  TYR A CZ  1 
ATOM   255  O OH  . TYR A 1 33  ? -3.572  -8.170  3.274   1.00 14.62 ? 33  TYR A OH  1 
ATOM   256  N N   . PHE A 1 34  ? 0.334   -5.954  7.661   1.00 12.31 ? 34  PHE A N   1 
ATOM   257  C CA  . PHE A 1 34  ? 0.722   -4.883  6.752   1.00 10.64 ? 34  PHE A CA  1 
ATOM   258  C C   . PHE A 1 34  ? 2.263   -4.952  6.699   1.00 10.67 ? 34  PHE A C   1 
ATOM   259  O O   . PHE A 1 34  ? 2.861   -4.861  5.638   1.00 10.75 ? 34  PHE A O   1 
ATOM   260  C CB  . PHE A 1 34  ? 0.308   -3.513  7.298   1.00 8.34  ? 34  PHE A CB  1 
ATOM   261  C CG  . PHE A 1 34  ? 1.045   -2.449  6.515   1.00 6.81  ? 34  PHE A CG  1 
ATOM   262  C CD1 . PHE A 1 34  ? 2.285   -1.996  6.897   1.00 5.62  ? 34  PHE A CD1 1 
ATOM   263  C CD2 . PHE A 1 34  ? 0.444   -1.944  5.342   1.00 5.89  ? 34  PHE A CD2 1 
ATOM   264  C CE1 . PHE A 1 34  ? 2.924   -1.000  6.187   1.00 4.45  ? 34  PHE A CE1 1 
ATOM   265  C CE2 . PHE A 1 34  ? 1.061   -0.940  4.634   1.00 5.46  ? 34  PHE A CE2 1 
ATOM   266  C CZ  . PHE A 1 34  ? 2.307   -0.438  5.098   1.00 4.59  ? 34  PHE A CZ  1 
ATOM   267  N N   . GLN A 1 35  ? 2.840   -5.011  7.883   1.00 10.62 ? 35  GLN A N   1 
ATOM   268  C CA  . GLN A 1 35  ? 4.312   -5.102  7.996   1.00 11.56 ? 35  GLN A CA  1 
ATOM   269  C C   . GLN A 1 35  ? 4.765   -6.340  7.213   1.00 11.94 ? 35  GLN A C   1 
ATOM   270  O O   . GLN A 1 35  ? 5.611   -6.119  6.308   1.00 13.11 ? 35  GLN A O   1 
ATOM   271  C CB  . GLN A 1 35  ? 4.724   -5.113  9.472   1.00 11.70 ? 35  GLN A CB  1 
ATOM   272  C CG  . GLN A 1 35  ? 6.157   -5.521  9.656   1.00 10.97 ? 35  GLN A CG  1 
ATOM   273  C CD  . GLN A 1 35  ? 6.664   -5.070  10.984  1.00 11.80 ? 35  GLN A CD  1 
ATOM   274  O OE1 . GLN A 1 35  ? 7.540   -4.188  11.101  1.00 12.88 ? 35  GLN A OE1 1 
ATOM   275  N NE2 . GLN A 1 35  ? 6.155   -5.667  12.057  1.00 12.05 ? 35  GLN A NE2 1 
ATOM   276  N N   . ARG A 1 36  ? 4.168   -7.475  7.418   1.00 11.11 ? 36  ARG A N   1 
ATOM   277  C CA  . ARG A 1 36  ? 4.383   -8.796  6.829   1.00 11.00 ? 36  ARG A CA  1 
ATOM   278  C C   . ARG A 1 36  ? 4.578   -8.985  5.377   1.00 9.73  ? 36  ARG A C   1 
ATOM   279  O O   . ARG A 1 36  ? 5.475   -9.801  4.978   1.00 10.52 ? 36  ARG A O   1 
ATOM   280  C CB  . ARG A 1 36  ? 3.338   -9.823  7.381   1.00 12.87 ? 36  ARG A CB  1 
ATOM   281  C CG  . ARG A 1 36  ? 2.998   -11.033 6.562   1.00 14.10 ? 36  ARG A CG  1 
ATOM   282  C CD  . ARG A 1 36  ? 2.062   -12.051 7.049   1.00 14.62 ? 36  ARG A CD  1 
ATOM   283  N NE  . ARG A 1 36  ? 0.756   -12.089 6.433   1.00 16.03 ? 36  ARG A NE  1 
ATOM   284  C CZ  . ARG A 1 36  ? 0.117   -12.406 5.333   1.00 16.64 ? 36  ARG A CZ  1 
ATOM   285  N NH1 . ARG A 1 36  ? 0.728   -12.901 4.230   1.00 17.54 ? 36  ARG A NH1 1 
ATOM   286  N NH2 . ARG A 1 36  ? -1.208  -12.242 5.164   1.00 16.61 ? 36  ARG A NH2 1 
ATOM   287  N N   . MET A 1 37  ? 3.830   -8.170  4.649   1.00 9.23  ? 37  MET A N   1 
ATOM   288  C CA  . MET A 1 37  ? 3.556   -8.370  3.210   1.00 7.34  ? 37  MET A CA  1 
ATOM   289  C C   . MET A 1 37  ? 4.545   -7.562  2.394   1.00 7.53  ? 37  MET A C   1 
ATOM   290  O O   . MET A 1 37  ? 5.198   -7.918  1.399   1.00 5.92  ? 37  MET A O   1 
ATOM   291  C CB  . MET A 1 37  ? 2.099   -8.089  2.967   1.00 8.21  ? 37  MET A CB  1 
ATOM   292  C CG  . MET A 1 37  ? 1.028   -8.970  3.629   1.00 8.78  ? 37  MET A CG  1 
ATOM   293  S SD  . MET A 1 37  ? 0.684   -10.334 2.354   1.00 11.40 ? 37  MET A SD  1 
ATOM   294  C CE  . MET A 1 37  ? 2.432   -10.918 2.540   1.00 11.25 ? 37  MET A CE  1 
ATOM   295  N N   . THR A 1 38  ? 4.671   -6.338  2.874   1.00 8.08  ? 38  THR A N   1 
ATOM   296  C CA  . THR A 1 38  ? 5.450   -5.231  2.346   1.00 8.59  ? 38  THR A CA  1 
ATOM   297  C C   . THR A 1 38  ? 6.934   -5.321  2.614   1.00 9.54  ? 38  THR A C   1 
ATOM   298  O O   . THR A 1 38  ? 7.774   -4.772  1.863   1.00 8.97  ? 38  THR A O   1 
ATOM   299  C CB  . THR A 1 38  ? 4.803   -3.852  2.781   1.00 8.68  ? 38  THR A CB  1 
ATOM   300  O OG1 . THR A 1 38  ? 4.528   -3.916  4.262   1.00 9.88  ? 38  THR A OG1 1 
ATOM   301  C CG2 . THR A 1 38  ? 3.509   -3.478  2.095   1.00 8.61  ? 38  THR A CG2 1 
ATOM   302  N N   . THR A 1 39  ? 7.333   -6.026  3.646   1.00 11.37 ? 39  THR A N   1 
ATOM   303  C CA  . THR A 1 39  ? 8.767   -6.210  3.990   1.00 12.58 ? 39  THR A CA  1 
ATOM   304  C C   . THR A 1 39  ? 9.340   -7.477  3.386   1.00 12.70 ? 39  THR A C   1 
ATOM   305  O O   . THR A 1 39  ? 10.375  -7.486  2.769   1.00 12.27 ? 39  THR A O   1 
ATOM   306  C CB  . THR A 1 39  ? 8.906   -6.403  5.578   1.00 12.76 ? 39  THR A CB  1 
ATOM   307  O OG1 . THR A 1 39  ? 8.055   -5.374  6.062   1.00 11.58 ? 39  THR A OG1 1 
ATOM   308  C CG2 . THR A 1 39  ? 10.361  -6.299  6.048   1.00 12.96 ? 39  THR A CG2 1 
ATOM   309  N N   . THR A 1 40  ? 8.600   -8.546  3.707   1.00 14.16 ? 40  THR A N   1 
ATOM   310  C CA  . THR A 1 40  ? 8.914   -9.943  3.273   1.00 14.50 ? 40  THR A CA  1 
ATOM   311  C C   . THR A 1 40  ? 9.390   -10.245 1.854   1.00 14.82 ? 40  THR A C   1 
ATOM   312  O O   . THR A 1 40  ? 8.597   -10.344 0.915   1.00 13.34 ? 40  THR A O   1 
ATOM   313  C CB  . THR A 1 40  ? 7.603   -10.806 3.483   1.00 14.31 ? 40  THR A CB  1 
ATOM   314  O OG1 . THR A 1 40  ? 7.698   -11.295 4.826   1.00 14.35 ? 40  THR A OG1 1 
ATOM   315  C CG2 . THR A 1 40  ? 7.450   -11.934 2.474   1.00 15.38 ? 40  THR A CG2 1 
ATOM   316  N N   . SER A 1 41  ? 10.698  -10.495 1.703   1.00 15.93 ? 41  SER A N   1 
ATOM   317  C CA  . SER A 1 41  ? 11.209  -10.806 0.355   1.00 17.70 ? 41  SER A CA  1 
ATOM   318  C C   . SER A 1 41  ? 11.997  -12.116 0.303   1.00 19.45 ? 41  SER A C   1 
ATOM   319  O O   . SER A 1 41  ? 12.887  -12.495 1.087   1.00 19.27 ? 41  SER A O   1 
ATOM   320  C CB  . SER A 1 41  ? 11.931  -9.565  -0.164  1.00 17.21 ? 41  SER A CB  1 
ATOM   321  O OG  . SER A 1 41  ? 12.827  -9.762  -1.181  1.00 15.85 ? 41  SER A OG  1 
ATOM   322  N N   . SER A 1 42  ? 11.634  -12.828 -0.772  1.00 21.24 ? 42  SER A N   1 
ATOM   323  C CA  . SER A 1 42  ? 12.150  -14.164 -1.162  1.00 22.29 ? 42  SER A CA  1 
ATOM   324  C C   . SER A 1 42  ? 13.464  -13.998 -1.927  1.00 22.76 ? 42  SER A C   1 
ATOM   325  O O   . SER A 1 42  ? 14.455  -14.771 -1.681  1.00 23.72 ? 42  SER A O   1 
ATOM   326  C CB  . SER A 1 42  ? 11.074  -14.916 -1.946  1.00 22.01 ? 42  SER A CB  1 
ATOM   327  O OG  . SER A 1 42  ? 10.350  -13.900 -2.701  1.00 22.82 ? 42  SER A OG  1 
ATOM   328  N N   . VAL A 1 43  ? 13.475  -13.027 -2.817  1.00 22.19 ? 43  VAL A N   1 
ATOM   329  C CA  . VAL A 1 43  ? 14.768  -12.861 -3.575  1.00 22.16 ? 43  VAL A CA  1 
ATOM   330  C C   . VAL A 1 43  ? 15.792  -12.506 -2.495  1.00 22.27 ? 43  VAL A C   1 
ATOM   331  O O   . VAL A 1 43  ? 15.489  -11.821 -1.477  1.00 22.62 ? 43  VAL A O   1 
ATOM   332  C CB  . VAL A 1 43  ? 14.505  -12.038 -4.833  1.00 21.64 ? 43  VAL A CB  1 
ATOM   333  C CG1 . VAL A 1 43  ? 15.674  -12.190 -5.830  1.00 21.25 ? 43  VAL A CG1 1 
ATOM   334  C CG2 . VAL A 1 43  ? 13.222  -12.331 -5.553  1.00 20.32 ? 43  VAL A CG2 1 
ATOM   335  N N   . GLU A 1 44  ? 17.030  -12.978 -2.593  1.00 22.31 ? 44  GLU A N   1 
ATOM   336  C CA  . GLU A 1 44  ? 17.960  -12.627 -1.489  1.00 22.44 ? 44  GLU A CA  1 
ATOM   337  C C   . GLU A 1 44  ? 18.812  -11.485 -1.974  1.00 22.21 ? 44  GLU A C   1 
ATOM   338  O O   . GLU A 1 44  ? 19.136  -11.824 -3.145  1.00 22.68 ? 44  GLU A O   1 
ATOM   339  C CB  . GLU A 1 44  ? 19.054  -13.622 -1.291  1.00 23.28 ? 44  GLU A CB  1 
ATOM   340  C CG  . GLU A 1 44  ? 19.958  -13.453 -0.054  1.00 23.90 ? 44  GLU A CG  1 
ATOM   341  C CD  . GLU A 1 44  ? 19.668  -14.674 0.807   1.00 23.76 ? 44  GLU A CD  1 
ATOM   342  O OE1 . GLU A 1 44  ? 19.105  -15.645 0.314   1.00 23.67 ? 44  GLU A OE1 1 
ATOM   343  O OE2 . GLU A 1 44  ? 20.059  -14.462 1.951   1.00 23.91 ? 44  GLU A OE2 1 
ATOM   344  N N   . GLY A 1 45  ? 18.885  -10.551 -0.977  1.00 21.32 ? 45  GLY A N   1 
ATOM   345  C CA  . GLY A 1 45  ? 19.780  -9.456  -1.483  1.00 19.57 ? 45  GLY A CA  1 
ATOM   346  C C   . GLY A 1 45  ? 19.083  -8.147  -1.843  1.00 18.87 ? 45  GLY A C   1 
ATOM   347  O O   . GLY A 1 45  ? 19.696  -7.043  -1.894  1.00 17.47 ? 45  GLY A O   1 
ATOM   348  N N   . LYS A 1 46  ? 17.775  -8.380  -2.075  1.00 17.82 ? 46  LYS A N   1 
ATOM   349  C CA  . LYS A 1 46  ? 16.771  -7.409  -2.458  1.00 16.74 ? 46  LYS A CA  1 
ATOM   350  C C   . LYS A 1 46  ? 15.720  -7.020  -1.420  1.00 16.54 ? 46  LYS A C   1 
ATOM   351  O O   . LYS A 1 46  ? 15.185  -7.822  -0.674  1.00 16.06 ? 46  LYS A O   1 
ATOM   352  C CB  . LYS A 1 46  ? 15.892  -8.000  -3.586  1.00 16.33 ? 46  LYS A CB  1 
ATOM   353  C CG  . LYS A 1 46  ? 16.702  -8.104  -4.885  1.00 16.13 ? 46  LYS A CG  1 
ATOM   354  C CD  . LYS A 1 46  ? 15.764  -8.665  -5.951  1.00 16.27 ? 46  LYS A CD  1 
ATOM   355  C CE  . LYS A 1 46  ? 16.617  -8.882  -7.200  1.00 16.38 ? 46  LYS A CE  1 
ATOM   356  N NZ  . LYS A 1 46  ? 15.629  -9.398  -8.205  1.00 18.04 ? 46  LYS A NZ  1 
ATOM   357  N N   . GLN A 1 47  ? 15.387  -5.731  -1.460  1.00 16.37 ? 47  GLN A N   1 
ATOM   358  C CA  . GLN A 1 47  ? 14.347  -5.164  -0.584  1.00 15.71 ? 47  GLN A CA  1 
ATOM   359  C C   . GLN A 1 47  ? 13.123  -4.916  -1.465  1.00 14.48 ? 47  GLN A C   1 
ATOM   360  O O   . GLN A 1 47  ? 13.143  -5.000  -2.717  1.00 13.92 ? 47  GLN A O   1 
ATOM   361  C CB  . GLN A 1 47  ? 14.756  -3.824  0.087   1.00 16.47 ? 47  GLN A CB  1 
ATOM   362  C CG  . GLN A 1 47  ? 15.149  -4.052  1.548   1.00 17.50 ? 47  GLN A CG  1 
ATOM   363  C CD  . GLN A 1 47  ? 16.155  -3.033  2.078   1.00 18.50 ? 47  GLN A CD  1 
ATOM   364  O OE1 . GLN A 1 47  ? 16.630  -2.203  1.266   1.00 18.91 ? 47  GLN A OE1 1 
ATOM   365  N NE2 . GLN A 1 47  ? 16.461  -3.112  3.391   1.00 18.20 ? 47  GLN A NE2 1 
ATOM   366  N N   . ASN A 1 48  ? 12.053  -4.639  -0.715  1.00 13.37 ? 48  ASN A N   1 
ATOM   367  C CA  . ASN A 1 48  ? 10.792  -4.313  -1.486  1.00 12.38 ? 48  ASN A CA  1 
ATOM   368  C C   . ASN A 1 48  ? 10.899  -2.794  -1.474  1.00 12.44 ? 48  ASN A C   1 
ATOM   369  O O   . ASN A 1 48  ? 11.704  -2.144  -0.794  1.00 11.57 ? 48  ASN A O   1 
ATOM   370  C CB  . ASN A 1 48  ? 9.603   -4.946  -0.845  1.00 11.66 ? 48  ASN A CB  1 
ATOM   371  C CG  . ASN A 1 48  ? 9.237   -6.375  -1.015  1.00 10.14 ? 48  ASN A CG  1 
ATOM   372  O OD1 . ASN A 1 48  ? 9.851   -7.159  -1.720  1.00 9.59  ? 48  ASN A OD1 1 
ATOM   373  N ND2 . ASN A 1 48  ? 8.151   -6.799  -0.408  1.00 10.44 ? 48  ASN A ND2 1 
ATOM   374  N N   . LEU A 1 49  ? 10.033  -2.235  -2.267  1.00 13.87 ? 49  LEU A N   1 
ATOM   375  C CA  . LEU A 1 49  ? 9.949   -0.732  -2.394  1.00 13.62 ? 49  LEU A CA  1 
ATOM   376  C C   . LEU A 1 49  ? 8.481   -0.574  -2.079  1.00 14.22 ? 49  LEU A C   1 
ATOM   377  O O   . LEU A 1 49  ? 7.673   -1.407  -2.558  1.00 14.79 ? 49  LEU A O   1 
ATOM   378  C CB  . LEU A 1 49  ? 10.541  -0.369  -3.773  1.00 13.16 ? 49  LEU A CB  1 
ATOM   379  C CG  . LEU A 1 49  ? 10.581  1.114   -4.162  1.00 14.03 ? 49  LEU A CG  1 
ATOM   380  C CD1 . LEU A 1 49  ? 11.847  1.832   -3.678  1.00 13.89 ? 49  LEU A CD1 1 
ATOM   381  C CD2 . LEU A 1 49  ? 10.547  1.371   -5.671  1.00 13.37 ? 49  LEU A CD2 1 
ATOM   382  N N   . VAL A 1 50  ? 8.091   0.369   -1.291  1.00 14.99 ? 50  VAL A N   1 
ATOM   383  C CA  . VAL A 1 50  ? 6.772   0.853   -0.820  1.00 14.35 ? 50  VAL A CA  1 
ATOM   384  C C   . VAL A 1 50  ? 6.643   2.270   -1.378  1.00 14.64 ? 50  VAL A C   1 
ATOM   385  O O   . VAL A 1 50  ? 7.514   3.119   -1.122  1.00 15.66 ? 50  VAL A O   1 
ATOM   386  C CB  . VAL A 1 50  ? 6.835   0.728   0.715   1.00 14.53 ? 50  VAL A CB  1 
ATOM   387  C CG1 . VAL A 1 50  ? 7.083   -0.748  1.130   1.00 14.28 ? 50  VAL A CG1 1 
ATOM   388  C CG2 . VAL A 1 50  ? 8.055   1.490   1.247   1.00 14.82 ? 50  VAL A CG2 1 
ATOM   389  N N   . ILE A 1 51  ? 5.731   2.628   -2.231  1.00 14.35 ? 51  ILE A N   1 
ATOM   390  C CA  . ILE A 1 51  ? 5.497   3.895   -2.841  1.00 14.37 ? 51  ILE A CA  1 
ATOM   391  C C   . ILE A 1 51  ? 4.342   4.482   -2.023  1.00 16.01 ? 51  ILE A C   1 
ATOM   392  O O   . ILE A 1 51  ? 3.368   3.669   -1.885  1.00 16.05 ? 51  ILE A O   1 
ATOM   393  C CB  . ILE A 1 51  ? 5.181   3.921   -4.341  1.00 13.87 ? 51  ILE A CB  1 
ATOM   394  C CG1 . ILE A 1 51  ? 6.333   3.358   -5.208  1.00 13.82 ? 51  ILE A CG1 1 
ATOM   395  C CG2 . ILE A 1 51  ? 4.858   5.386   -4.707  1.00 13.53 ? 51  ILE A CG2 1 
ATOM   396  C CD1 . ILE A 1 51  ? 6.334   1.794   -5.417  1.00 13.58 ? 51  ILE A CD1 1 
ATOM   397  N N   . MET A 1 52  ? 4.587   5.730   -1.539  1.00 16.17 ? 52  MET A N   1 
ATOM   398  C CA  . MET A 1 52  ? 3.576   6.360   -0.669  1.00 16.30 ? 52  MET A CA  1 
ATOM   399  C C   . MET A 1 52  ? 3.524   7.868   -0.946  1.00 17.54 ? 52  MET A C   1 
ATOM   400  O O   . MET A 1 52  ? 4.525   8.388   -1.477  1.00 17.33 ? 52  MET A O   1 
ATOM   401  C CB  . MET A 1 52  ? 3.847   5.918   0.736   1.00 16.32 ? 52  MET A CB  1 
ATOM   402  C CG  . MET A 1 52  ? 4.880   6.710   1.534   1.00 17.56 ? 52  MET A CG  1 
ATOM   403  S SD  . MET A 1 52  ? 5.003   5.950   3.228   1.00 18.91 ? 52  MET A SD  1 
ATOM   404  C CE  . MET A 1 52  ? 6.588   5.101   3.085   1.00 17.59 ? 52  MET A CE  1 
ATOM   405  N N   . GLY A 1 53  ? 2.408   8.522   -0.639  1.00 17.67 ? 53  GLY A N   1 
ATOM   406  C CA  . GLY A 1 53  ? 2.126   9.933   -0.831  1.00 18.36 ? 53  GLY A CA  1 
ATOM   407  C C   . GLY A 1 53  ? 2.624   10.862  0.271   1.00 19.13 ? 53  GLY A C   1 
ATOM   408  O O   . GLY A 1 53  ? 3.176   10.329  1.237   1.00 19.37 ? 53  GLY A O   1 
ATOM   409  N N   . LYS A 1 54  ? 2.492   12.194  0.157   1.00 19.48 ? 54  LYS A N   1 
ATOM   410  C CA  . LYS A 1 54  ? 2.993   13.094  1.222   1.00 18.51 ? 54  LYS A CA  1 
ATOM   411  C C   . LYS A 1 54  ? 2.203   12.833  2.499   1.00 17.62 ? 54  LYS A C   1 
ATOM   412  O O   . LYS A 1 54  ? 2.783   12.502  3.559   1.00 17.40 ? 54  LYS A O   1 
ATOM   413  C CB  . LYS A 1 54  ? 3.051   14.581  0.868   1.00 18.56 ? 54  LYS A CB  1 
ATOM   414  C CG  . LYS A 1 54  ? 3.040   15.432  2.138   1.00 18.47 ? 54  LYS A CG  1 
ATOM   415  C CD  . LYS A 1 54  ? 3.109   16.863  2.439   1.00 17.77 ? 54  LYS A CD  1 
ATOM   416  C CE  . LYS A 1 54  ? 3.004   18.031  1.494   1.00 16.52 ? 54  LYS A CE  1 
ATOM   417  N NZ  . LYS A 1 54  ? 1.765   17.832  0.713   1.00 16.30 ? 54  LYS A NZ  1 
ATOM   418  N N   . LYS A 1 55  ? 0.886   12.970  2.445   1.00 16.53 ? 55  LYS A N   1 
ATOM   419  C CA  . LYS A 1 55  ? 0.066   12.708  3.655   1.00 15.74 ? 55  LYS A CA  1 
ATOM   420  C C   . LYS A 1 55  ? 0.112   11.350  4.304   1.00 15.10 ? 55  LYS A C   1 
ATOM   421  O O   . LYS A 1 55  ? -0.421  11.216  5.423   1.00 16.12 ? 55  LYS A O   1 
ATOM   422  C CB  . LYS A 1 55  ? -1.431  12.955  3.441   1.00 16.02 ? 55  LYS A CB  1 
ATOM   423  C CG  . LYS A 1 55  ? -1.730  14.369  3.004   1.00 16.71 ? 55  LYS A CG  1 
ATOM   424  C CD  . LYS A 1 55  ? -3.202  14.680  2.768   1.00 16.83 ? 55  LYS A CD  1 
ATOM   425  C CE  . LYS A 1 55  ? -3.820  14.693  4.146   1.00 16.68 ? 55  LYS A CE  1 
ATOM   426  N NZ  . LYS A 1 55  ? -2.602  14.838  5.041   1.00 16.77 ? 55  LYS A NZ  1 
ATOM   427  N N   . THR A 1 56  ? 0.619   10.289  3.763   1.00 15.16 ? 56  THR A N   1 
ATOM   428  C CA  . THR A 1 56  ? 0.717   8.903   4.273   1.00 13.27 ? 56  THR A CA  1 
ATOM   429  C C   . THR A 1 56  ? 2.036   8.779   5.006   1.00 11.26 ? 56  THR A C   1 
ATOM   430  O O   . THR A 1 56  ? 2.068   8.177   6.077   1.00 10.53 ? 56  THR A O   1 
ATOM   431  C CB  . THR A 1 56  ? 0.567   7.784   3.180   1.00 13.87 ? 56  THR A CB  1 
ATOM   432  O OG1 . THR A 1 56  ? -0.753  7.912   2.563   1.00 14.34 ? 56  THR A OG1 1 
ATOM   433  C CG2 . THR A 1 56  ? 0.775   6.320   3.620   1.00 13.74 ? 56  THR A CG2 1 
ATOM   434  N N   . TRP A 1 57  ? 3.033   9.354   4.404   1.00 10.19 ? 57  TRP A N   1 
ATOM   435  C CA  . TRP A 1 57  ? 4.375   9.357   5.035   1.00 11.42 ? 57  TRP A CA  1 
ATOM   436  C C   . TRP A 1 57  ? 4.300   9.911   6.468   1.00 11.49 ? 57  TRP A C   1 
ATOM   437  O O   . TRP A 1 57  ? 4.737   9.325   7.490   1.00 11.09 ? 57  TRP A O   1 
ATOM   438  C CB  . TRP A 1 57  ? 5.430   9.951   4.149   1.00 11.71 ? 57  TRP A CB  1 
ATOM   439  C CG  . TRP A 1 57  ? 6.729   10.304  4.803   1.00 12.04 ? 57  TRP A CG  1 
ATOM   440  C CD1 . TRP A 1 57  ? 7.053   11.545  5.282   1.00 11.69 ? 57  TRP A CD1 1 
ATOM   441  C CD2 . TRP A 1 57  ? 7.898   9.493   4.979   1.00 11.85 ? 57  TRP A CD2 1 
ATOM   442  N NE1 . TRP A 1 57  ? 8.326   11.534  5.750   1.00 11.58 ? 57  TRP A NE1 1 
ATOM   443  C CE2 . TRP A 1 57  ? 8.874   10.296  5.615   1.00 11.51 ? 57  TRP A CE2 1 
ATOM   444  C CE3 . TRP A 1 57  ? 8.218   8.157   4.682   1.00 12.06 ? 57  TRP A CE3 1 
ATOM   445  C CZ2 . TRP A 1 57  ? 10.124  9.806   5.926   1.00 11.42 ? 57  TRP A CZ2 1 
ATOM   446  C CZ3 . TRP A 1 57  ? 9.458   7.655   5.032   1.00 11.11 ? 57  TRP A CZ3 1 
ATOM   447  C CH2 . TRP A 1 57  ? 10.402  8.466   5.638   1.00 11.17 ? 57  TRP A CH2 1 
ATOM   448  N N   . PHE A 1 58  ? 3.679   11.051  6.580   1.00 12.05 ? 58  PHE A N   1 
ATOM   449  C CA  . PHE A 1 58  ? 3.368   11.873  7.752   1.00 12.73 ? 58  PHE A CA  1 
ATOM   450  C C   . PHE A 1 58  ? 2.468   11.319  8.831   1.00 13.59 ? 58  PHE A C   1 
ATOM   451  O O   . PHE A 1 58  ? 2.747   11.709  9.987   1.00 14.03 ? 58  PHE A O   1 
ATOM   452  C CB  . PHE A 1 58  ? 3.024   13.247  7.181   1.00 13.24 ? 58  PHE A CB  1 
ATOM   453  C CG  . PHE A 1 58  ? 4.258   14.022  6.840   1.00 12.63 ? 58  PHE A CG  1 
ATOM   454  C CD1 . PHE A 1 58  ? 5.310   14.078  7.741   1.00 13.06 ? 58  PHE A CD1 1 
ATOM   455  C CD2 . PHE A 1 58  ? 4.345   14.709  5.673   1.00 12.93 ? 58  PHE A CD2 1 
ATOM   456  C CE1 . PHE A 1 58  ? 6.488   14.799  7.511   1.00 12.87 ? 58  PHE A CE1 1 
ATOM   457  C CE2 . PHE A 1 58  ? 5.480   15.447  5.377   1.00 13.28 ? 58  PHE A CE2 1 
ATOM   458  C CZ  . PHE A 1 58  ? 6.541   15.456  6.274   1.00 13.12 ? 58  PHE A CZ  1 
ATOM   459  N N   . SER A 1 59  ? 1.546   10.428  8.723   1.00 14.61 ? 59  SER A N   1 
ATOM   460  C CA  . SER A 1 59  ? 0.640   9.654   9.511   1.00 15.82 ? 59  SER A CA  1 
ATOM   461  C C   . SER A 1 59  ? 1.329   8.587   10.370  1.00 16.31 ? 59  SER A C   1 
ATOM   462  O O   . SER A 1 59  ? 1.008   8.101   11.471  1.00 17.64 ? 59  SER A O   1 
ATOM   463  C CB  . SER A 1 59  ? -0.124  8.626   8.594   1.00 17.15 ? 59  SER A CB  1 
ATOM   464  O OG  . SER A 1 59  ? 0.755   8.364   7.484   1.00 18.44 ? 59  SER A OG  1 
ATOM   465  N N   . ILE A 1 60  ? 2.366   8.077   9.722   1.00 15.87 ? 60  ILE A N   1 
ATOM   466  C CA  . ILE A 1 60  ? 3.353   7.115   10.194  1.00 13.99 ? 60  ILE A CA  1 
ATOM   467  C C   . ILE A 1 60  ? 4.272   7.787   11.208  1.00 13.58 ? 60  ILE A C   1 
ATOM   468  O O   . ILE A 1 60  ? 5.074   8.629   10.767  1.00 13.34 ? 60  ILE A O   1 
ATOM   469  C CB  . ILE A 1 60  ? 4.291   6.735   8.945   1.00 12.43 ? 60  ILE A CB  1 
ATOM   470  C CG1 . ILE A 1 60  ? 3.571   5.946   7.875   1.00 12.29 ? 60  ILE A CG1 1 
ATOM   471  C CG2 . ILE A 1 60  ? 5.599   6.072   9.427   1.00 12.22 ? 60  ILE A CG2 1 
ATOM   472  C CD1 . ILE A 1 60  ? 4.048   5.067   6.709   1.00 10.35 ? 60  ILE A CD1 1 
ATOM   473  N N   . PRO A 1 61  ? 4.229   7.449   12.486  1.00 13.80 ? 61  PRO A N   1 
ATOM   474  C CA  . PRO A 1 61  ? 5.123   8.005   13.518  1.00 13.32 ? 61  PRO A CA  1 
ATOM   475  C C   . PRO A 1 61  ? 6.553   8.205   13.052  1.00 14.18 ? 61  PRO A C   1 
ATOM   476  O O   . PRO A 1 61  ? 7.144   7.348   12.357  1.00 14.52 ? 61  PRO A O   1 
ATOM   477  C CB  . PRO A 1 61  ? 5.134   6.783   14.437  1.00 12.78 ? 61  PRO A CB  1 
ATOM   478  C CG  . PRO A 1 61  ? 3.703   6.395   14.561  1.00 12.11 ? 61  PRO A CG  1 
ATOM   479  C CD  . PRO A 1 61  ? 3.281   6.498   13.089  1.00 13.38 ? 61  PRO A CD  1 
ATOM   480  N N   . GLU A 1 62  ? 7.209   9.275   13.441  1.00 14.74 ? 62  GLU A N   1 
ATOM   481  C CA  . GLU A 1 62  ? 8.609   9.528   13.064  1.00 15.75 ? 62  GLU A CA  1 
ATOM   482  C C   . GLU A 1 62  ? 9.506   8.334   13.318  1.00 15.59 ? 62  GLU A C   1 
ATOM   483  O O   . GLU A 1 62  ? 10.456  7.894   12.674  1.00 16.55 ? 62  GLU A O   1 
ATOM   484  C CB  . GLU A 1 62  ? 9.041   10.715  13.935  1.00 16.38 ? 62  GLU A CB  1 
ATOM   485  C CG  . GLU A 1 62  ? 10.031  11.671  13.316  1.00 18.36 ? 62  GLU A CG  1 
ATOM   486  C CD  . GLU A 1 62  ? 11.499  11.517  13.606  1.00 19.54 ? 62  GLU A CD  1 
ATOM   487  O OE1 . GLU A 1 62  ? 11.957  11.159  14.671  1.00 19.96 ? 62  GLU A OE1 1 
ATOM   488  O OE2 . GLU A 1 62  ? 12.251  11.842  12.649  1.00 20.31 ? 62  GLU A OE2 1 
ATOM   489  N N   . LYS A 1 63  ? 9.306   7.692   14.432  1.00 15.56 ? 63  LYS A N   1 
ATOM   490  C CA  . LYS A 1 63  ? 9.807   6.586   15.160  1.00 15.84 ? 63  LYS A CA  1 
ATOM   491  C C   . LYS A 1 63  ? 9.955   5.393   14.187  1.00 16.94 ? 63  LYS A C   1 
ATOM   492  O O   . LYS A 1 63  ? 11.045  4.736   14.215  1.00 18.74 ? 63  LYS A O   1 
ATOM   493  C CB  . LYS A 1 63  ? 8.821   6.275   16.284  1.00 15.48 ? 63  LYS A CB  1 
ATOM   494  C CG  . LYS A 1 63  ? 8.841   4.821   16.816  1.00 15.00 ? 63  LYS A CG  1 
ATOM   495  C CD  . LYS A 1 63  ? 7.581   4.603   17.624  1.00 15.04 ? 63  LYS A CD  1 
ATOM   496  C CE  . LYS A 1 63  ? 6.926   3.229   17.415  1.00 15.05 ? 63  LYS A CE  1 
ATOM   497  N NZ  . LYS A 1 63  ? 6.445   2.783   18.797  1.00 14.57 ? 63  LYS A NZ  1 
ATOM   498  N N   . ASN A 1 64  ? 8.918   5.129   13.382  1.00 15.65 ? 64  ASN A N   1 
ATOM   499  C CA  . ASN A 1 64  ? 9.048   4.015   12.449  1.00 14.92 ? 64  ASN A CA  1 
ATOM   500  C C   . ASN A 1 64  ? 9.416   4.532   11.048  1.00 13.72 ? 64  ASN A C   1 
ATOM   501  O O   . ASN A 1 64  ? 9.195   3.775   10.102  1.00 12.97 ? 64  ASN A O   1 
ATOM   502  C CB  . ASN A 1 64  ? 7.753   3.216   12.335  1.00 15.32 ? 64  ASN A CB  1 
ATOM   503  C CG  . ASN A 1 64  ? 7.280   2.943   13.769  1.00 14.80 ? 64  ASN A CG  1 
ATOM   504  O OD1 . ASN A 1 64  ? 8.329   2.863   14.417  1.00 14.45 ? 64  ASN A OD1 1 
ATOM   505  N ND2 . ASN A 1 64  ? 5.970   2.857   13.859  1.00 14.37 ? 64  ASN A ND2 1 
ATOM   506  N N   . ARG A 1 65  ? 9.897   5.736   10.991  1.00 12.86 ? 65  ARG A N   1 
ATOM   507  C CA  . ARG A 1 65  ? 10.290  6.293   9.678   1.00 12.93 ? 65  ARG A CA  1 
ATOM   508  C C   . ARG A 1 65  ? 11.793  6.279   9.469   1.00 12.91 ? 65  ARG A C   1 
ATOM   509  O O   . ARG A 1 65  ? 12.508  6.788   10.335  1.00 12.87 ? 65  ARG A O   1 
ATOM   510  C CB  . ARG A 1 65  ? 9.696   7.697   9.510   1.00 12.13 ? 65  ARG A CB  1 
ATOM   511  C CG  . ARG A 1 65  ? 8.165   7.663   9.433   1.00 11.92 ? 65  ARG A CG  1 
ATOM   512  C CD  . ARG A 1 65  ? 7.683   8.895   8.747   1.00 13.07 ? 65  ARG A CD  1 
ATOM   513  N NE  . ARG A 1 65  ? 8.147   10.228  9.083   1.00 12.58 ? 65  ARG A NE  1 
ATOM   514  C CZ  . ARG A 1 65  ? 7.590   10.996  10.049  1.00 12.45 ? 65  ARG A CZ  1 
ATOM   515  N NH1 . ARG A 1 65  ? 6.585   10.632  10.843  1.00 11.62 ? 65  ARG A NH1 1 
ATOM   516  N NH2 . ARG A 1 65  ? 8.072   12.229  10.301  1.00 12.27 ? 65  ARG A NH2 1 
ATOM   517  N N   . PRO A 1 66  ? 12.320  5.761   8.394   1.00 13.67 ? 66  PRO A N   1 
ATOM   518  C CA  . PRO A 1 66  ? 11.642  5.142   7.270   1.00 13.78 ? 66  PRO A CA  1 
ATOM   519  C C   . PRO A 1 66  ? 11.338  3.709   7.719   1.00 14.28 ? 66  PRO A C   1 
ATOM   520  O O   . PRO A 1 66  ? 12.088  3.202   8.546   1.00 14.02 ? 66  PRO A O   1 
ATOM   521  C CB  . PRO A 1 66  ? 12.668  5.120   6.151   1.00 14.01 ? 66  PRO A CB  1 
ATOM   522  C CG  . PRO A 1 66  ? 13.976  4.929   6.920   1.00 14.02 ? 66  PRO A CG  1 
ATOM   523  C CD  . PRO A 1 66  ? 13.802  5.758   8.160   1.00 14.15 ? 66  PRO A CD  1 
ATOM   524  N N   . LEU A 1 67  ? 10.240  3.207   7.168   1.00 14.07 ? 67  LEU A N   1 
ATOM   525  C CA  . LEU A 1 67  ? 9.766   1.884   7.465   1.00 12.76 ? 67  LEU A CA  1 
ATOM   526  C C   . LEU A 1 67  ? 10.946  0.929   7.498   1.00 12.19 ? 67  LEU A C   1 
ATOM   527  O O   . LEU A 1 67  ? 11.633  0.914   6.485   1.00 12.63 ? 67  LEU A O   1 
ATOM   528  C CB  . LEU A 1 67  ? 8.706   1.616   6.389   1.00 12.53 ? 67  LEU A CB  1 
ATOM   529  C CG  . LEU A 1 67  ? 7.350   2.292   6.475   1.00 12.69 ? 67  LEU A CG  1 
ATOM   530  C CD1 . LEU A 1 67  ? 6.364   1.694   5.466   1.00 11.95 ? 67  LEU A CD1 1 
ATOM   531  C CD2 . LEU A 1 67  ? 6.842   2.119   7.913   1.00 12.90 ? 67  LEU A CD2 1 
ATOM   532  N N   . LYS A 1 68  ? 11.094  0.153   8.525   1.00 12.12 ? 68  LYS A N   1 
ATOM   533  C CA  . LYS A 1 68  ? 12.157  -0.885  8.664   1.00 12.91 ? 68  LYS A CA  1 
ATOM   534  C C   . LYS A 1 68  ? 12.086  -1.962  7.582   1.00 11.90 ? 68  LYS A C   1 
ATOM   535  O O   . LYS A 1 68  ? 11.002  -2.586  7.342   1.00 12.67 ? 68  LYS A O   1 
ATOM   536  C CB  . LYS A 1 68  ? 11.955  -1.539  10.071  1.00 13.03 ? 68  LYS A CB  1 
ATOM   537  C CG  . LYS A 1 68  ? 10.708  -2.357  10.201  1.00 13.33 ? 68  LYS A CG  1 
ATOM   538  C CD  . LYS A 1 68  ? 10.509  -3.511  11.104  1.00 14.99 ? 68  LYS A CD  1 
ATOM   539  C CE  . LYS A 1 68  ? 10.361  -3.467  12.585  1.00 16.18 ? 68  LYS A CE  1 
ATOM   540  N NZ  . LYS A 1 68  ? 11.418  -2.681  13.306  1.00 17.87 ? 68  LYS A NZ  1 
ATOM   541  N N   . GLY A 1 69  ? 13.065  -2.289  6.818   1.00 11.01 ? 69  GLY A N   1 
ATOM   542  C CA  . GLY A 1 69  ? 13.180  -3.283  5.761   1.00 8.99  ? 69  GLY A CA  1 
ATOM   543  C C   . GLY A 1 69  ? 12.575  -3.209  4.407   1.00 8.11  ? 69  GLY A C   1 
ATOM   544  O O   . GLY A 1 69  ? 12.336  -4.174  3.678   1.00 7.12  ? 69  GLY A O   1 
ATOM   545  N N   . ARG A 1 70  ? 12.354  -2.036  3.873   1.00 8.51  ? 70  ARG A N   1 
ATOM   546  C CA  . ARG A 1 70  ? 11.725  -1.643  2.622   1.00 8.35  ? 70  ARG A CA  1 
ATOM   547  C C   . ARG A 1 70  ? 12.306  -0.354  2.129   1.00 9.58  ? 70  ARG A C   1 
ATOM   548  O O   . ARG A 1 70  ? 12.565  0.411   3.117   1.00 11.17 ? 70  ARG A O   1 
ATOM   549  C CB  . ARG A 1 70  ? 10.336  -1.202  3.167   1.00 8.03  ? 70  ARG A CB  1 
ATOM   550  C CG  . ARG A 1 70  ? 9.269   -2.288  2.981   1.00 7.73  ? 70  ARG A CG  1 
ATOM   551  C CD  . ARG A 1 70  ? 8.124   -2.062  3.915   1.00 6.93  ? 70  ARG A CD  1 
ATOM   552  N NE  . ARG A 1 70  ? 8.657   -2.003  5.266   1.00 5.71  ? 70  ARG A NE  1 
ATOM   553  C CZ  . ARG A 1 70  ? 7.915   -2.200  6.341   1.00 4.48  ? 70  ARG A CZ  1 
ATOM   554  N NH1 . ARG A 1 70  ? 6.620   -2.306  6.185   1.00 4.63  ? 70  ARG A NH1 1 
ATOM   555  N NH2 . ARG A 1 70  ? 8.587   -2.446  7.436   1.00 3.24  ? 70  ARG A NH2 1 
ATOM   556  N N   . ILE A 1 71  ? 12.542  -0.097  0.863   1.00 9.92  ? 71  ILE A N   1 
ATOM   557  C CA  . ILE A 1 71  ? 13.053  1.196   0.391   1.00 9.51  ? 71  ILE A CA  1 
ATOM   558  C C   . ILE A 1 71  ? 11.784  2.053   0.495   1.00 10.14 ? 71  ILE A C   1 
ATOM   559  O O   . ILE A 1 71  ? 10.740  1.584   0.011   1.00 10.17 ? 71  ILE A O   1 
ATOM   560  C CB  . ILE A 1 71  ? 13.468  1.313   -1.111  1.00 9.60  ? 71  ILE A CB  1 
ATOM   561  C CG1 . ILE A 1 71  ? 14.352  0.176   -1.656  1.00 9.35  ? 71  ILE A CG1 1 
ATOM   562  C CG2 . ILE A 1 71  ? 14.174  2.687   -1.433  1.00 9.11  ? 71  ILE A CG2 1 
ATOM   563  C CD1 . ILE A 1 71  ? 15.366  -0.501  -0.710  1.00 10.14 ? 71  ILE A CD1 1 
ATOM   564  N N   . ASN A 1 72  ? 11.898  3.218   1.111   1.00 11.24 ? 72  ASN A N   1 
ATOM   565  C CA  . ASN A 1 72  ? 10.750  4.143   1.320   1.00 11.60 ? 72  ASN A CA  1 
ATOM   566  C C   . ASN A 1 72  ? 10.590  5.103   0.160   1.00 11.01 ? 72  ASN A C   1 
ATOM   567  O O   . ASN A 1 72  ? 11.592  5.817   0.034   1.00 12.39 ? 72  ASN A O   1 
ATOM   568  C CB  . ASN A 1 72  ? 10.837  4.831   2.690   1.00 11.22 ? 72  ASN A CB  1 
ATOM   569  C CG  . ASN A 1 72  ? 10.357  3.807   3.683   1.00 11.48 ? 72  ASN A CG  1 
ATOM   570  O OD1 . ASN A 1 72  ? 9.407   3.845   4.459   1.00 12.05 ? 72  ASN A OD1 1 
ATOM   571  N ND2 . ASN A 1 72  ? 11.114  2.737   3.672   1.00 11.83 ? 72  ASN A ND2 1 
ATOM   572  N N   . LEU A 1 73  ? 9.494   5.143   -0.548  1.00 10.15 ? 73  LEU A N   1 
ATOM   573  C CA  . LEU A 1 73  ? 9.520   6.172   -1.632  1.00 10.16 ? 73  LEU A CA  1 
ATOM   574  C C   . LEU A 1 73  ? 8.281   7.057   -1.574  1.00 10.51 ? 73  LEU A C   1 
ATOM   575  O O   . LEU A 1 73  ? 7.117   6.633   -1.542  1.00 9.22  ? 73  LEU A O   1 
ATOM   576  C CB  . LEU A 1 73  ? 10.086  5.483   -2.848  1.00 9.10  ? 73  LEU A CB  1 
ATOM   577  C CG  . LEU A 1 73  ? 10.000  6.221   -4.195  1.00 8.90  ? 73  LEU A CG  1 
ATOM   578  C CD1 . LEU A 1 73  ? 10.601  5.406   -5.349  1.00 7.78  ? 73  LEU A CD1 1 
ATOM   579  C CD2 . LEU A 1 73  ? 8.501   6.502   -4.384  1.00 7.97  ? 73  LEU A CD2 1 
ATOM   580  N N   . VAL A 1 74  ? 8.613   8.389   -1.582  1.00 11.80 ? 74  VAL A N   1 
ATOM   581  C CA  . VAL A 1 74  ? 7.626   9.473   -1.456  1.00 11.56 ? 74  VAL A CA  1 
ATOM   582  C C   . VAL A 1 74  ? 7.326   10.293  -2.664  1.00 13.17 ? 74  VAL A C   1 
ATOM   583  O O   . VAL A 1 74  ? 8.143   10.864  -3.357  1.00 14.30 ? 74  VAL A O   1 
ATOM   584  C CB  . VAL A 1 74  ? 7.945   10.437  -0.301  1.00 10.56 ? 74  VAL A CB  1 
ATOM   585  C CG1 . VAL A 1 74  ? 6.927   11.594  -0.190  1.00 9.99  ? 74  VAL A CG1 1 
ATOM   586  C CG2 . VAL A 1 74  ? 7.905   9.663   1.012   1.00 10.20 ? 74  VAL A CG2 1 
ATOM   587  N N   . LEU A 1 75  ? 6.021   10.430  -2.900  1.00 15.14 ? 75  LEU A N   1 
ATOM   588  C CA  . LEU A 1 75  ? 5.396   11.160  -3.992  1.00 15.76 ? 75  LEU A CA  1 
ATOM   589  C C   . LEU A 1 75  ? 4.740   12.417  -3.449  1.00 17.48 ? 75  LEU A C   1 
ATOM   590  O O   . LEU A 1 75  ? 3.832   12.313  -2.617  1.00 18.45 ? 75  LEU A O   1 
ATOM   591  C CB  . LEU A 1 75  ? 4.426   10.247  -4.685  1.00 15.38 ? 75  LEU A CB  1 
ATOM   592  C CG  . LEU A 1 75  ? 5.035   8.985   -5.325  1.00 15.06 ? 75  LEU A CG  1 
ATOM   593  C CD1 . LEU A 1 75  ? 4.003   7.877   -5.406  1.00 14.00 ? 75  LEU A CD1 1 
ATOM   594  C CD2 . LEU A 1 75  ? 5.569   9.390   -6.719  1.00 13.95 ? 75  LEU A CD2 1 
ATOM   595  N N   . SER A 1 76  ? 5.227   13.488  -4.013  1.00 18.68 ? 76  SER A N   1 
ATOM   596  C CA  . SER A 1 76  ? 4.839   14.834  -3.758  1.00 20.45 ? 76  SER A CA  1 
ATOM   597  C C   . SER A 1 76  ? 5.182   15.674  -5.010  1.00 21.98 ? 76  SER A C   1 
ATOM   598  O O   . SER A 1 76  ? 6.233   15.294  -5.555  1.00 22.17 ? 76  SER A O   1 
ATOM   599  C CB  . SER A 1 76  ? 5.704   15.524  -2.685  1.00 19.98 ? 76  SER A CB  1 
ATOM   600  O OG  . SER A 1 76  ? 5.440   14.644  -1.620  1.00 19.99 ? 76  SER A OG  1 
ATOM   601  N N   . ARG A 1 77  ? 4.281   16.648  -5.157  1.00 22.63 ? 77  ARG A N   1 
ATOM   602  C CA  . ARG A 1 77  ? 4.508   17.580  -6.273  1.00 23.55 ? 77  ARG A CA  1 
ATOM   603  C C   . ARG A 1 77  ? 4.905   18.929  -5.650  1.00 23.83 ? 77  ARG A C   1 
ATOM   604  O O   . ARG A 1 77  ? 5.061   19.856  -6.449  1.00 24.29 ? 77  ARG A O   1 
ATOM   605  C CB  . ARG A 1 77  ? 3.405   17.690  -7.297  1.00 24.00 ? 77  ARG A CB  1 
ATOM   606  C CG  . ARG A 1 77  ? 2.825   16.419  -7.899  1.00 25.01 ? 77  ARG A CG  1 
ATOM   607  C CD  . ARG A 1 77  ? 2.638   16.509  -9.382  1.00 26.28 ? 77  ARG A CD  1 
ATOM   608  N NE  . ARG A 1 77  ? 1.812   15.418  -9.911  1.00 27.11 ? 77  ARG A NE  1 
ATOM   609  C CZ  . ARG A 1 77  ? 0.497   15.246  -9.678  1.00 27.43 ? 77  ARG A CZ  1 
ATOM   610  N NH1 . ARG A 1 77  ? -0.202  16.181  -9.025  1.00 27.20 ? 77  ARG A NH1 1 
ATOM   611  N NH2 . ARG A 1 77  ? -0.063  14.051  -9.974  1.00 27.03 ? 77  ARG A NH2 1 
ATOM   612  N N   . GLU A 1 78  ? 5.146   19.028  -4.358  1.00 24.11 ? 78  GLU A N   1 
ATOM   613  C CA  . GLU A 1 78  ? 5.550   20.258  -3.703  1.00 25.34 ? 78  GLU A CA  1 
ATOM   614  C C   . GLU A 1 78  ? 6.859   20.421  -2.913  1.00 26.78 ? 78  GLU A C   1 
ATOM   615  O O   . GLU A 1 78  ? 7.368   21.585  -2.731  1.00 26.44 ? 78  GLU A O   1 
ATOM   616  C CB  . GLU A 1 78  ? 4.483   20.548  -2.625  1.00 25.03 ? 78  GLU A CB  1 
ATOM   617  C CG  . GLU A 1 78  ? 4.086   22.013  -2.435  1.00 24.36 ? 78  GLU A CG  1 
ATOM   618  C CD  . GLU A 1 78  ? 2.722   21.937  -1.822  1.00 24.38 ? 78  GLU A CD  1 
ATOM   619  O OE1 . GLU A 1 78  ? 1.859   21.614  -2.673  1.00 24.91 ? 78  GLU A OE1 1 
ATOM   620  O OE2 . GLU A 1 78  ? 2.582   22.086  -0.635  1.00 24.02 ? 78  GLU A OE2 1 
ATOM   621  N N   . LEU A 1 79  ? 7.383   19.303  -2.394  1.00 27.73 ? 79  LEU A N   1 
ATOM   622  C CA  . LEU A 1 79  ? 8.638   19.385  -1.615  1.00 29.03 ? 79  LEU A CA  1 
ATOM   623  C C   . LEU A 1 79  ? 9.730   19.625  -2.667  1.00 29.79 ? 79  LEU A C   1 
ATOM   624  O O   . LEU A 1 79  ? 9.265   19.701  -3.812  1.00 29.39 ? 79  LEU A O   1 
ATOM   625  C CB  . LEU A 1 79  ? 8.795   18.119  -0.772  1.00 28.98 ? 79  LEU A CB  1 
ATOM   626  C CG  . LEU A 1 79  ? 7.508   17.629  -0.126  1.00 28.76 ? 79  LEU A CG  1 
ATOM   627  C CD1 . LEU A 1 79  ? 7.479   16.118  -0.114  1.00 28.63 ? 79  LEU A CD1 1 
ATOM   628  C CD2 . LEU A 1 79  ? 7.423   18.172  1.298   1.00 28.63 ? 79  LEU A CD2 1 
ATOM   629  N N   . LYS A 1 80  ? 11.007  19.704  -2.280  1.00 30.75 ? 80  LYS A N   1 
ATOM   630  C CA  . LYS A 1 80  ? 12.007  19.935  -3.351  1.00 31.97 ? 80  LYS A CA  1 
ATOM   631  C C   . LYS A 1 80  ? 13.006  18.769  -3.247  1.00 31.81 ? 80  LYS A C   1 
ATOM   632  O O   . LYS A 1 80  ? 13.534  18.322  -4.299  1.00 33.04 ? 80  LYS A O   1 
ATOM   633  C CB  . LYS A 1 80  ? 12.793  21.212  -3.418  1.00 32.49 ? 80  LYS A CB  1 
ATOM   634  C CG  . LYS A 1 80  ? 12.245  22.440  -4.178  1.00 32.93 ? 80  LYS A CG  1 
ATOM   635  C CD  . LYS A 1 80  ? 12.610  23.684  -3.292  1.00 33.38 ? 80  LYS A CD  1 
ATOM   636  C CE  . LYS A 1 80  ? 14.040  23.537  -2.746  1.00 34.13 ? 80  LYS A CE  1 
ATOM   637  N NZ  . LYS A 1 80  ? 14.415  24.454  -1.624  1.00 34.47 ? 80  LYS A NZ  1 
ATOM   638  N N   . GLU A 1 81  ? 13.157  18.452  -1.988  1.00 30.28 ? 81  GLU A N   1 
ATOM   639  C CA  . GLU A 1 81  ? 13.994  17.375  -1.454  1.00 28.43 ? 81  GLU A CA  1 
ATOM   640  C C   . GLU A 1 81  ? 12.948  16.437  -0.810  1.00 27.45 ? 81  GLU A C   1 
ATOM   641  O O   . GLU A 1 81  ? 11.856  16.917  -0.410  1.00 27.48 ? 81  GLU A O   1 
ATOM   642  C CB  . GLU A 1 81  ? 14.845  17.909  -0.305  1.00 28.24 ? 81  GLU A CB  1 
ATOM   643  C CG  . GLU A 1 81  ? 15.923  18.979  -0.380  1.00 28.28 ? 81  GLU A CG  1 
ATOM   644  C CD  . GLU A 1 81  ? 17.019  19.058  0.659   1.00 28.54 ? 81  GLU A CD  1 
ATOM   645  O OE1 . GLU A 1 81  ? 17.917  18.260  0.930   1.00 28.95 ? 81  GLU A OE1 1 
ATOM   646  O OE2 . GLU A 1 81  ? 17.077  20.110  1.342   1.00 27.43 ? 81  GLU A OE2 1 
ATOM   647  N N   . PRO A 1 82  ? 13.242  15.144  -0.685  1.00 25.91 ? 82  PRO A N   1 
ATOM   648  C CA  . PRO A 1 82  ? 12.356  14.183  -0.054  1.00 24.71 ? 82  PRO A CA  1 
ATOM   649  C C   . PRO A 1 82  ? 12.392  14.347  1.456   1.00 23.54 ? 82  PRO A C   1 
ATOM   650  O O   . PRO A 1 82  ? 13.445  14.672  2.035   1.00 24.04 ? 82  PRO A O   1 
ATOM   651  C CB  . PRO A 1 82  ? 12.860  12.822  -0.466  1.00 24.96 ? 82  PRO A CB  1 
ATOM   652  C CG  . PRO A 1 82  ? 14.246  13.018  -0.960  1.00 25.16 ? 82  PRO A CG  1 
ATOM   653  C CD  . PRO A 1 82  ? 14.478  14.511  -1.121  1.00 25.66 ? 82  PRO A CD  1 
ATOM   654  N N   . PRO A 1 83  ? 11.246  14.118  2.052   1.00 22.69 ? 83  PRO A N   1 
ATOM   655  C CA  . PRO A 1 83  ? 11.071  14.243  3.496   1.00 21.69 ? 83  PRO A CA  1 
ATOM   656  C C   . PRO A 1 83  ? 12.203  13.483  4.181   1.00 21.54 ? 83  PRO A C   1 
ATOM   657  O O   . PRO A 1 83  ? 12.444  12.402  3.575   1.00 21.06 ? 83  PRO A O   1 
ATOM   658  C CB  . PRO A 1 83  ? 9.739   13.534  3.727   1.00 21.50 ? 83  PRO A CB  1 
ATOM   659  C CG  . PRO A 1 83  ? 8.977   13.516  2.452   1.00 21.39 ? 83  PRO A CG  1 
ATOM   660  C CD  . PRO A 1 83  ? 9.985   13.746  1.362   1.00 22.21 ? 83  PRO A CD  1 
ATOM   661  N N   . GLN A 1 84  ? 12.709  13.966  5.292   1.00 20.38 ? 84  GLN A N   1 
ATOM   662  C CA  . GLN A 1 84  ? 13.789  13.353  6.046   1.00 20.20 ? 84  GLN A CA  1 
ATOM   663  C C   . GLN A 1 84  ? 13.527  11.962  6.587   1.00 19.62 ? 84  GLN A C   1 
ATOM   664  O O   . GLN A 1 84  ? 12.528  11.846  7.342   1.00 19.47 ? 84  GLN A O   1 
ATOM   665  C CB  . GLN A 1 84  ? 14.144  14.229  7.290   1.00 21.21 ? 84  GLN A CB  1 
ATOM   666  C CG  . GLN A 1 84  ? 15.356  13.786  8.085   1.00 23.15 ? 84  GLN A CG  1 
ATOM   667  C CD  . GLN A 1 84  ? 15.400  14.283  9.542   1.00 24.70 ? 84  GLN A CD  1 
ATOM   668  O OE1 . GLN A 1 84  ? 14.743  13.758  10.479  1.00 24.53 ? 84  GLN A OE1 1 
ATOM   669  N NE2 . GLN A 1 84  ? 16.199  15.365  9.714   1.00 24.77 ? 84  GLN A NE2 1 
ATOM   670  N N   . GLY A 1 85  ? 14.472  11.029  6.339   1.00 18.37 ? 85  GLY A N   1 
ATOM   671  C CA  . GLY A 1 85  ? 14.453  9.641   6.812   1.00 15.99 ? 85  GLY A CA  1 
ATOM   672  C C   . GLY A 1 85  ? 13.976  8.715   5.672   1.00 15.82 ? 85  GLY A C   1 
ATOM   673  O O   . GLY A 1 85  ? 14.210  7.471   5.553   1.00 16.15 ? 85  GLY A O   1 
ATOM   674  N N   . ALA A 1 86  ? 13.251  9.302   4.749   1.00 14.62 ? 86  ALA A N   1 
ATOM   675  C CA  . ALA A 1 86  ? 12.593  8.868   3.546   1.00 13.09 ? 86  ALA A CA  1 
ATOM   676  C C   . ALA A 1 86  ? 13.672  8.887   2.456   1.00 13.28 ? 86  ALA A C   1 
ATOM   677  O O   . ALA A 1 86  ? 14.504  9.790   2.558   1.00 13.15 ? 86  ALA A O   1 
ATOM   678  C CB  . ALA A 1 86  ? 11.471  9.719   2.996   1.00 13.00 ? 86  ALA A CB  1 
ATOM   679  N N   . HIS A 1 87  ? 13.868  7.803   1.617   1.00 11.83 ? 87  HIS A N   1 
ATOM   680  C CA  . HIS A 1 87  ? 14.913  7.506   0.650   1.00 9.62  ? 87  HIS A CA  1 
ATOM   681  C C   . HIS A 1 87  ? 14.690  8.151   -0.720  1.00 9.28  ? 87  HIS A C   1 
ATOM   682  O O   . HIS A 1 87  ? 15.715  8.410   -1.401  1.00 9.20  ? 87  HIS A O   1 
ATOM   683  C CB  . HIS A 1 87  ? 14.963  5.974   0.389   1.00 8.51  ? 87  HIS A CB  1 
ATOM   684  C CG  . HIS A 1 87  ? 15.067  5.136   1.598   1.00 7.00  ? 87  HIS A CG  1 
ATOM   685  N ND1 . HIS A 1 87  ? 16.142  5.213   2.493   1.00 7.03  ? 87  HIS A ND1 1 
ATOM   686  C CD2 . HIS A 1 87  ? 14.246  4.204   2.070   1.00 6.47  ? 87  HIS A CD2 1 
ATOM   687  C CE1 . HIS A 1 87  ? 15.884  4.304   3.464   1.00 6.93  ? 87  HIS A CE1 1 
ATOM   688  N NE2 . HIS A 1 87  ? 14.762  3.679   3.238   1.00 6.21  ? 87  HIS A NE2 1 
ATOM   689  N N   . PHE A 1 88  ? 13.482  8.339   -1.224  1.00 8.39  ? 88  PHE A N   1 
ATOM   690  C CA  . PHE A 1 88  ? 13.417  8.969   -2.585  1.00 8.71  ? 88  PHE A CA  1 
ATOM   691  C C   . PHE A 1 88  ? 12.096  9.813   -2.557  1.00 9.27  ? 88  PHE A C   1 
ATOM   692  O O   . PHE A 1 88  ? 11.195  9.469   -1.789  1.00 8.45  ? 88  PHE A O   1 
ATOM   693  C CB  . PHE A 1 88  ? 13.309  8.149   -3.891  1.00 6.34  ? 88  PHE A CB  1 
ATOM   694  C CG  . PHE A 1 88  ? 14.468  7.232   -4.035  1.00 6.32  ? 88  PHE A CG  1 
ATOM   695  C CD1 . PHE A 1 88  ? 14.465  5.962   -3.508  1.00 5.47  ? 88  PHE A CD1 1 
ATOM   696  C CD2 . PHE A 1 88  ? 15.640  7.716   -4.689  1.00 6.55  ? 88  PHE A CD2 1 
ATOM   697  C CE1 . PHE A 1 88  ? 15.556  5.135   -3.576  1.00 5.86  ? 88  PHE A CE1 1 
ATOM   698  C CE2 . PHE A 1 88  ? 16.768  6.916   -4.797  1.00 6.44  ? 88  PHE A CE2 1 
ATOM   699  C CZ  . PHE A 1 88  ? 16.710  5.622   -4.228  1.00 6.76  ? 88  PHE A CZ  1 
ATOM   700  N N   . LEU A 1 89  ? 12.183  10.636  -3.543  1.00 10.37 ? 89  LEU A N   1 
ATOM   701  C CA  . LEU A 1 89  ? 11.180  11.580  -3.898  1.00 13.08 ? 89  LEU A CA  1 
ATOM   702  C C   . LEU A 1 89  ? 10.999  11.334  -5.410  1.00 15.48 ? 89  LEU A C   1 
ATOM   703  O O   . LEU A 1 89  ? 12.065  11.187  -6.078  1.00 15.60 ? 89  LEU A O   1 
ATOM   704  C CB  . LEU A 1 89  ? 11.520  13.080  -3.703  1.00 12.80 ? 89  LEU A CB  1 
ATOM   705  C CG  . LEU A 1 89  ? 10.384  13.969  -4.256  1.00 12.15 ? 89  LEU A CG  1 
ATOM   706  C CD1 . LEU A 1 89  ? 9.187   13.813  -3.328  1.00 12.35 ? 89  LEU A CD1 1 
ATOM   707  C CD2 . LEU A 1 89  ? 10.780  15.399  -4.433  1.00 11.08 ? 89  LEU A CD2 1 
ATOM   708  N N   . SER A 1 90  ? 9.697   11.335  -5.695  1.00 17.05 ? 90  SER A N   1 
ATOM   709  C CA  . SER A 1 90  ? 9.329   11.152  -7.116  1.00 18.90 ? 90  SER A CA  1 
ATOM   710  C C   . SER A 1 90  ? 8.019   11.903  -7.312  1.00 20.20 ? 90  SER A C   1 
ATOM   711  O O   . SER A 1 90  ? 7.003   11.673  -6.604  1.00 20.98 ? 90  SER A O   1 
ATOM   712  C CB  . SER A 1 90  ? 9.347   9.710   -7.482  1.00 19.75 ? 90  SER A CB  1 
ATOM   713  O OG  . SER A 1 90  ? 10.380  9.437   -8.430  1.00 21.29 ? 90  SER A OG  1 
ATOM   714  N N   . ARG A 1 91  ? 8.082   12.831  -8.257  1.00 20.71 ? 91  ARG A N   1 
ATOM   715  C CA  . ARG A 1 91  ? 6.969   13.689  -8.613  1.00 21.11 ? 91  ARG A CA  1 
ATOM   716  C C   . ARG A 1 91  ? 5.834   12.882  -9.214  1.00 21.91 ? 91  ARG A C   1 
ATOM   717  O O   . ARG A 1 91  ? 4.759   13.486  -9.310  1.00 22.64 ? 91  ARG A O   1 
ATOM   718  C CB  . ARG A 1 91  ? 7.332   14.854  -9.542  1.00 20.13 ? 91  ARG A CB  1 
ATOM   719  C CG  . ARG A 1 91  ? 8.510   15.733  -9.282  1.00 18.66 ? 91  ARG A CG  1 
ATOM   720  C CD  . ARG A 1 91  ? 8.434   16.793  -8.324  1.00 18.19 ? 91  ARG A CD  1 
ATOM   721  N NE  . ARG A 1 91  ? 9.647   17.256  -7.580  1.00 17.07 ? 91  ARG A NE  1 
ATOM   722  C CZ  . ARG A 1 91  ? 9.291   17.658  -6.341  1.00 17.48 ? 91  ARG A CZ  1 
ATOM   723  N NH1 . ARG A 1 91  ? 8.022   17.579  -5.910  1.00 16.17 ? 91  ARG A NH1 1 
ATOM   724  N NH2 . ARG A 1 91  ? 10.177  18.134  -5.451  1.00 19.02 ? 91  ARG A NH2 1 
ATOM   725  N N   . SER A 1 92  ? 5.955   11.663  -9.629  1.00 23.66 ? 92  SER A N   1 
ATOM   726  C CA  . SER A 1 92  ? 4.784   10.962  -10.223 1.00 25.39 ? 92  SER A CA  1 
ATOM   727  C C   . SER A 1 92  ? 5.056   9.476   -10.343 1.00 26.97 ? 92  SER A C   1 
ATOM   728  O O   . SER A 1 92  ? 6.259   9.135   -10.456 1.00 28.06 ? 92  SER A O   1 
ATOM   729  C CB  . SER A 1 92  ? 4.422   11.616  -11.539 1.00 24.81 ? 92  SER A CB  1 
ATOM   730  O OG  . SER A 1 92  ? 4.865   10.851  -12.632 1.00 24.89 ? 92  SER A OG  1 
ATOM   731  N N   . LEU A 1 93  ? 4.008   8.675   -10.337 1.00 28.36 ? 93  LEU A N   1 
ATOM   732  C CA  . LEU A 1 93  ? 4.117   7.208   -10.423 1.00 29.24 ? 93  LEU A CA  1 
ATOM   733  C C   . LEU A 1 93  ? 4.782   6.713   -11.686 1.00 29.85 ? 93  LEU A C   1 
ATOM   734  O O   . LEU A 1 93  ? 5.340   5.596   -11.542 1.00 30.73 ? 93  LEU A O   1 
ATOM   735  C CB  . LEU A 1 93  ? 2.774   6.508   -10.265 1.00 29.15 ? 93  LEU A CB  1 
ATOM   736  C CG  . LEU A 1 93  ? 2.587   5.020   -10.387 1.00 28.97 ? 93  LEU A CG  1 
ATOM   737  C CD1 . LEU A 1 93  ? 3.211   4.249   -9.219  1.00 29.01 ? 93  LEU A CD1 1 
ATOM   738  C CD2 . LEU A 1 93  ? 1.085   4.768   -10.372 1.00 28.58 ? 93  LEU A CD2 1 
ATOM   739  N N   . ASP A 1 94  ? 4.683   7.459   -12.765 1.00 30.09 ? 94  ASP A N   1 
ATOM   740  C CA  . ASP A 1 94  ? 5.377   6.961   -13.983 1.00 30.32 ? 94  ASP A CA  1 
ATOM   741  C C   . ASP A 1 94  ? 6.874   6.997   -13.632 1.00 30.71 ? 94  ASP A C   1 
ATOM   742  O O   . ASP A 1 94  ? 7.460   5.934   -13.937 1.00 31.01 ? 94  ASP A O   1 
ATOM   743  C CB  . ASP A 1 94  ? 4.998   7.676   -15.269 1.00 30.70 ? 94  ASP A CB  1 
ATOM   744  C CG  . ASP A 1 94  ? 3.507   7.594   -15.662 1.00 30.86 ? 94  ASP A CG  1 
ATOM   745  O OD1 . ASP A 1 94  ? 3.027   6.449   -15.467 1.00 30.41 ? 94  ASP A OD1 1 
ATOM   746  O OD2 . ASP A 1 94  ? 2.855   8.574   -16.121 1.00 30.37 ? 94  ASP A OD2 1 
ATOM   747  N N   . ASP A 1 95  ? 7.437   8.072   -13.034 1.00 30.29 ? 95  ASP A N   1 
ATOM   748  C CA  . ASP A 1 95  ? 8.885   8.082   -12.730 1.00 29.48 ? 95  ASP A CA  1 
ATOM   749  C C   . ASP A 1 95  ? 9.272   7.234   -11.525 1.00 29.40 ? 95  ASP A C   1 
ATOM   750  O O   . ASP A 1 95  ? 10.474  6.829   -11.474 1.00 30.27 ? 95  ASP A O   1 
ATOM   751  C CB  . ASP A 1 95  ? 9.602   9.409   -12.643 1.00 29.63 ? 95  ASP A CB  1 
ATOM   752  C CG  . ASP A 1 95  ? 9.230   10.402  -11.577 1.00 30.24 ? 95  ASP A CG  1 
ATOM   753  O OD1 . ASP A 1 95  ? 8.770   10.057  -10.476 1.00 29.85 ? 95  ASP A OD1 1 
ATOM   754  O OD2 . ASP A 1 95  ? 9.415   11.638  -11.841 1.00 31.13 ? 95  ASP A OD2 1 
ATOM   755  N N   . ALA A 1 96  ? 8.375   7.023   -10.613 1.00 28.57 ? 96  ALA A N   1 
ATOM   756  C CA  . ALA A 1 96  ? 8.713   6.169   -9.461  1.00 28.59 ? 96  ALA A CA  1 
ATOM   757  C C   . ALA A 1 96  ? 9.282   4.866   -10.063 1.00 28.53 ? 96  ALA A C   1 
ATOM   758  O O   . ALA A 1 96  ? 10.366  4.413   -9.677  1.00 28.38 ? 96  ALA A O   1 
ATOM   759  C CB  . ALA A 1 96  ? 7.512   5.916   -8.549  1.00 27.43 ? 96  ALA A CB  1 
ATOM   760  N N   . LEU A 1 97  ? 8.538   4.263   -10.982 1.00 28.44 ? 97  LEU A N   1 
ATOM   761  C CA  . LEU A 1 97  ? 8.931   2.999   -11.633 1.00 28.73 ? 97  LEU A CA  1 
ATOM   762  C C   . LEU A 1 97  ? 10.136  3.110   -12.574 1.00 28.53 ? 97  LEU A C   1 
ATOM   763  O O   . LEU A 1 97  ? 10.903  2.141   -12.634 1.00 28.09 ? 97  LEU A O   1 
ATOM   764  C CB  . LEU A 1 97  ? 7.686   2.340   -12.253 1.00 28.27 ? 97  LEU A CB  1 
ATOM   765  C CG  . LEU A 1 97  ? 6.381   2.398   -11.499 1.00 27.82 ? 97  LEU A CG  1 
ATOM   766  C CD1 . LEU A 1 97  ? 5.185   2.168   -12.394 1.00 27.51 ? 97  LEU A CD1 1 
ATOM   767  C CD2 . LEU A 1 97  ? 6.458   1.294   -10.452 1.00 28.14 ? 97  LEU A CD2 1 
ATOM   768  N N   . LYS A 1 98  ? 10.331  4.218   -13.248 1.00 29.32 ? 98  LYS A N   1 
ATOM   769  C CA  . LYS A 1 98  ? 11.457  4.472   -14.166 1.00 29.87 ? 98  LYS A CA  1 
ATOM   770  C C   . LYS A 1 98  ? 12.754  4.346   -13.366 1.00 30.29 ? 98  LYS A C   1 
ATOM   771  O O   . LYS A 1 98  ? 13.711  3.756   -13.846 1.00 30.21 ? 98  LYS A O   1 
ATOM   772  C CB  . LYS A 1 98  ? 11.581  5.797   -14.867 1.00 29.95 ? 98  LYS A CB  1 
ATOM   773  C CG  . LYS A 1 98  ? 11.246  5.762   -16.366 1.00 30.46 ? 98  LYS A CG  1 
ATOM   774  C CD  . LYS A 1 98  ? 11.582  7.116   -16.995 1.00 30.98 ? 98  LYS A CD  1 
ATOM   775  C CE  . LYS A 1 98  ? 10.588  8.217   -16.676 1.00 30.69 ? 98  LYS A CE  1 
ATOM   776  N NZ  . LYS A 1 98  ? 11.237  9.525   -16.326 1.00 30.79 ? 98  LYS A NZ  1 
ATOM   777  N N   . LEU A 1 99  ? 12.657  4.894   -12.185 1.00 31.39 ? 99  LEU A N   1 
ATOM   778  C CA  . LEU A 1 99  ? 13.704  4.908   -11.165 1.00 32.32 ? 99  LEU A CA  1 
ATOM   779  C C   . LEU A 1 99  ? 14.116  3.502   -10.765 1.00 33.28 ? 99  LEU A C   1 
ATOM   780  O O   . LEU A 1 99  ? 15.319  3.270   -10.612 1.00 33.52 ? 99  LEU A O   1 
ATOM   781  C CB  . LEU A 1 99  ? 13.128  5.680   -9.960  1.00 31.86 ? 99  LEU A CB  1 
ATOM   782  C CG  . LEU A 1 99  ? 14.119  6.240   -8.959  1.00 31.27 ? 99  LEU A CG  1 
ATOM   783  C CD1 . LEU A 1 99  ? 14.163  7.761   -9.076  1.00 30.97 ? 99  LEU A CD1 1 
ATOM   784  C CD2 . LEU A 1 99  ? 13.685  5.755   -7.585  1.00 31.40 ? 99  LEU A CD2 1 
ATOM   785  N N   . THR A 1 100 ? 13.136  2.655   -10.592 1.00 35.25 ? 100 THR A N   1 
ATOM   786  C CA  . THR A 1 100 ? 13.286  1.227   -10.216 1.00 37.32 ? 100 THR A CA  1 
ATOM   787  C C   . THR A 1 100 ? 14.264  0.619   -11.232 1.00 38.49 ? 100 THR A C   1 
ATOM   788  O O   . THR A 1 100 ? 15.320  -0.005  -11.047 1.00 38.24 ? 100 THR A O   1 
ATOM   789  C CB  . THR A 1 100 ? 11.893  0.463   -10.187 1.00 37.28 ? 100 THR A CB  1 
ATOM   790  O OG1 . THR A 1 100 ? 11.193  0.754   -8.923  1.00 36.99 ? 100 THR A OG1 1 
ATOM   791  C CG2 . THR A 1 100 ? 12.053  -1.036  -10.421 1.00 37.07 ? 100 THR A CG2 1 
ATOM   792  N N   . GLU A 1 101 ? 13.834  0.925   -12.458 1.00 40.56 ? 101 GLU A N   1 
ATOM   793  C CA  . GLU A 1 101 ? 14.572  0.483   -13.650 1.00 42.01 ? 101 GLU A CA  1 
ATOM   794  C C   . GLU A 1 101 ? 15.965  1.119   -13.661 1.00 42.54 ? 101 GLU A C   1 
ATOM   795  O O   . GLU A 1 101 ? 16.890  0.384   -14.070 1.00 43.38 ? 101 GLU A O   1 
ATOM   796  C CB  . GLU A 1 101 ? 13.901  0.806   -14.986 1.00 42.20 ? 101 GLU A CB  1 
ATOM   797  C CG  . GLU A 1 101 ? 13.295  -0.481  -15.598 1.00 43.08 ? 101 GLU A CG  1 
ATOM   798  C CD  . GLU A 1 101 ? 13.846  -1.772  -15.031 1.00 43.35 ? 101 GLU A CD  1 
ATOM   799  O OE1 . GLU A 1 101 ? 14.921  -2.255  -15.342 1.00 43.32 ? 101 GLU A OE1 1 
ATOM   800  O OE2 . GLU A 1 101 ? 13.077  -2.284  -14.171 1.00 43.64 ? 101 GLU A OE2 1 
ATOM   801  N N   . GLN A 1 102 ? 16.076  2.357   -13.234 1.00 42.77 ? 102 GLN A N   1 
ATOM   802  C CA  . GLN A 1 102 ? 17.339  3.119   -13.167 1.00 42.84 ? 102 GLN A CA  1 
ATOM   803  C C   . GLN A 1 102 ? 18.387  2.249   -12.476 1.00 42.44 ? 102 GLN A C   1 
ATOM   804  O O   . GLN A 1 102 ? 18.046  1.357   -11.714 1.00 42.98 ? 102 GLN A O   1 
ATOM   805  C CB  . GLN A 1 102 ? 17.337  4.538   -12.653 1.00 43.19 ? 102 GLN A CB  1 
ATOM   806  C CG  . GLN A 1 102 ? 18.475  5.315   -13.358 1.00 43.69 ? 102 GLN A CG  1 
ATOM   807  C CD  . GLN A 1 102 ? 18.075  5.341   -14.821 1.00 44.39 ? 102 GLN A CD  1 
ATOM   808  O OE1 . GLN A 1 102 ? 18.343  6.192   -15.682 1.00 44.48 ? 102 GLN A OE1 1 
ATOM   809  N NE2 . GLN A 1 102 ? 17.340  4.232   -15.057 1.00 44.42 ? 102 GLN A NE2 1 
ATOM   810  N N   . PRO A 1 103 ? 19.593  2.558   -12.877 1.00 42.10 ? 103 PRO A N   1 
ATOM   811  C CA  . PRO A 1 103 ? 20.846  1.944   -12.418 1.00 41.63 ? 103 PRO A CA  1 
ATOM   812  C C   . PRO A 1 103 ? 21.077  1.252   -11.129 1.00 40.84 ? 103 PRO A C   1 
ATOM   813  O O   . PRO A 1 103 ? 21.594  0.065   -11.168 1.00 40.62 ? 103 PRO A O   1 
ATOM   814  C CB  . PRO A 1 103 ? 21.896  2.861   -13.051 1.00 41.98 ? 103 PRO A CB  1 
ATOM   815  C CG  . PRO A 1 103 ? 21.177  3.637   -14.108 1.00 41.86 ? 103 PRO A CG  1 
ATOM   816  C CD  . PRO A 1 103 ? 19.844  2.988   -14.238 1.00 42.18 ? 103 PRO A CD  1 
ATOM   817  N N   . GLU A 1 104 ? 20.796  1.814   -10.068 1.00 39.92 ? 104 GLU A N   1 
ATOM   818  C CA  . GLU A 1 104 ? 21.074  1.164   -8.810  1.00 38.57 ? 104 GLU A CA  1 
ATOM   819  C C   . GLU A 1 104 ? 19.798  0.567   -8.262  1.00 37.01 ? 104 GLU A C   1 
ATOM   820  O O   . GLU A 1 104 ? 19.830  -0.372  -7.464  1.00 36.20 ? 104 GLU A O   1 
ATOM   821  C CB  . GLU A 1 104 ? 21.573  2.281   -7.879  1.00 39.97 ? 104 GLU A CB  1 
ATOM   822  C CG  . GLU A 1 104 ? 20.520  3.398   -7.645  1.00 40.90 ? 104 GLU A CG  1 
ATOM   823  C CD  . GLU A 1 104 ? 20.422  4.493   -8.743  1.00 41.19 ? 104 GLU A CD  1 
ATOM   824  O OE1 . GLU A 1 104 ? 20.938  4.313   -9.911  1.00 41.29 ? 104 GLU A OE1 1 
ATOM   825  O OE2 . GLU A 1 104 ? 19.803  5.606   -8.490  1.00 41.00 ? 104 GLU A OE2 1 
ATOM   826  N N   . LEU A 1 105 ? 18.644  1.064   -8.679  1.00 35.62 ? 105 LEU A N   1 
ATOM   827  C CA  . LEU A 1 105 ? 17.385  0.520   -8.135  1.00 34.19 ? 105 LEU A CA  1 
ATOM   828  C C   . LEU A 1 105 ? 17.104  -0.859  -8.697  1.00 33.59 ? 105 LEU A C   1 
ATOM   829  O O   . LEU A 1 105 ? 16.295  -1.612  -8.134  1.00 33.27 ? 105 LEU A O   1 
ATOM   830  C CB  . LEU A 1 105 ? 16.286  1.573   -8.182  1.00 33.73 ? 105 LEU A CB  1 
ATOM   831  C CG  . LEU A 1 105 ? 16.294  2.592   -7.039  1.00 32.74 ? 105 LEU A CG  1 
ATOM   832  C CD1 . LEU A 1 105 ? 14.925  3.172   -6.848  1.00 32.07 ? 105 LEU A CD1 1 
ATOM   833  C CD2 . LEU A 1 105 ? 16.705  1.821   -5.785  1.00 32.80 ? 105 LEU A CD2 1 
ATOM   834  N N   . ALA A 1 106 ? 17.786  -1.164  -9.773  1.00 33.15 ? 106 ALA A N   1 
ATOM   835  C CA  . ALA A 1 106 ? 17.769  -2.379  -10.571 1.00 31.72 ? 106 ALA A CA  1 
ATOM   836  C C   . ALA A 1 106 ? 18.007  -3.722  -9.909  1.00 30.78 ? 106 ALA A C   1 
ATOM   837  O O   . ALA A 1 106 ? 17.077  -4.534  -9.983  1.00 30.56 ? 106 ALA A O   1 
ATOM   838  C CB  . ALA A 1 106 ? 18.727  -2.214  -11.743 1.00 31.95 ? 106 ALA A CB  1 
ATOM   839  N N   . ASN A 1 107 ? 19.202  -3.978  -9.396  1.00 29.67 ? 107 ASN A N   1 
ATOM   840  C CA  . ASN A 1 107 ? 19.550  -5.230  -8.741  1.00 28.56 ? 107 ASN A CA  1 
ATOM   841  C C   . ASN A 1 107 ? 18.885  -5.407  -7.366  1.00 27.06 ? 107 ASN A C   1 
ATOM   842  O O   . ASN A 1 107 ? 18.733  -6.577  -7.026  1.00 26.74 ? 107 ASN A O   1 
ATOM   843  C CB  . ASN A 1 107 ? 21.042  -5.381  -8.355  1.00 29.37 ? 107 ASN A CB  1 
ATOM   844  C CG  . ASN A 1 107 ? 21.868  -5.501  -9.622  1.00 29.29 ? 107 ASN A CG  1 
ATOM   845  O OD1 . ASN A 1 107 ? 21.392  -6.138  -10.596 1.00 29.83 ? 107 ASN A OD1 1 
ATOM   846  N ND2 . ASN A 1 107 ? 23.024  -4.849  -9.567  1.00 29.04 ? 107 ASN A ND2 1 
ATOM   847  N N   . LYS A 1 108 ? 18.600  -4.319  -6.728  1.00 25.81 ? 108 LYS A N   1 
ATOM   848  C CA  . LYS A 1 108 ? 18.053  -4.254  -5.385  1.00 24.63 ? 108 LYS A CA  1 
ATOM   849  C C   . LYS A 1 108 ? 16.558  -4.467  -5.267  1.00 23.74 ? 108 LYS A C   1 
ATOM   850  O O   . LYS A 1 108 ? 16.125  -5.311  -4.453  1.00 24.16 ? 108 LYS A O   1 
ATOM   851  C CB  . LYS A 1 108 ? 18.425  -2.898  -4.793  1.00 24.92 ? 108 LYS A CB  1 
ATOM   852  C CG  . LYS A 1 108 ? 19.918  -2.674  -4.600  1.00 24.71 ? 108 LYS A CG  1 
ATOM   853  C CD  . LYS A 1 108 ? 20.116  -1.314  -3.897  1.00 25.22 ? 108 LYS A CD  1 
ATOM   854  C CE  . LYS A 1 108 ? 21.552  -0.977  -3.613  1.00 25.41 ? 108 LYS A CE  1 
ATOM   855  N NZ  . LYS A 1 108 ? 22.559  -0.926  -4.696  1.00 25.45 ? 108 LYS A NZ  1 
ATOM   856  N N   . VAL A 1 109 ? 15.795  -3.774  -6.060  1.00 22.49 ? 109 VAL A N   1 
ATOM   857  C CA  . VAL A 1 109 ? 14.327  -3.762  -6.065  1.00 21.25 ? 109 VAL A CA  1 
ATOM   858  C C   . VAL A 1 109 ? 13.693  -5.110  -6.297  1.00 21.14 ? 109 VAL A C   1 
ATOM   859  O O   . VAL A 1 109 ? 13.907  -5.787  -7.341  1.00 22.53 ? 109 VAL A O   1 
ATOM   860  C CB  . VAL A 1 109 ? 14.038  -2.601  -7.059  1.00 20.26 ? 109 VAL A CB  1 
ATOM   861  C CG1 . VAL A 1 109 ? 12.759  -2.686  -7.810  1.00 20.57 ? 109 VAL A CG1 1 
ATOM   862  C CG2 . VAL A 1 109 ? 14.105  -1.270  -6.327  1.00 19.79 ? 109 VAL A CG2 1 
ATOM   863  N N   . ASP A 1 110 ? 12.876  -5.594  -5.354  1.00 20.05 ? 110 ASP A N   1 
ATOM   864  C CA  . ASP A 1 110 ? 12.284  -6.951  -5.535  1.00 18.43 ? 110 ASP A CA  1 
ATOM   865  C C   . ASP A 1 110 ? 10.760  -6.737  -5.849  1.00 17.78 ? 110 ASP A C   1 
ATOM   866  O O   . ASP A 1 110 ? 10.287  -6.995  -6.952  1.00 17.52 ? 110 ASP A O   1 
ATOM   867  C CB  . ASP A 1 110 ? 12.682  -7.836  -4.395  1.00 18.80 ? 110 ASP A CB  1 
ATOM   868  C CG  . ASP A 1 110 ? 11.988  -9.192  -4.452  1.00 18.97 ? 110 ASP A CG  1 
ATOM   869  O OD1 . ASP A 1 110 ? 11.664  -9.689  -5.593  1.00 20.50 ? 110 ASP A OD1 1 
ATOM   870  O OD2 . ASP A 1 110 ? 11.726  -9.831  -3.366  1.00 18.71 ? 110 ASP A OD2 1 
ATOM   871  N N   . MET A 1 111 ? 9.914   -6.262  -4.927  1.00 16.57 ? 111 MET A N   1 
ATOM   872  C CA  . MET A 1 111 ? 8.487   -5.941  -5.318  1.00 15.91 ? 111 MET A CA  1 
ATOM   873  C C   . MET A 1 111 ? 8.225   -4.584  -4.926  1.00 15.81 ? 111 MET A C   1 
ATOM   874  O O   . MET A 1 111 ? 8.951   -3.971  -4.127  1.00 15.44 ? 111 MET A O   1 
ATOM   875  C CB  . MET A 1 111 ? 7.500   -6.874  -4.598  1.00 14.95 ? 111 MET A CB  1 
ATOM   876  C CG  . MET A 1 111 ? 7.603   -8.334  -5.046  1.00 13.15 ? 111 MET A CG  1 
ATOM   877  S SD  . MET A 1 111 ? 6.940   -9.474  -3.847  1.00 12.34 ? 111 MET A SD  1 
ATOM   878  C CE  . MET A 1 111 ? 6.211   -10.876 -4.668  1.00 12.35 ? 111 MET A CE  1 
ATOM   879  N N   . VAL A 1 112 ? 7.216   -4.170  -5.476  1.00 15.93 ? 112 VAL A N   1 
ATOM   880  C CA  . VAL A 1 112 ? 6.844   -2.890  -5.251  1.00 14.78 ? 112 VAL A CA  1 
ATOM   881  C C   . VAL A 1 112 ? 5.403   -2.916  -4.725  1.00 14.08 ? 112 VAL A C   1 
ATOM   882  O O   . VAL A 1 112 ? 4.537   -3.567  -5.336  1.00 14.26 ? 112 VAL A O   1 
ATOM   883  C CB  . VAL A 1 112 ? 7.078   -2.128  -6.551  1.00 14.99 ? 112 VAL A CB  1 
ATOM   884  C CG1 . VAL A 1 112 ? 6.858   -3.001  -7.789  1.00 16.22 ? 112 VAL A CG1 1 
ATOM   885  C CG2 . VAL A 1 112 ? 6.192   -0.908  -6.706  1.00 15.68 ? 112 VAL A CG2 1 
ATOM   886  N N   . TRP A 1 113 ? 5.243   -2.202  -3.595  1.00 11.98 ? 113 TRP A N   1 
ATOM   887  C CA  . TRP A 1 113 ? 4.003   -2.073  -2.874  1.00 10.01 ? 113 TRP A CA  1 
ATOM   888  C C   . TRP A 1 113 ? 3.432   -0.682  -2.846  1.00 10.69 ? 113 TRP A C   1 
ATOM   889  O O   . TRP A 1 113 ? 4.015   0.343   -2.658  1.00 9.30  ? 113 TRP A O   1 
ATOM   890  C CB  . TRP A 1 113 ? 4.207   -2.626  -1.452  1.00 8.81  ? 113 TRP A CB  1 
ATOM   891  C CG  . TRP A 1 113 ? 4.183   -4.109  -1.328  1.00 6.72  ? 113 TRP A CG  1 
ATOM   892  C CD1 . TRP A 1 113 ? 5.260   -4.925  -1.307  1.00 6.09  ? 113 TRP A CD1 1 
ATOM   893  C CD2 . TRP A 1 113 ? 3.015   -4.960  -1.323  1.00 6.22  ? 113 TRP A CD2 1 
ATOM   894  N NE1 . TRP A 1 113 ? 4.827   -6.240  -1.257  1.00 5.62  ? 113 TRP A NE1 1 
ATOM   895  C CE2 . TRP A 1 113 ? 3.476   -6.293  -1.247  1.00 5.63  ? 113 TRP A CE2 1 
ATOM   896  C CE3 . TRP A 1 113 ? 1.639   -4.703  -1.379  1.00 5.95  ? 113 TRP A CE3 1 
ATOM   897  C CZ2 . TRP A 1 113 ? 2.611   -7.386  -1.104  1.00 5.61  ? 113 TRP A CZ2 1 
ATOM   898  C CZ3 . TRP A 1 113 ? 0.773   -5.782  -1.293  1.00 6.13  ? 113 TRP A CZ3 1 
ATOM   899  C CH2 . TRP A 1 113 ? 1.229   -7.114  -1.189  1.00 6.22  ? 113 TRP A CH2 1 
ATOM   900  N N   . ILE A 1 114 ? 2.117   -0.588  -3.043  1.00 12.57 ? 114 ILE A N   1 
ATOM   901  C CA  . ILE A 1 114 ? 1.391   0.685   -3.069  1.00 12.87 ? 114 ILE A CA  1 
ATOM   902  C C   . ILE A 1 114 ? 0.569   0.621   -1.833  1.00 13.71 ? 114 ILE A C   1 
ATOM   903  O O   . ILE A 1 114 ? -0.408  -0.122  -1.777  1.00 14.89 ? 114 ILE A O   1 
ATOM   904  C CB  . ILE A 1 114 ? 0.606   1.030   -4.341  1.00 13.46 ? 114 ILE A CB  1 
ATOM   905  C CG1 . ILE A 1 114 ? 1.568   0.832   -5.527  1.00 12.84 ? 114 ILE A CG1 1 
ATOM   906  C CG2 . ILE A 1 114 ? 0.044   2.503   -4.278  1.00 14.14 ? 114 ILE A CG2 1 
ATOM   907  C CD1 . ILE A 1 114 ? 1.138   1.697   -6.726  1.00 14.29 ? 114 ILE A CD1 1 
ATOM   908  N N   . VAL A 1 115 ? 1.096   1.460   -0.941  1.00 14.83 ? 115 VAL A N   1 
ATOM   909  C CA  . VAL A 1 115 ? 0.550   1.621   0.448   1.00 14.06 ? 115 VAL A CA  1 
ATOM   910  C C   . VAL A 1 115 ? -0.463  2.736   0.359   1.00 14.44 ? 115 VAL A C   1 
ATOM   911  O O   . VAL A 1 115 ? -1.325  2.948   1.219   1.00 15.28 ? 115 VAL A O   1 
ATOM   912  C CB  . VAL A 1 115 ? 1.871   1.856   1.196   1.00 14.09 ? 115 VAL A CB  1 
ATOM   913  C CG1 . VAL A 1 115 ? 2.964   0.848   0.879   1.00 13.93 ? 115 VAL A CG1 1 
ATOM   914  C CG2 . VAL A 1 115 ? 2.428   3.189   0.664   1.00 13.94 ? 115 VAL A CG2 1 
ATOM   915  N N   . GLY A 1 116 ? -0.419  3.549   -0.706  1.00 14.08 ? 116 GLY A N   1 
ATOM   916  C CA  . GLY A 1 116 ? -1.349  4.655   -0.942  1.00 12.75 ? 116 GLY A CA  1 
ATOM   917  C C   . GLY A 1 116 ? -0.774  6.037   -0.787  1.00 12.94 ? 116 GLY A C   1 
ATOM   918  O O   . GLY A 1 116 ? 0.416   6.363   -0.671  1.00 13.01 ? 116 GLY A O   1 
ATOM   919  N N   . GLY A 1 117 ? -1.631  7.006   -0.708  1.00 13.50 ? 117 GLY A N   1 
ATOM   920  C CA  . GLY A 1 117 ? -3.065  7.099   -0.702  1.00 14.38 ? 117 GLY A CA  1 
ATOM   921  C C   . GLY A 1 117 ? -3.889  7.022   -1.946  1.00 15.71 ? 117 GLY A C   1 
ATOM   922  O O   . GLY A 1 117 ? -3.763  6.160   -2.839  1.00 16.29 ? 117 GLY A O   1 
ATOM   923  N N   . SER A 1 118 ? -4.780  8.009   -2.039  1.00 16.55 ? 118 SER A N   1 
ATOM   924  C CA  . SER A 1 118 ? -5.809  8.155   -3.035  1.00 16.93 ? 118 SER A CA  1 
ATOM   925  C C   . SER A 1 118 ? -5.427  8.330   -4.456  1.00 17.72 ? 118 SER A C   1 
ATOM   926  O O   . SER A 1 118 ? -5.916  7.499   -5.227  1.00 18.58 ? 118 SER A O   1 
ATOM   927  C CB  . SER A 1 118 ? -6.890  9.137   -2.580  1.00 17.42 ? 118 SER A CB  1 
ATOM   928  O OG  . SER A 1 118 ? -7.575  8.338   -1.597  1.00 18.34 ? 118 SER A OG  1 
ATOM   929  N N   . SER A 1 119 ? -4.650  9.343   -4.776  1.00 17.97 ? 119 SER A N   1 
ATOM   930  C CA  . SER A 1 119 ? -4.318  9.448   -6.199  1.00 17.67 ? 119 SER A CA  1 
ATOM   931  C C   . SER A 1 119 ? -3.264  8.434   -6.586  1.00 17.05 ? 119 SER A C   1 
ATOM   932  O O   . SER A 1 119 ? -3.187  8.232   -7.839  1.00 17.27 ? 119 SER A O   1 
ATOM   933  C CB  . SER A 1 119 ? -4.084  10.940  -6.357  1.00 18.97 ? 119 SER A CB  1 
ATOM   934  O OG  . SER A 1 119 ? -5.286  11.582  -5.813  1.00 20.72 ? 119 SER A OG  1 
ATOM   935  N N   . VAL A 1 120 ? -2.571  7.856   -5.609  1.00 15.68 ? 120 VAL A N   1 
ATOM   936  C CA  . VAL A 1 120 ? -1.501  6.865   -5.856  1.00 14.42 ? 120 VAL A CA  1 
ATOM   937  C C   . VAL A 1 120 ? -2.273  5.604   -6.190  1.00 14.11 ? 120 VAL A C   1 
ATOM   938  O O   . VAL A 1 120 ? -1.973  4.935   -7.150  1.00 13.84 ? 120 VAL A O   1 
ATOM   939  C CB  . VAL A 1 120 ? -0.412  6.629   -4.802  1.00 14.06 ? 120 VAL A CB  1 
ATOM   940  C CG1 . VAL A 1 120 ? 0.591   5.559   -5.215  1.00 14.26 ? 120 VAL A CG1 1 
ATOM   941  C CG2 . VAL A 1 120 ? 0.452   7.807   -4.350  1.00 13.73 ? 120 VAL A CG2 1 
ATOM   942  N N   . TYR A 1 121 ? -3.276  5.293   -5.386  1.00 14.99 ? 121 TYR A N   1 
ATOM   943  C CA  . TYR A 1 121 ? -4.068  4.082   -5.771  1.00 14.95 ? 121 TYR A CA  1 
ATOM   944  C C   . TYR A 1 121 ? -4.700  4.586   -7.066  1.00 15.51 ? 121 TYR A C   1 
ATOM   945  O O   . TYR A 1 121 ? -4.660  3.748   -7.981  1.00 16.99 ? 121 TYR A O   1 
ATOM   946  C CB  . TYR A 1 121 ? -5.041  3.544   -4.789  1.00 14.38 ? 121 TYR A CB  1 
ATOM   947  C CG  . TYR A 1 121 ? -4.448  3.136   -3.467  1.00 14.01 ? 121 TYR A CG  1 
ATOM   948  C CD1 . TYR A 1 121 ? -3.288  2.340   -3.425  1.00 13.32 ? 121 TYR A CD1 1 
ATOM   949  C CD2 . TYR A 1 121 ? -5.090  3.528   -2.287  1.00 13.49 ? 121 TYR A CD2 1 
ATOM   950  C CE1 . TYR A 1 121 ? -2.775  1.988   -2.184  1.00 13.10 ? 121 TYR A CE1 1 
ATOM   951  C CE2 . TYR A 1 121 ? -4.576  3.139   -1.061  1.00 13.45 ? 121 TYR A CE2 1 
ATOM   952  C CZ  . TYR A 1 121 ? -3.402  2.376   -1.044  1.00 13.50 ? 121 TYR A CZ  1 
ATOM   953  O OH  . TYR A 1 121 ? -2.880  1.991   0.151   1.00 14.57 ? 121 TYR A OH  1 
ATOM   954  N N   . LYS A 1 122 ? -5.109  5.778   -7.220  1.00 16.01 ? 122 LYS A N   1 
ATOM   955  C CA  . LYS A 1 122 ? -5.585  6.312   -8.489  1.00 18.28 ? 122 LYS A CA  1 
ATOM   956  C C   . LYS A 1 122 ? -4.587  6.157   -9.617  1.00 19.14 ? 122 LYS A C   1 
ATOM   957  O O   . LYS A 1 122 ? -5.100  5.732   -10.711 1.00 19.02 ? 122 LYS A O   1 
ATOM   958  C CB  . LYS A 1 122 ? -6.038  7.759   -8.311  1.00 20.03 ? 122 LYS A CB  1 
ATOM   959  C CG  . LYS A 1 122 ? -7.277  8.241   -9.098  1.00 21.06 ? 122 LYS A CG  1 
ATOM   960  C CD  . LYS A 1 122 ? -8.269  7.073   -9.134  1.00 22.17 ? 122 LYS A CD  1 
ATOM   961  C CE  . LYS A 1 122 ? -9.329  7.175   -10.222 1.00 22.88 ? 122 LYS A CE  1 
ATOM   962  N NZ  . LYS A 1 122 ? -10.637 6.690   -9.639  1.00 23.37 ? 122 LYS A NZ  1 
ATOM   963  N N   . GLU A 1 123 ? -3.271  6.400   -9.468  1.00 19.87 ? 123 GLU A N   1 
ATOM   964  C CA  . GLU A 1 123 ? -2.413  6.226   -10.686 1.00 20.99 ? 123 GLU A CA  1 
ATOM   965  C C   . GLU A 1 123 ? -2.284  4.742   -11.100 1.00 21.36 ? 123 GLU A C   1 
ATOM   966  O O   . GLU A 1 123 ? -2.455  4.382   -12.259 1.00 20.96 ? 123 GLU A O   1 
ATOM   967  C CB  . GLU A 1 123 ? -1.020  6.819   -10.713 1.00 21.42 ? 123 GLU A CB  1 
ATOM   968  C CG  . GLU A 1 123 ? -0.462  8.131   -11.138 1.00 21.85 ? 123 GLU A CG  1 
ATOM   969  C CD  . GLU A 1 123 ? 0.955   8.448   -11.483 1.00 22.28 ? 123 GLU A CD  1 
ATOM   970  O OE1 . GLU A 1 123 ? 1.587   7.833   -12.345 1.00 22.32 ? 123 GLU A OE1 1 
ATOM   971  O OE2 . GLU A 1 123 ? 1.464   9.442   -10.855 1.00 22.32 ? 123 GLU A OE2 1 
ATOM   972  N N   . ALA A 1 124 ? -2.086  3.814   -10.129 1.00 22.00 ? 124 ALA A N   1 
ATOM   973  C CA  . ALA A 1 124 ? -1.847  2.404   -10.051 1.00 22.85 ? 124 ALA A CA  1 
ATOM   974  C C   . ALA A 1 124 ? -2.601  1.528   -11.056 1.00 23.84 ? 124 ALA A C   1 
ATOM   975  O O   . ALA A 1 124 ? -2.156  0.993   -12.063 1.00 23.11 ? 124 ALA A O   1 
ATOM   976  C CB  . ALA A 1 124 ? -2.284  1.903   -8.660  1.00 22.52 ? 124 ALA A CB  1 
ATOM   977  N N   . MET A 1 125 ? -3.837  1.378   -10.695 1.00 25.65 ? 125 MET A N   1 
ATOM   978  C CA  . MET A 1 125 ? -4.959  0.638   -11.257 1.00 27.25 ? 125 MET A CA  1 
ATOM   979  C C   . MET A 1 125 ? -5.072  0.816   -12.776 1.00 27.59 ? 125 MET A C   1 
ATOM   980  O O   . MET A 1 125 ? -5.150  -0.039  -13.676 1.00 27.67 ? 125 MET A O   1 
ATOM   981  C CB  . MET A 1 125 ? -6.210  1.106   -10.544 1.00 28.06 ? 125 MET A CB  1 
ATOM   982  C CG  . MET A 1 125 ? -6.350  1.127   -9.069  1.00 29.03 ? 125 MET A CG  1 
ATOM   983  S SD  . MET A 1 125 ? -8.069  1.813   -8.791  1.00 31.45 ? 125 MET A SD  1 
ATOM   984  C CE  . MET A 1 125 ? -8.107  1.700   -6.971  1.00 30.54 ? 125 MET A CE  1 
ATOM   985  N N   . ASN A 1 126 ? -5.074  2.103   -13.060 1.00 28.26 ? 126 ASN A N   1 
ATOM   986  C CA  . ASN A 1 126 ? -5.129  2.643   -14.422 1.00 28.48 ? 126 ASN A CA  1 
ATOM   987  C C   . ASN A 1 126 ? -3.833  2.437   -15.183 1.00 28.84 ? 126 ASN A C   1 
ATOM   988  O O   . ASN A 1 126 ? -3.454  3.219   -16.064 1.00 29.47 ? 126 ASN A O   1 
ATOM   989  C CB  . ASN A 1 126 ? -5.815  3.994   -14.275 1.00 28.48 ? 126 ASN A CB  1 
ATOM   990  C CG  . ASN A 1 126 ? -7.310  3.666   -14.044 1.00 28.75 ? 126 ASN A CG  1 
ATOM   991  O OD1 . ASN A 1 126 ? -7.721  2.547   -14.445 1.00 28.62 ? 126 ASN A OD1 1 
ATOM   992  N ND2 . ASN A 1 126 ? -8.016  4.640   -13.448 1.00 28.38 ? 126 ASN A ND2 1 
ATOM   993  N N   . HIS A 1 127 ? -3.195  1.304   -14.932 1.00 29.15 ? 127 HIS A N   1 
ATOM   994  C CA  . HIS A 1 127 ? -1.955  0.763   -15.517 1.00 29.41 ? 127 HIS A CA  1 
ATOM   995  C C   . HIS A 1 127 ? -2.346  -0.565  -16.165 1.00 28.84 ? 127 HIS A C   1 
ATOM   996  O O   . HIS A 1 127 ? -3.255  -1.234  -15.628 1.00 28.83 ? 127 HIS A O   1 
ATOM   997  C CB  . HIS A 1 127 ? -0.907  0.605   -14.402 1.00 30.78 ? 127 HIS A CB  1 
ATOM   998  C CG  . HIS A 1 127 ? 0.472   1.179   -14.496 1.00 31.40 ? 127 HIS A CG  1 
ATOM   999  N ND1 . HIS A 1 127 ? 1.608   0.507   -14.088 1.00 31.61 ? 127 HIS A ND1 1 
ATOM   1000 C CD2 . HIS A 1 127 ? 0.906   2.388   -14.951 1.00 31.89 ? 127 HIS A CD2 1 
ATOM   1001 C CE1 . HIS A 1 127 ? 2.657   1.315   -14.315 1.00 32.15 ? 127 HIS A CE1 1 
ATOM   1002 N NE2 . HIS A 1 127 ? 2.272   2.461   -14.860 1.00 31.74 ? 127 HIS A NE2 1 
ATOM   1003 N N   . PRO A 1 128 ? -1.776  -0.929  -17.303 1.00 28.35 ? 128 PRO A N   1 
ATOM   1004 C CA  . PRO A 1 128 ? -2.087  -2.191  -18.042 1.00 27.45 ? 128 PRO A CA  1 
ATOM   1005 C C   . PRO A 1 128 ? -1.105  -3.175  -17.459 1.00 26.70 ? 128 PRO A C   1 
ATOM   1006 O O   . PRO A 1 128 ? 0.101   -2.987  -17.709 1.00 27.07 ? 128 PRO A O   1 
ATOM   1007 C CB  . PRO A 1 128 ? -1.708  -1.862  -19.489 1.00 27.56 ? 128 PRO A CB  1 
ATOM   1008 C CG  . PRO A 1 128 ? -0.402  -1.121  -19.252 1.00 27.88 ? 128 PRO A CG  1 
ATOM   1009 C CD  . PRO A 1 128 ? -0.744  -0.211  -18.059 1.00 28.17 ? 128 PRO A CD  1 
ATOM   1010 N N   . GLY A 1 129 ? -1.573  -4.122  -16.660 1.00 25.70 ? 129 GLY A N   1 
ATOM   1011 C CA  . GLY A 1 129 ? -0.559  -5.008  -16.081 1.00 23.82 ? 129 GLY A CA  1 
ATOM   1012 C C   . GLY A 1 129 ? -1.014  -5.804  -14.879 1.00 22.39 ? 129 GLY A C   1 
ATOM   1013 O O   . GLY A 1 129 ? -2.087  -5.789  -14.332 1.00 21.58 ? 129 GLY A O   1 
ATOM   1014 N N   . HIS A 1 130 ? 0.001   -6.552  -14.458 1.00 21.80 ? 130 HIS A N   1 
ATOM   1015 C CA  . HIS A 1 130 ? -0.163  -7.483  -13.347 1.00 20.36 ? 130 HIS A CA  1 
ATOM   1016 C C   . HIS A 1 130 ? -0.249  -6.755  -12.015 1.00 19.30 ? 130 HIS A C   1 
ATOM   1017 O O   . HIS A 1 130 ? 0.817   -6.465  -11.444 1.00 18.92 ? 130 HIS A O   1 
ATOM   1018 C CB  . HIS A 1 130 ? 0.962   -8.561  -13.321 1.00 20.32 ? 130 HIS A CB  1 
ATOM   1019 C CG  . HIS A 1 130 ? 0.105   -9.734  -12.912 1.00 20.09 ? 130 HIS A CG  1 
ATOM   1020 N ND1 . HIS A 1 130 ? -0.271  -10.729 -13.786 1.00 20.79 ? 130 HIS A ND1 1 
ATOM   1021 C CD2 . HIS A 1 130 ? -0.453  -9.979  -11.744 1.00 19.86 ? 130 HIS A CD2 1 
ATOM   1022 C CE1 . HIS A 1 130 ? -1.089  -11.527 -13.111 1.00 20.60 ? 130 HIS A CE1 1 
ATOM   1023 N NE2 . HIS A 1 130 ? -1.192  -11.107 -11.875 1.00 20.03 ? 130 HIS A NE2 1 
ATOM   1024 N N   . LEU A 1 131 ? -1.507  -6.564  -11.647 1.00 17.12 ? 131 LEU A N   1 
ATOM   1025 C CA  . LEU A 1 131 ? -1.879  -5.904  -10.426 1.00 15.19 ? 131 LEU A CA  1 
ATOM   1026 C C   . LEU A 1 131 ? -2.745  -6.786  -9.532  1.00 14.01 ? 131 LEU A C   1 
ATOM   1027 O O   . LEU A 1 131 ? -3.786  -7.266  -9.992  1.00 12.82 ? 131 LEU A O   1 
ATOM   1028 C CB  . LEU A 1 131 ? -2.769  -4.677  -10.699 1.00 16.27 ? 131 LEU A CB  1 
ATOM   1029 C CG  . LEU A 1 131 ? -2.510  -3.395  -9.960  1.00 16.14 ? 131 LEU A CG  1 
ATOM   1030 C CD1 . LEU A 1 131 ? -1.650  -2.595  -10.922 1.00 16.79 ? 131 LEU A CD1 1 
ATOM   1031 C CD2 . LEU A 1 131 ? -3.828  -2.733  -9.593  1.00 16.54 ? 131 LEU A CD2 1 
ATOM   1032 N N   . LYS A 1 132 ? -2.246  -6.835  -8.308  1.00 13.11 ? 132 LYS A N   1 
ATOM   1033 C CA  . LYS A 1 132 ? -2.946  -7.572  -7.272  1.00 12.86 ? 132 LYS A CA  1 
ATOM   1034 C C   . LYS A 1 132 ? -3.210  -6.485  -6.212  1.00 12.09 ? 132 LYS A C   1 
ATOM   1035 O O   . LYS A 1 132 ? -2.492  -5.614  -5.765  1.00 11.86 ? 132 LYS A O   1 
ATOM   1036 C CB  . LYS A 1 132 ? -2.312  -8.851  -6.767  1.00 13.15 ? 132 LYS A CB  1 
ATOM   1037 C CG  . LYS A 1 132 ? -1.405  -9.602  -7.740  1.00 14.08 ? 132 LYS A CG  1 
ATOM   1038 C CD  . LYS A 1 132 ? -1.228  -11.036 -7.218  1.00 14.40 ? 132 LYS A CD  1 
ATOM   1039 C CE  . LYS A 1 132 ? 0.121   -11.099 -6.501  1.00 15.61 ? 132 LYS A CE  1 
ATOM   1040 N NZ  . LYS A 1 132 ? 0.641   -12.526 -6.575  1.00 15.17 ? 132 LYS A NZ  1 
ATOM   1041 N N   . LEU A 1 133 ? -4.453  -6.515  -5.794  1.00 11.89 ? 133 LEU A N   1 
ATOM   1042 C CA  . LEU A 1 133 ? -5.044  -5.641  -4.802  1.00 11.56 ? 133 LEU A CA  1 
ATOM   1043 C C   . LEU A 1 133 ? -5.179  -6.410  -3.475  1.00 10.72 ? 133 LEU A C   1 
ATOM   1044 O O   . LEU A 1 133 ? -6.043  -7.287  -3.440  1.00 11.62 ? 133 LEU A O   1 
ATOM   1045 C CB  . LEU A 1 133 ? -6.430  -5.201  -5.191  1.00 11.13 ? 133 LEU A CB  1 
ATOM   1046 C CG  . LEU A 1 133 ? -6.717  -3.774  -5.424  1.00 11.27 ? 133 LEU A CG  1 
ATOM   1047 C CD1 . LEU A 1 133 ? -6.012  -3.296  -6.702  1.00 11.72 ? 133 LEU A CD1 1 
ATOM   1048 C CD2 . LEU A 1 133 ? -8.236  -3.640  -5.522  1.00 10.50 ? 133 LEU A CD2 1 
ATOM   1049 N N   . PHE A 1 134 ? -4.408  -5.974  -2.533  1.00 9.24  ? 134 PHE A N   1 
ATOM   1050 C CA  . PHE A 1 134 ? -4.483  -6.599  -1.218  1.00 8.37  ? 134 PHE A CA  1 
ATOM   1051 C C   . PHE A 1 134 ? -5.368  -5.613  -0.444  1.00 8.26  ? 134 PHE A C   1 
ATOM   1052 O O   . PHE A 1 134 ? -4.975  -4.535  0.047   1.00 7.00  ? 134 PHE A O   1 
ATOM   1053 C CB  . PHE A 1 134 ? -3.081  -6.975  -0.725  1.00 8.28  ? 134 PHE A CB  1 
ATOM   1054 C CG  . PHE A 1 134 ? -2.345  -8.144  -1.331  1.00 6.96  ? 134 PHE A CG  1 
ATOM   1055 C CD1 . PHE A 1 134 ? -1.793  -8.094  -2.608  1.00 6.90  ? 134 PHE A CD1 1 
ATOM   1056 C CD2 . PHE A 1 134 ? -2.118  -9.313  -0.617  1.00 6.70  ? 134 PHE A CD2 1 
ATOM   1057 C CE1 . PHE A 1 134 ? -1.113  -9.140  -3.173  1.00 5.86  ? 134 PHE A CE1 1 
ATOM   1058 C CE2 . PHE A 1 134 ? -1.386  -10.387 -1.134  1.00 4.82  ? 134 PHE A CE2 1 
ATOM   1059 C CZ  . PHE A 1 134 ? -0.925  -10.247 -2.412  1.00 4.59  ? 134 PHE A CZ  1 
ATOM   1060 N N   . VAL A 1 135 ? -6.629  -6.138  -0.352  1.00 8.50  ? 135 VAL A N   1 
ATOM   1061 C CA  . VAL A 1 135 ? -7.702  -5.429  0.359   1.00 7.86  ? 135 VAL A CA  1 
ATOM   1062 C C   . VAL A 1 135 ? -8.183  -5.867  1.751   1.00 8.34  ? 135 VAL A C   1 
ATOM   1063 O O   . VAL A 1 135 ? -8.935  -6.846  1.810   1.00 8.33  ? 135 VAL A O   1 
ATOM   1064 C CB  . VAL A 1 135 ? -8.995  -5.375  -0.526  1.00 7.35  ? 135 VAL A CB  1 
ATOM   1065 C CG1 . VAL A 1 135 ? -10.083 -4.833  0.414   1.00 6.85  ? 135 VAL A CG1 1 
ATOM   1066 C CG2 . VAL A 1 135 ? -8.975  -4.592  -1.837  1.00 5.70  ? 135 VAL A CG2 1 
ATOM   1067 N N   . THR A 1 136 ? -7.911  -5.075  2.814   1.00 8.75  ? 136 THR A N   1 
ATOM   1068 C CA  . THR A 1 136 ? -8.341  -5.261  4.176   1.00 9.22  ? 136 THR A CA  1 
ATOM   1069 C C   . THR A 1 136 ? -9.713  -4.542  4.461   1.00 10.74 ? 136 THR A C   1 
ATOM   1070 O O   . THR A 1 136 ? -9.844  -3.334  4.677   1.00 10.46 ? 136 THR A O   1 
ATOM   1071 C CB  . THR A 1 136 ? -7.375  -4.806  5.355   1.00 8.74  ? 136 THR A CB  1 
ATOM   1072 O OG1 . THR A 1 136 ? -5.997  -5.203  5.293   1.00 7.56  ? 136 THR A OG1 1 
ATOM   1073 C CG2 . THR A 1 136 ? -7.931  -5.270  6.721   1.00 8.19  ? 136 THR A CG2 1 
ATOM   1074 N N   . ARG A 1 137 ? -10.789 -5.290  4.525   1.00 11.85 ? 137 ARG A N   1 
ATOM   1075 C CA  . ARG A 1 137 ? -12.164 -4.940  4.725   1.00 12.62 ? 137 ARG A CA  1 
ATOM   1076 C C   . ARG A 1 137 ? -12.595 -4.946  6.192   1.00 13.14 ? 137 ARG A C   1 
ATOM   1077 O O   . ARG A 1 137 ? -12.908 -5.925  6.888   1.00 12.49 ? 137 ARG A O   1 
ATOM   1078 C CB  . ARG A 1 137 ? -13.188 -5.759  3.959   1.00 13.56 ? 137 ARG A CB  1 
ATOM   1079 C CG  . ARG A 1 137 ? -13.393 -5.651  2.454   1.00 13.87 ? 137 ARG A CG  1 
ATOM   1080 C CD  . ARG A 1 137 ? -12.830 -4.475  1.859   1.00 15.23 ? 137 ARG A CD  1 
ATOM   1081 N NE  . ARG A 1 137 ? -12.938 -4.252  0.449   1.00 17.01 ? 137 ARG A NE  1 
ATOM   1082 C CZ  . ARG A 1 137 ? -13.931 -4.261  -0.456  1.00 17.85 ? 137 ARG A CZ  1 
ATOM   1083 N NH1 . ARG A 1 137 ? -15.217 -4.575  -0.236  1.00 16.77 ? 137 ARG A NH1 1 
ATOM   1084 N NH2 . ARG A 1 137 ? -13.517 -3.867  -1.705  1.00 18.44 ? 137 ARG A NH2 1 
ATOM   1085 N N   . ILE A 1 138 ? -12.543 -3.659  6.625   1.00 14.13 ? 138 ILE A N   1 
ATOM   1086 C CA  . ILE A 1 138 ? -12.920 -3.242  7.975   1.00 15.03 ? 138 ILE A CA  1 
ATOM   1087 C C   . ILE A 1 138 ? -14.445 -3.186  7.728   1.00 16.43 ? 138 ILE A C   1 
ATOM   1088 O O   . ILE A 1 138 ? -14.944 -2.471  6.840   1.00 17.28 ? 138 ILE A O   1 
ATOM   1089 C CB  . ILE A 1 138 ? -12.150 -1.944  8.340   1.00 15.09 ? 138 ILE A CB  1 
ATOM   1090 C CG1 . ILE A 1 138 ? -10.622 -2.059  8.105   1.00 14.76 ? 138 ILE A CG1 1 
ATOM   1091 C CG2 . ILE A 1 138 ? -12.455 -1.500  9.824   1.00 14.34 ? 138 ILE A CG2 1 
ATOM   1092 C CD1 . ILE A 1 138 ? -9.912  -2.661  9.391   1.00 14.33 ? 138 ILE A CD1 1 
ATOM   1093 N N   . MET A 1 139 ? -15.157 -4.024  8.406   1.00 17.64 ? 139 MET A N   1 
ATOM   1094 C CA  . MET A 1 139 ? -16.580 -4.240  8.329   1.00 18.94 ? 139 MET A CA  1 
ATOM   1095 C C   . MET A 1 139 ? -17.384 -3.470  9.383   1.00 19.56 ? 139 MET A C   1 
ATOM   1096 O O   . MET A 1 139 ? -18.189 -4.064  10.102  1.00 19.95 ? 139 MET A O   1 
ATOM   1097 C CB  . MET A 1 139 ? -16.866 -5.738  8.389   1.00 18.90 ? 139 MET A CB  1 
ATOM   1098 C CG  . MET A 1 139 ? -15.734 -6.546  7.835   1.00 19.78 ? 139 MET A CG  1 
ATOM   1099 S SD  . MET A 1 139 ? -15.936 -8.184  8.685   1.00 21.01 ? 139 MET A SD  1 
ATOM   1100 C CE  . MET A 1 139 ? -17.609 -8.439  8.007   1.00 21.45 ? 139 MET A CE  1 
ATOM   1101 N N   . GLN A 1 140 ? -17.159 -2.190  9.393   1.00 20.43 ? 140 GLN A N   1 
ATOM   1102 C CA  . GLN A 1 140 ? -17.738 -1.138  10.196  1.00 20.84 ? 140 GLN A CA  1 
ATOM   1103 C C   . GLN A 1 140 ? -17.623 0.218   9.487   1.00 20.46 ? 140 GLN A C   1 
ATOM   1104 O O   . GLN A 1 140 ? -16.883 0.374   8.510   1.00 20.02 ? 140 GLN A O   1 
ATOM   1105 C CB  . GLN A 1 140 ? -17.063 -1.058  11.564  1.00 22.29 ? 140 GLN A CB  1 
ATOM   1106 C CG  . GLN A 1 140 ? -18.078 -1.671  12.546  1.00 24.32 ? 140 GLN A CG  1 
ATOM   1107 C CD  . GLN A 1 140 ? -17.442 -1.947  13.906  1.00 25.51 ? 140 GLN A CD  1 
ATOM   1108 O OE1 . GLN A 1 140 ? -16.765 -1.031  14.405  1.00 25.93 ? 140 GLN A OE1 1 
ATOM   1109 N NE2 . GLN A 1 140 ? -17.693 -3.162  14.431  1.00 25.34 ? 140 GLN A NE2 1 
ATOM   1110 N N   . ASP A 1 141 ? -18.374 1.194   9.995   1.00 20.26 ? 141 ASP A N   1 
ATOM   1111 C CA  . ASP A 1 141 ? -18.358 2.550   9.462   1.00 19.69 ? 141 ASP A CA  1 
ATOM   1112 C C   . ASP A 1 141 ? -17.476 3.320   10.454  1.00 19.05 ? 141 ASP A C   1 
ATOM   1113 O O   . ASP A 1 141 ? -17.469 2.962   11.622  1.00 19.58 ? 141 ASP A O   1 
ATOM   1114 C CB  . ASP A 1 141 ? -19.660 3.274   9.290   1.00 20.98 ? 141 ASP A CB  1 
ATOM   1115 C CG  . ASP A 1 141 ? -20.566 3.120   8.093   1.00 21.52 ? 141 ASP A CG  1 
ATOM   1116 O OD1 . ASP A 1 141 ? -20.159 3.204   6.920   1.00 22.63 ? 141 ASP A OD1 1 
ATOM   1117 O OD2 . ASP A 1 141 ? -21.781 2.978   8.287   1.00 21.82 ? 141 ASP A OD2 1 
ATOM   1118 N N   . PHE A 1 142 ? -16.829 4.291   9.874   1.00 18.47 ? 142 PHE A N   1 
ATOM   1119 C CA  . PHE A 1 142 ? -15.952 5.220   10.565  1.00 18.42 ? 142 PHE A CA  1 
ATOM   1120 C C   . PHE A 1 142 ? -16.138 6.520   9.754   1.00 19.12 ? 142 PHE A C   1 
ATOM   1121 O O   . PHE A 1 142 ? -16.056 6.424   8.508   1.00 21.01 ? 142 PHE A O   1 
ATOM   1122 C CB  . PHE A 1 142 ? -14.504 4.802   10.791  1.00 16.88 ? 142 PHE A CB  1 
ATOM   1123 C CG  . PHE A 1 142 ? -14.454 3.538   11.601  1.00 15.69 ? 142 PHE A CG  1 
ATOM   1124 C CD1 . PHE A 1 142 ? -14.613 3.614   12.985  1.00 14.97 ? 142 PHE A CD1 1 
ATOM   1125 C CD2 . PHE A 1 142 ? -14.271 2.284   10.981  1.00 14.35 ? 142 PHE A CD2 1 
ATOM   1126 C CE1 . PHE A 1 142 ? -14.608 2.436   13.714  1.00 13.78 ? 142 PHE A CE1 1 
ATOM   1127 C CE2 . PHE A 1 142 ? -14.312 1.113   11.736  1.00 13.36 ? 142 PHE A CE2 1 
ATOM   1128 C CZ  . PHE A 1 142 ? -14.480 1.198   13.105  1.00 13.21 ? 142 PHE A CZ  1 
ATOM   1129 N N   . GLU A 1 143 ? -16.419 7.641   10.382  1.00 18.88 ? 143 GLU A N   1 
ATOM   1130 C CA  . GLU A 1 143 ? -16.553 8.863   9.509   1.00 18.49 ? 143 GLU A CA  1 
ATOM   1131 C C   . GLU A 1 143 ? -15.143 9.069   9.008   1.00 17.74 ? 143 GLU A C   1 
ATOM   1132 O O   . GLU A 1 143 ? -14.198 8.972   9.822   1.00 18.21 ? 143 GLU A O   1 
ATOM   1133 C CB  . GLU A 1 143 ? -17.143 10.038  10.233  1.00 18.87 ? 143 GLU A CB  1 
ATOM   1134 C CG  . GLU A 1 143 ? -16.549 11.178  10.996  1.00 19.40 ? 143 GLU A CG  1 
ATOM   1135 C CD  . GLU A 1 143 ? -17.159 11.664  12.287  1.00 19.56 ? 143 GLU A CD  1 
ATOM   1136 O OE1 . GLU A 1 143 ? -18.352 11.812  12.516  1.00 18.45 ? 143 GLU A OE1 1 
ATOM   1137 O OE2 . GLU A 1 143 ? -16.233 11.903  13.142  1.00 19.64 ? 143 GLU A OE2 1 
ATOM   1138 N N   . SER A 1 144 ? -14.958 9.349   7.761   1.00 17.15 ? 144 SER A N   1 
ATOM   1139 C CA  . SER A 1 144 ? -13.631 9.583   7.140   1.00 16.07 ? 144 SER A CA  1 
ATOM   1140 C C   . SER A 1 144 ? -13.941 10.735  6.170   1.00 16.50 ? 144 SER A C   1 
ATOM   1141 O O   . SER A 1 144 ? -15.120 10.830  5.832   1.00 15.92 ? 144 SER A O   1 
ATOM   1142 C CB  . SER A 1 144 ? -13.070 8.394   6.362   1.00 14.88 ? 144 SER A CB  1 
ATOM   1143 O OG  . SER A 1 144 ? -13.739 7.144   6.583   1.00 13.81 ? 144 SER A OG  1 
ATOM   1144 N N   . ASP A 1 145 ? -12.942 11.443  5.753   1.00 17.35 ? 145 ASP A N   1 
ATOM   1145 C CA  . ASP A 1 145 ? -12.754 12.535  4.853   1.00 18.37 ? 145 ASP A CA  1 
ATOM   1146 C C   . ASP A 1 145 ? -12.084 12.073  3.537   1.00 19.30 ? 145 ASP A C   1 
ATOM   1147 O O   . ASP A 1 145 ? -12.375 12.599  2.396   1.00 19.81 ? 145 ASP A O   1 
ATOM   1148 C CB  . ASP A 1 145 ? -11.975 13.665  5.557   1.00 19.21 ? 145 ASP A CB  1 
ATOM   1149 C CG  . ASP A 1 145 ? -10.530 13.546  5.858   1.00 19.39 ? 145 ASP A CG  1 
ATOM   1150 O OD1 . ASP A 1 145 ? -9.852  12.513  5.803   1.00 19.44 ? 145 ASP A OD1 1 
ATOM   1151 O OD2 . ASP A 1 145 ? -9.768  14.452  6.206   1.00 20.51 ? 145 ASP A OD2 1 
ATOM   1152 N N   . THR A 1 146 ? -11.225 11.070  3.651   1.00 18.95 ? 146 THR A N   1 
ATOM   1153 C CA  . THR A 1 146 ? -10.502 10.477  2.472   1.00 18.47 ? 146 THR A CA  1 
ATOM   1154 C C   . THR A 1 146 ? -11.057 9.068   2.252   1.00 17.94 ? 146 THR A C   1 
ATOM   1155 O O   . THR A 1 146 ? -11.334 8.240   3.131   1.00 17.71 ? 146 THR A O   1 
ATOM   1156 C CB  . THR A 1 146 ? -8.952  10.718  2.627   1.00 18.25 ? 146 THR A CB  1 
ATOM   1157 O OG1 . THR A 1 146 ? -8.153  9.917   1.729   1.00 18.16 ? 146 THR A OG1 1 
ATOM   1158 C CG2 . THR A 1 146 ? -8.401  10.377  4.009   1.00 18.20 ? 146 THR A CG2 1 
ATOM   1159 N N   . PHE A 1 147 ? -11.241 8.715   0.999   1.00 17.29 ? 147 PHE A N   1 
ATOM   1160 C CA  . PHE A 1 147 ? -11.841 7.486   0.531   1.00 16.99 ? 147 PHE A CA  1 
ATOM   1161 C C   . PHE A 1 147 ? -11.063 6.662   -0.509  1.00 16.54 ? 147 PHE A C   1 
ATOM   1162 O O   . PHE A 1 147 ? -10.144 7.263   -1.086  1.00 16.24 ? 147 PHE A O   1 
ATOM   1163 C CB  . PHE A 1 147 ? -13.206 7.890   -0.095  1.00 16.99 ? 147 PHE A CB  1 
ATOM   1164 C CG  . PHE A 1 147 ? -14.144 8.344   0.984   1.00 17.92 ? 147 PHE A CG  1 
ATOM   1165 C CD1 . PHE A 1 147 ? -14.693 7.394   1.857   1.00 18.28 ? 147 PHE A CD1 1 
ATOM   1166 C CD2 . PHE A 1 147 ? -14.499 9.710   1.101   1.00 17.69 ? 147 PHE A CD2 1 
ATOM   1167 C CE1 . PHE A 1 147 ? -15.596 7.823   2.871   1.00 18.60 ? 147 PHE A CE1 1 
ATOM   1168 C CE2 . PHE A 1 147 ? -15.378 10.106  2.096   1.00 17.78 ? 147 PHE A CE2 1 
ATOM   1169 C CZ  . PHE A 1 147 ? -15.951 9.173   2.958   1.00 17.76 ? 147 PHE A CZ  1 
ATOM   1170 N N   . PHE A 1 148 ? -11.524 5.436   -0.681  1.00 15.78 ? 148 PHE A N   1 
ATOM   1171 C CA  . PHE A 1 148 ? -10.925 4.542   -1.669  1.00 16.34 ? 148 PHE A CA  1 
ATOM   1172 C C   . PHE A 1 148 ? -11.454 4.930   -3.053  1.00 16.33 ? 148 PHE A C   1 
ATOM   1173 O O   . PHE A 1 148 ? -12.665 5.121   -3.169  1.00 16.12 ? 148 PHE A O   1 
ATOM   1174 C CB  . PHE A 1 148 ? -11.155 3.007   -1.406  1.00 16.00 ? 148 PHE A CB  1 
ATOM   1175 C CG  . PHE A 1 148 ? -10.103 2.203   -2.150  1.00 16.12 ? 148 PHE A CG  1 
ATOM   1176 C CD1 . PHE A 1 148 ? -8.742  2.348   -1.814  1.00 15.91 ? 148 PHE A CD1 1 
ATOM   1177 C CD2 . PHE A 1 148 ? -10.426 1.351   -3.191  1.00 15.84 ? 148 PHE A CD2 1 
ATOM   1178 C CE1 . PHE A 1 148 ? -7.739  1.686   -2.476  1.00 15.70 ? 148 PHE A CE1 1 
ATOM   1179 C CE2 . PHE A 1 148 ? -9.445  0.666   -3.898  1.00 15.52 ? 148 PHE A CE2 1 
ATOM   1180 C CZ  . PHE A 1 148 ? -8.094  0.816   -3.518  1.00 15.77 ? 148 PHE A CZ  1 
ATOM   1181 N N   . PRO A 1 149 ? -10.553 5.032   -4.022  1.00 17.20 ? 149 PRO A N   1 
ATOM   1182 C CA  . PRO A 1 149 ? -10.959 5.319   -5.428  1.00 17.51 ? 149 PRO A CA  1 
ATOM   1183 C C   . PRO A 1 149 ? -11.755 4.080   -5.812  1.00 18.49 ? 149 PRO A C   1 
ATOM   1184 O O   . PRO A 1 149 ? -11.327 2.935   -5.495  1.00 18.01 ? 149 PRO A O   1 
ATOM   1185 C CB  . PRO A 1 149 ? -9.614  5.624   -6.124  1.00 17.34 ? 149 PRO A CB  1 
ATOM   1186 C CG  . PRO A 1 149 ? -8.622  4.770   -5.349  1.00 16.61 ? 149 PRO A CG  1 
ATOM   1187 C CD  . PRO A 1 149 ? -9.071  5.042   -3.872  1.00 16.94 ? 149 PRO A CD  1 
ATOM   1188 N N   . GLU A 1 150 ? -12.930 4.161   -6.414  1.00 19.95 ? 150 GLU A N   1 
ATOM   1189 C CA  . GLU A 1 150 ? -13.638 2.877   -6.755  1.00 21.30 ? 150 GLU A CA  1 
ATOM   1190 C C   . GLU A 1 150 ? -13.056 2.306   -8.045  1.00 21.52 ? 150 GLU A C   1 
ATOM   1191 O O   . GLU A 1 150 ? -12.793 3.091   -9.016  1.00 23.20 ? 150 GLU A O   1 
ATOM   1192 C CB  . GLU A 1 150 ? -15.141 3.062   -6.963  1.00 21.84 ? 150 GLU A CB  1 
ATOM   1193 C CG  . GLU A 1 150 ? -16.099 1.844   -6.807  1.00 22.24 ? 150 GLU A CG  1 
ATOM   1194 C CD  . GLU A 1 150 ? -16.952 1.770   -8.051  1.00 22.43 ? 150 GLU A CD  1 
ATOM   1195 O OE1 . GLU A 1 150 ? -17.214 2.970   -8.332  1.00 22.71 ? 150 GLU A OE1 1 
ATOM   1196 O OE2 . GLU A 1 150 ? -17.267 0.811   -8.722  1.00 22.80 ? 150 GLU A OE2 1 
ATOM   1197 N N   . ILE A 1 151 ? -12.893 0.959   -7.989  1.00 20.47 ? 151 ILE A N   1 
ATOM   1198 C CA  . ILE A 1 151 ? -12.375 0.014   -8.954  1.00 19.50 ? 151 ILE A CA  1 
ATOM   1199 C C   . ILE A 1 151 ? -13.491 -0.648  -9.786  1.00 19.52 ? 151 ILE A C   1 
ATOM   1200 O O   . ILE A 1 151 ? -14.328 -1.356  -9.137  1.00 19.52 ? 151 ILE A O   1 
ATOM   1201 C CB  . ILE A 1 151 ? -11.661 -1.197  -8.215  1.00 18.72 ? 151 ILE A CB  1 
ATOM   1202 C CG1 . ILE A 1 151 ? -12.164 -1.331  -6.782  1.00 18.13 ? 151 ILE A CG1 1 
ATOM   1203 C CG2 . ILE A 1 151 ? -10.112 -1.194  -8.252  1.00 18.64 ? 151 ILE A CG2 1 
ATOM   1204 C CD1 . ILE A 1 151 ? -11.508 -2.571  -6.064  1.00 17.36 ? 151 ILE A CD1 1 
ATOM   1205 N N   . ASP A 1 152 ? -13.446 -0.464  -11.095 1.00 18.50 ? 152 ASP A N   1 
ATOM   1206 C CA  . ASP A 1 152 ? -14.521 -1.184  -11.853 1.00 19.16 ? 152 ASP A CA  1 
ATOM   1207 C C   . ASP A 1 152 ? -14.267 -2.644  -11.466 1.00 19.10 ? 152 ASP A C   1 
ATOM   1208 O O   . ASP A 1 152 ? -13.413 -3.105  -12.242 1.00 19.75 ? 152 ASP A O   1 
ATOM   1209 C CB  . ASP A 1 152 ? -14.521 -1.143  -13.376 1.00 18.76 ? 152 ASP A CB  1 
ATOM   1210 C CG  . ASP A 1 152 ? -15.600 -2.062  -13.943 1.00 18.83 ? 152 ASP A CG  1 
ATOM   1211 O OD1 . ASP A 1 152 ? -16.169 -2.928  -13.237 1.00 18.31 ? 152 ASP A OD1 1 
ATOM   1212 O OD2 . ASP A 1 152 ? -15.904 -1.892  -15.144 1.00 19.35 ? 152 ASP A OD2 1 
ATOM   1213 N N   . LEU A 1 153 ? -14.865 -3.240  -10.482 1.00 19.35 ? 153 LEU A N   1 
ATOM   1214 C CA  . LEU A 1 153 ? -14.470 -4.627  -10.232 1.00 19.77 ? 153 LEU A CA  1 
ATOM   1215 C C   . LEU A 1 153 ? -14.982 -5.774  -11.063 1.00 19.55 ? 153 LEU A C   1 
ATOM   1216 O O   . LEU A 1 153 ? -14.830 -6.902  -10.468 1.00 19.96 ? 153 LEU A O   1 
ATOM   1217 C CB  . LEU A 1 153 ? -14.668 -4.992  -8.763  1.00 20.78 ? 153 LEU A CB  1 
ATOM   1218 C CG  . LEU A 1 153 ? -15.870 -4.483  -8.006  1.00 20.74 ? 153 LEU A CG  1 
ATOM   1219 C CD1 . LEU A 1 153 ? -17.174 -5.000  -8.602  1.00 21.11 ? 153 LEU A CD1 1 
ATOM   1220 C CD2 . LEU A 1 153 ? -15.512 -5.029  -6.616  1.00 20.89 ? 153 LEU A CD2 1 
ATOM   1221 N N   . GLU A 1 154 ? -15.426 -5.552  -12.294 1.00 18.38 ? 154 GLU A N   1 
ATOM   1222 C CA  . GLU A 1 154 ? -15.856 -6.716  -13.086 1.00 16.77 ? 154 GLU A CA  1 
ATOM   1223 C C   . GLU A 1 154 ? -14.587 -7.030  -13.886 1.00 16.66 ? 154 GLU A C   1 
ATOM   1224 O O   . GLU A 1 154 ? -14.548 -7.937  -14.721 1.00 15.91 ? 154 GLU A O   1 
ATOM   1225 C CB  . GLU A 1 154 ? -16.954 -6.508  -14.088 1.00 16.32 ? 154 GLU A CB  1 
ATOM   1226 C CG  . GLU A 1 154 ? -17.983 -5.415  -13.834 1.00 15.89 ? 154 GLU A CG  1 
ATOM   1227 C CD  . GLU A 1 154 ? -19.137 -5.357  -14.801 1.00 14.59 ? 154 GLU A CD  1 
ATOM   1228 O OE1 . GLU A 1 154 ? -18.992 -5.052  -15.941 1.00 14.03 ? 154 GLU A OE1 1 
ATOM   1229 O OE2 . GLU A 1 154 ? -20.212 -5.732  -14.296 1.00 14.35 ? 154 GLU A OE2 1 
ATOM   1230 N N   . LYS A 1 155 ? -13.598 -6.216  -13.562 1.00 16.45 ? 155 LYS A N   1 
ATOM   1231 C CA  . LYS A 1 155 ? -12.269 -6.343  -14.232 1.00 16.63 ? 155 LYS A CA  1 
ATOM   1232 C C   . LYS A 1 155 ? -11.205 -7.011  -13.382 1.00 16.36 ? 155 LYS A C   1 
ATOM   1233 O O   . LYS A 1 155 ? -10.003 -7.104  -13.764 1.00 16.94 ? 155 LYS A O   1 
ATOM   1234 C CB  . LYS A 1 155 ? -11.906 -4.915  -14.692 1.00 16.30 ? 155 LYS A CB  1 
ATOM   1235 C CG  . LYS A 1 155 ? -12.314 -4.729  -16.156 1.00 17.33 ? 155 LYS A CG  1 
ATOM   1236 C CD  . LYS A 1 155 ? -13.221 -3.631  -16.546 1.00 17.82 ? 155 LYS A CD  1 
ATOM   1237 C CE  . LYS A 1 155 ? -12.803 -2.189  -16.653 1.00 18.81 ? 155 LYS A CE  1 
ATOM   1238 N NZ  . LYS A 1 155 ? -14.015 -1.270  -16.456 1.00 18.61 ? 155 LYS A NZ  1 
ATOM   1239 N N   . TYR A 1 156 ? -11.580 -7.510  -12.218 1.00 15.37 ? 156 TYR A N   1 
ATOM   1240 C CA  . TYR A 1 156 ? -10.696 -8.176  -11.288 1.00 15.00 ? 156 TYR A CA  1 
ATOM   1241 C C   . TYR A 1 156 ? -11.220 -9.568  -10.938 1.00 14.92 ? 156 TYR A C   1 
ATOM   1242 O O   . TYR A 1 156 ? -12.452 -9.719  -11.058 1.00 15.14 ? 156 TYR A O   1 
ATOM   1243 C CB  . TYR A 1 156 ? -10.572 -7.529  -9.887  1.00 14.88 ? 156 TYR A CB  1 
ATOM   1244 C CG  . TYR A 1 156 ? -9.805  -6.222  -9.982  1.00 15.85 ? 156 TYR A CG  1 
ATOM   1245 C CD1 . TYR A 1 156 ? -10.499 -5.085  -10.400 1.00 15.73 ? 156 TYR A CD1 1 
ATOM   1246 C CD2 . TYR A 1 156 ? -8.397  -6.163  -9.780  1.00 15.88 ? 156 TYR A CD2 1 
ATOM   1247 C CE1 . TYR A 1 156 ? -9.798  -3.900  -10.571 1.00 16.49 ? 156 TYR A CE1 1 
ATOM   1248 C CE2 . TYR A 1 156 ? -7.691  -4.984  -9.927  1.00 15.92 ? 156 TYR A CE2 1 
ATOM   1249 C CZ  . TYR A 1 156 ? -8.424  -3.845  -10.314 1.00 16.25 ? 156 TYR A CZ  1 
ATOM   1250 O OH  . TYR A 1 156 ? -7.812  -2.635  -10.474 1.00 16.49 ? 156 TYR A OH  1 
ATOM   1251 N N   . LYS A 1 157 ? -10.265 -10.365 -10.528 1.00 14.15 ? 157 LYS A N   1 
ATOM   1252 C CA  . LYS A 1 157 ? -10.581 -11.701 -10.045 1.00 14.10 ? 157 LYS A CA  1 
ATOM   1253 C C   . LYS A 1 157 ? -10.489 -11.706 -8.513  1.00 12.83 ? 157 LYS A C   1 
ATOM   1254 O O   . LYS A 1 157 ? -9.577  -11.038 -8.068  1.00 11.92 ? 157 LYS A O   1 
ATOM   1255 C CB  . LYS A 1 157 ? -9.587  -12.746 -10.588 1.00 15.99 ? 157 LYS A CB  1 
ATOM   1256 C CG  . LYS A 1 157 ? -9.507  -12.603 -12.113 1.00 17.13 ? 157 LYS A CG  1 
ATOM   1257 C CD  . LYS A 1 157 ? -8.763  -13.685 -12.838 1.00 17.86 ? 157 LYS A CD  1 
ATOM   1258 C CE  . LYS A 1 157 ? -7.316  -13.302 -13.079 1.00 18.90 ? 157 LYS A CE  1 
ATOM   1259 N NZ  . LYS A 1 157 ? -6.532  -14.571 -13.096 1.00 19.95 ? 157 LYS A NZ  1 
ATOM   1260 N N   . LEU A 1 158 ? -11.410 -12.329 -7.783  1.00 11.84 ? 158 LEU A N   1 
ATOM   1261 C CA  . LEU A 1 158 ? -11.313 -12.394 -6.347  1.00 11.56 ? 158 LEU A CA  1 
ATOM   1262 C C   . LEU A 1 158 ? -10.803 -13.845 -6.103  1.00 12.49 ? 158 LEU A C   1 
ATOM   1263 O O   . LEU A 1 158 ? -11.565 -14.832 -6.262  1.00 11.97 ? 158 LEU A O   1 
ATOM   1264 C CB  . LEU A 1 158 ? -12.468 -12.048 -5.449  1.00 10.06 ? 158 LEU A CB  1 
ATOM   1265 C CG  . LEU A 1 158 ? -13.809 -12.653 -5.356  1.00 9.31  ? 158 LEU A CG  1 
ATOM   1266 C CD1 . LEU A 1 158 ? -14.161 -13.625 -4.242  1.00 7.88  ? 158 LEU A CD1 1 
ATOM   1267 C CD2 . LEU A 1 158 ? -14.703 -11.379 -5.247  1.00 9.51  ? 158 LEU A CD2 1 
ATOM   1268 N N   . LEU A 1 159 ? -9.513  -13.847 -5.780  1.00 12.97 ? 159 LEU A N   1 
ATOM   1269 C CA  . LEU A 1 159 ? -8.900  -15.179 -5.503  1.00 13.60 ? 159 LEU A CA  1 
ATOM   1270 C C   . LEU A 1 159 ? -9.532  -15.638 -4.180  1.00 13.71 ? 159 LEU A C   1 
ATOM   1271 O O   . LEU A 1 159 ? -9.507  -14.798 -3.294  1.00 14.89 ? 159 LEU A O   1 
ATOM   1272 C CB  . LEU A 1 159 ? -7.393  -14.941 -5.325  1.00 13.05 ? 159 LEU A CB  1 
ATOM   1273 C CG  . LEU A 1 159 ? -6.772  -14.176 -6.502  1.00 12.03 ? 159 LEU A CG  1 
ATOM   1274 C CD1 . LEU A 1 159 ? -5.321  -13.967 -6.112  1.00 11.48 ? 159 LEU A CD1 1 
ATOM   1275 C CD2 . LEU A 1 159 ? -7.165  -14.976 -7.751  1.00 11.37 ? 159 LEU A CD2 1 
ATOM   1276 N N   . PRO A 1 160 ? -10.061 -16.827 -4.080  1.00 13.48 ? 160 PRO A N   1 
ATOM   1277 C CA  . PRO A 1 160 ? -10.705 -17.293 -2.882  1.00 13.50 ? 160 PRO A CA  1 
ATOM   1278 C C   . PRO A 1 160 ? -9.816  -17.398 -1.658  1.00 14.39 ? 160 PRO A C   1 
ATOM   1279 O O   . PRO A 1 160 ? -10.198 -17.263 -0.490  1.00 14.81 ? 160 PRO A O   1 
ATOM   1280 C CB  . PRO A 1 160 ? -11.110 -18.719 -3.237  1.00 13.60 ? 160 PRO A CB  1 
ATOM   1281 C CG  . PRO A 1 160 ? -10.759 -18.988 -4.686  1.00 12.91 ? 160 PRO A CG  1 
ATOM   1282 C CD  . PRO A 1 160 ? -10.101 -17.762 -5.211  1.00 13.12 ? 160 PRO A CD  1 
ATOM   1283 N N   . GLU A 1 161 ? -8.577  -17.716 -2.012  1.00 14.98 ? 161 GLU A N   1 
ATOM   1284 C CA  . GLU A 1 161 ? -7.436  -18.007 -1.155  1.00 14.50 ? 161 GLU A CA  1 
ATOM   1285 C C   . GLU A 1 161 ? -6.158  -17.398 -1.680  1.00 13.04 ? 161 GLU A C   1 
ATOM   1286 O O   . GLU A 1 161 ? -6.127  -17.548 -2.882  1.00 11.72 ? 161 GLU A O   1 
ATOM   1287 C CB  . GLU A 1 161 ? -7.174  -19.538 -1.351  1.00 15.42 ? 161 GLU A CB  1 
ATOM   1288 C CG  . GLU A 1 161 ? -7.645  -20.027 -2.754  1.00 17.46 ? 161 GLU A CG  1 
ATOM   1289 C CD  . GLU A 1 161 ? -8.100  -21.492 -2.816  1.00 18.35 ? 161 GLU A CD  1 
ATOM   1290 O OE1 . GLU A 1 161 ? -8.790  -21.980 -1.924  1.00 17.86 ? 161 GLU A OE1 1 
ATOM   1291 O OE2 . GLU A 1 161 ? -7.701  -22.100 -3.864  1.00 17.99 ? 161 GLU A OE2 1 
ATOM   1292 N N   . TYR A 1 162 ? -5.322  -16.797 -0.866  1.00 12.36 ? 162 TYR A N   1 
ATOM   1293 C CA  . TYR A 1 162 ? -4.034  -16.237 -1.296  1.00 11.50 ? 162 TYR A CA  1 
ATOM   1294 C C   . TYR A 1 162 ? -3.016  -16.838 -0.325  1.00 13.13 ? 162 TYR A C   1 
ATOM   1295 O O   . TYR A 1 162 ? -3.202  -17.291 0.824   1.00 13.67 ? 162 TYR A O   1 
ATOM   1296 C CB  . TYR A 1 162 ? -3.817  -14.759 -1.492  1.00 10.01 ? 162 TYR A CB  1 
ATOM   1297 C CG  . TYR A 1 162 ? -2.592  -14.303 -2.245  1.00 7.98  ? 162 TYR A CG  1 
ATOM   1298 C CD1 . TYR A 1 162 ? -2.578  -14.413 -3.632  1.00 8.10  ? 162 TYR A CD1 1 
ATOM   1299 C CD2 . TYR A 1 162 ? -1.411  -13.836 -1.653  1.00 7.09  ? 162 TYR A CD2 1 
ATOM   1300 C CE1 . TYR A 1 162 ? -1.483  -14.042 -4.426  1.00 6.91  ? 162 TYR A CE1 1 
ATOM   1301 C CE2 . TYR A 1 162 ? -0.307  -13.472 -2.379  1.00 6.18  ? 162 TYR A CE2 1 
ATOM   1302 C CZ  . TYR A 1 162 ? -0.360  -13.571 -3.775  1.00 6.52  ? 162 TYR A CZ  1 
ATOM   1303 O OH  . TYR A 1 162 ? 0.729   -13.214 -4.530  1.00 7.03  ? 162 TYR A OH  1 
ATOM   1304 N N   . PRO A 1 163 ? -1.807  -16.981 -0.888  1.00 14.67 ? 163 PRO A N   1 
ATOM   1305 C CA  . PRO A 1 163 ? -0.685  -17.540 -0.132  1.00 14.55 ? 163 PRO A CA  1 
ATOM   1306 C C   . PRO A 1 163 ? -0.473  -16.774 1.148   1.00 15.48 ? 163 PRO A C   1 
ATOM   1307 O O   . PRO A 1 163 ? 0.200   -15.716 0.997   1.00 15.43 ? 163 PRO A O   1 
ATOM   1308 C CB  . PRO A 1 163 ? 0.494   -17.160 -1.098  1.00 14.73 ? 163 PRO A CB  1 
ATOM   1309 C CG  . PRO A 1 163 ? -0.157  -17.617 -2.426  1.00 14.10 ? 163 PRO A CG  1 
ATOM   1310 C CD  . PRO A 1 163 ? -1.490  -16.884 -2.339  1.00 13.94 ? 163 PRO A CD  1 
ATOM   1311 N N   . GLY A 1 164 ? -0.919  -17.236 2.313   1.00 15.78 ? 164 GLY A N   1 
ATOM   1312 C CA  . GLY A 1 164 ? -0.570  -16.430 3.503   1.00 15.18 ? 164 GLY A CA  1 
ATOM   1313 C C   . GLY A 1 164 ? -1.453  -15.246 3.814   1.00 15.31 ? 164 GLY A C   1 
ATOM   1314 O O   . GLY A 1 164 ? -1.115  -14.298 4.585   1.00 14.69 ? 164 GLY A O   1 
ATOM   1315 N N   . VAL A 1 165 ? -2.593  -15.753 3.311   1.00 15.65 ? 165 VAL A N   1 
ATOM   1316 C CA  . VAL A 1 165 ? -3.514  -14.674 3.743   1.00 16.76 ? 165 VAL A CA  1 
ATOM   1317 C C   . VAL A 1 165 ? -4.707  -15.372 4.401   1.00 17.65 ? 165 VAL A C   1 
ATOM   1318 O O   . VAL A 1 165 ? -5.310  -16.337 3.854   1.00 17.35 ? 165 VAL A O   1 
ATOM   1319 C CB  . VAL A 1 165 ? -3.698  -13.566 2.714   1.00 16.69 ? 165 VAL A CB  1 
ATOM   1320 C CG1 . VAL A 1 165 ? -4.836  -12.623 3.128   1.00 16.22 ? 165 VAL A CG1 1 
ATOM   1321 C CG2 . VAL A 1 165 ? -2.382  -12.804 2.451   1.00 15.68 ? 165 VAL A CG2 1 
ATOM   1322 N N   . LEU A 1 166 ? -4.952  -14.823 5.593   1.00 18.26 ? 166 LEU A N   1 
ATOM   1323 C CA  . LEU A 1 166 ? -6.128  -15.320 6.376   1.00 19.24 ? 166 LEU A CA  1 
ATOM   1324 C C   . LEU A 1 166 ? -7.367  -15.183 5.488   1.00 18.57 ? 166 LEU A C   1 
ATOM   1325 O O   . LEU A 1 166 ? -7.532  -14.126 4.846   1.00 18.18 ? 166 LEU A O   1 
ATOM   1326 C CB  . LEU A 1 166 ? -6.227  -14.627 7.728   1.00 20.17 ? 166 LEU A CB  1 
ATOM   1327 C CG  . LEU A 1 166 ? -4.851  -14.412 8.347   1.00 21.96 ? 166 LEU A CG  1 
ATOM   1328 C CD1 . LEU A 1 166 ? -4.030  -13.338 7.536   1.00 22.34 ? 166 LEU A CD1 1 
ATOM   1329 C CD2 . LEU A 1 166 ? -5.032  -13.984 9.807   1.00 22.33 ? 166 LEU A CD2 1 
ATOM   1330 N N   . SER A 1 167 ? -8.121  -16.276 5.444   1.00 18.50 ? 167 SER A N   1 
ATOM   1331 C CA  . SER A 1 167 ? -9.342  -16.211 4.592   1.00 18.37 ? 167 SER A CA  1 
ATOM   1332 C C   . SER A 1 167 ? -10.537 -16.083 5.508   1.00 17.61 ? 167 SER A C   1 
ATOM   1333 O O   . SER A 1 167 ? -11.535 -15.732 4.888   1.00 18.26 ? 167 SER A O   1 
ATOM   1334 C CB  . SER A 1 167 ? -9.511  -17.197 3.465   1.00 19.02 ? 167 SER A CB  1 
ATOM   1335 O OG  . SER A 1 167 ? -10.011 -18.474 3.751   1.00 20.00 ? 167 SER A OG  1 
ATOM   1336 N N   . ASP A 1 168 ? -10.534 -16.250 6.805   1.00 16.75 ? 168 ASP A N   1 
ATOM   1337 C CA  . ASP A 1 168 ? -11.767 -16.016 7.576   1.00 16.18 ? 168 ASP A CA  1 
ATOM   1338 C C   . ASP A 1 168 ? -11.626 -14.661 8.327   1.00 16.23 ? 168 ASP A C   1 
ATOM   1339 O O   . ASP A 1 168 ? -10.564 -14.171 8.788   1.00 15.41 ? 168 ASP A O   1 
ATOM   1340 C CB  . ASP A 1 168 ? -12.019 -17.175 8.585   1.00 15.66 ? 168 ASP A CB  1 
ATOM   1341 C CG  . ASP A 1 168 ? -10.794 -17.089 9.491   1.00 16.16 ? 168 ASP A CG  1 
ATOM   1342 O OD1 . ASP A 1 168 ? -9.905  -16.434 8.858   1.00 15.79 ? 168 ASP A OD1 1 
ATOM   1343 O OD2 . ASP A 1 168 ? -10.667 -17.436 10.678  1.00 16.31 ? 168 ASP A OD2 1 
ATOM   1344 N N   . VAL A 1 169 ? -12.796 -14.079 8.506   1.00 16.23 ? 169 VAL A N   1 
ATOM   1345 C CA  . VAL A 1 169 ? -13.121 -12.834 9.225   1.00 16.08 ? 169 VAL A CA  1 
ATOM   1346 C C   . VAL A 1 169 ? -12.470 -12.862 10.613  1.00 15.75 ? 169 VAL A C   1 
ATOM   1347 O O   . VAL A 1 169 ? -12.764 -13.766 11.377  1.00 14.91 ? 169 VAL A O   1 
ATOM   1348 C CB  . VAL A 1 169 ? -14.667 -12.721 9.483   1.00 15.50 ? 169 VAL A CB  1 
ATOM   1349 C CG1 . VAL A 1 169 ? -14.927 -11.506 10.388  1.00 13.94 ? 169 VAL A CG1 1 
ATOM   1350 C CG2 . VAL A 1 169 ? -15.480 -12.845 8.212   1.00 13.63 ? 169 VAL A CG2 1 
ATOM   1351 N N   . GLN A 1 170 ? -11.628 -11.900 10.856  1.00 16.31 ? 170 GLN A N   1 
ATOM   1352 C CA  . GLN A 1 170 ? -10.759 -11.575 12.001  1.00 15.65 ? 170 GLN A CA  1 
ATOM   1353 C C   . GLN A 1 170 ? -11.297 -10.562 12.984  1.00 15.88 ? 170 GLN A C   1 
ATOM   1354 O O   . GLN A 1 170 ? -11.822 -9.581  12.509  1.00 16.44 ? 170 GLN A O   1 
ATOM   1355 C CB  . GLN A 1 170 ? -9.537  -10.917 11.331  1.00 15.52 ? 170 GLN A CB  1 
ATOM   1356 C CG  . GLN A 1 170 ? -8.808  -11.755 10.254  1.00 14.61 ? 170 GLN A CG  1 
ATOM   1357 C CD  . GLN A 1 170 ? -8.536  -13.119 10.950  1.00 13.34 ? 170 GLN A CD  1 
ATOM   1358 O OE1 . GLN A 1 170 ? -8.177  -12.998 12.130  1.00 12.23 ? 170 GLN A OE1 1 
ATOM   1359 N NE2 . GLN A 1 170 ? -8.770  -14.193 10.181  1.00 11.44 ? 170 GLN A NE2 1 
ATOM   1360 N N   . GLU A 1 171 ? -11.261 -10.631 14.269  1.00 17.15 ? 171 GLU A N   1 
ATOM   1361 C CA  . GLU A 1 171 ? -11.831 -9.678  15.187  1.00 18.74 ? 171 GLU A CA  1 
ATOM   1362 C C   . GLU A 1 171 ? -10.892 -9.234  16.290  1.00 18.41 ? 171 GLU A C   1 
ATOM   1363 O O   . GLU A 1 171 ? -10.594 -9.859  17.292  1.00 18.84 ? 171 GLU A O   1 
ATOM   1364 C CB  . GLU A 1 171 ? -13.101 -10.110 15.932  1.00 20.79 ? 171 GLU A CB  1 
ATOM   1365 C CG  . GLU A 1 171 ? -14.078 -8.993  16.396  1.00 23.11 ? 171 GLU A CG  1 
ATOM   1366 C CD  . GLU A 1 171 ? -14.665 -9.149  17.784  1.00 24.25 ? 171 GLU A CD  1 
ATOM   1367 O OE1 . GLU A 1 171 ? -15.581 -9.904  18.119  1.00 24.26 ? 171 GLU A OE1 1 
ATOM   1368 O OE2 . GLU A 1 171 ? -14.023 -8.422  18.605  1.00 25.04 ? 171 GLU A OE2 1 
ATOM   1369 N N   . GLU A 1 172 ? -10.433 -8.021  16.090  1.00 18.61 ? 172 GLU A N   1 
ATOM   1370 C CA  . GLU A 1 172 ? -9.544  -7.363  17.002  1.00 18.54 ? 172 GLU A CA  1 
ATOM   1371 C C   . GLU A 1 172 ? -10.266 -6.130  17.525  1.00 18.47 ? 172 GLU A C   1 
ATOM   1372 O O   . GLU A 1 172 ? -10.928 -5.567  16.619  1.00 19.31 ? 172 GLU A O   1 
ATOM   1373 C CB  . GLU A 1 172 ? -8.296  -6.825  16.285  1.00 18.95 ? 172 GLU A CB  1 
ATOM   1374 C CG  . GLU A 1 172 ? -7.054  -7.014  17.190  1.00 18.45 ? 172 GLU A CG  1 
ATOM   1375 C CD  . GLU A 1 172 ? -5.974  -6.383  16.386  1.00 18.90 ? 172 GLU A CD  1 
ATOM   1376 O OE1 . GLU A 1 172 ? -5.945  -6.411  15.185  1.00 19.50 ? 172 GLU A OE1 1 
ATOM   1377 O OE2 . GLU A 1 172 ? -5.255  -5.827  17.188  1.00 19.88 ? 172 GLU A OE2 1 
ATOM   1378 N N   . LYS A 1 173 ? -9.995  -5.910  18.785  1.00 17.48 ? 173 LYS A N   1 
ATOM   1379 C CA  . LYS A 1 173 ? -10.513 -4.799  19.584  1.00 16.85 ? 173 LYS A CA  1 
ATOM   1380 C C   . LYS A 1 173 ? -11.980 -4.514  19.333  1.00 15.88 ? 173 LYS A C   1 
ATOM   1381 O O   . LYS A 1 173 ? -12.461 -3.426  19.072  1.00 15.79 ? 173 LYS A O   1 
ATOM   1382 C CB  . LYS A 1 173 ? -9.664  -3.551  19.552  1.00 16.32 ? 173 LYS A CB  1 
ATOM   1383 C CG  . LYS A 1 173 ? -8.720  -3.316  20.700  1.00 16.96 ? 173 LYS A CG  1 
ATOM   1384 C CD  . LYS A 1 173 ? -7.680  -2.197  20.559  1.00 17.46 ? 173 LYS A CD  1 
ATOM   1385 C CE  . LYS A 1 173 ? -8.268  -0.783  20.525  1.00 17.78 ? 173 LYS A CE  1 
ATOM   1386 N NZ  . LYS A 1 173 ? -7.501  0.082   19.585  1.00 17.92 ? 173 LYS A NZ  1 
ATOM   1387 N N   . GLY A 1 174 ? -12.767 -5.565  19.387  1.00 15.68 ? 174 GLY A N   1 
ATOM   1388 C CA  . GLY A 1 174 ? -14.213 -5.470  19.139  1.00 15.54 ? 174 GLY A CA  1 
ATOM   1389 C C   . GLY A 1 174 ? -14.443 -5.058  17.698  1.00 14.95 ? 174 GLY A C   1 
ATOM   1390 O O   . GLY A 1 174 ? -15.627 -4.954  17.337  1.00 15.54 ? 174 GLY A O   1 
ATOM   1391 N N   . ILE A 1 175 ? -13.447 -4.873  16.855  1.00 15.08 ? 175 ILE A N   1 
ATOM   1392 C CA  . ILE A 1 175 ? -13.673 -4.527  15.422  1.00 14.63 ? 175 ILE A CA  1 
ATOM   1393 C C   . ILE A 1 175 ? -13.598 -5.869  14.664  1.00 15.13 ? 175 ILE A C   1 
ATOM   1394 O O   . ILE A 1 175 ? -13.002 -6.741  15.305  1.00 15.09 ? 175 ILE A O   1 
ATOM   1395 C CB  . ILE A 1 175 ? -12.805 -3.431  14.780  1.00 13.81 ? 175 ILE A CB  1 
ATOM   1396 C CG1 . ILE A 1 175 ? -12.971 -2.033  15.448  1.00 12.18 ? 175 ILE A CG1 1 
ATOM   1397 C CG2 . ILE A 1 175 ? -13.052 -3.332  13.223  1.00 13.46 ? 175 ILE A CG2 1 
ATOM   1398 C CD1 . ILE A 1 175 ? -11.699 -1.477  16.140  1.00 10.60 ? 175 ILE A CD1 1 
ATOM   1399 N N   . LYS A 1 176 ? -14.175 -5.996  13.507  1.00 15.21 ? 176 LYS A N   1 
ATOM   1400 C CA  . LYS A 1 176 ? -14.185 -7.230  12.728  1.00 16.43 ? 176 LYS A CA  1 
ATOM   1401 C C   . LYS A 1 176 ? -13.716 -6.900  11.291  1.00 16.89 ? 176 LYS A C   1 
ATOM   1402 O O   . LYS A 1 176 ? -14.390 -6.015  10.663  1.00 17.34 ? 176 LYS A O   1 
ATOM   1403 C CB  . LYS A 1 176 ? -15.569 -7.815  12.548  1.00 17.14 ? 176 LYS A CB  1 
ATOM   1404 C CG  . LYS A 1 176 ? -16.413 -8.581  13.492  1.00 17.58 ? 176 LYS A CG  1 
ATOM   1405 C CD  . LYS A 1 176 ? -15.948 -10.010 13.775  1.00 18.92 ? 176 LYS A CD  1 
ATOM   1406 C CE  . LYS A 1 176 ? -16.841 -10.683 14.821  1.00 20.01 ? 176 LYS A CE  1 
ATOM   1407 N NZ  . LYS A 1 176 ? -16.609 -12.137 15.069  1.00 19.79 ? 176 LYS A NZ  1 
ATOM   1408 N N   . TYR A 1 177 ? -12.691 -7.577  10.807  1.00 15.96 ? 177 TYR A N   1 
ATOM   1409 C CA  . TYR A 1 177 ? -12.198 -7.270  9.451   1.00 15.94 ? 177 TYR A CA  1 
ATOM   1410 C C   . TYR A 1 177 ? -11.887 -8.576  8.762   1.00 16.50 ? 177 TYR A C   1 
ATOM   1411 O O   . TYR A 1 177 ? -11.679 -9.607  9.435   1.00 16.88 ? 177 TYR A O   1 
ATOM   1412 C CB  . TYR A 1 177 ? -10.917 -6.434  9.542   1.00 15.17 ? 177 TYR A CB  1 
ATOM   1413 C CG  . TYR A 1 177 ? -9.804  -6.857  10.486  1.00 14.54 ? 177 TYR A CG  1 
ATOM   1414 C CD1 . TYR A 1 177 ? -9.811  -6.487  11.835  1.00 13.44 ? 177 TYR A CD1 1 
ATOM   1415 C CD2 . TYR A 1 177 ? -8.692  -7.593  10.040  1.00 13.89 ? 177 TYR A CD2 1 
ATOM   1416 C CE1 . TYR A 1 177 ? -8.819  -6.879  12.710  1.00 13.65 ? 177 TYR A CE1 1 
ATOM   1417 C CE2 . TYR A 1 177 ? -7.683  -7.977  10.940  1.00 13.49 ? 177 TYR A CE2 1 
ATOM   1418 C CZ  . TYR A 1 177 ? -7.715  -7.643  12.281  1.00 13.48 ? 177 TYR A CZ  1 
ATOM   1419 O OH  . TYR A 1 177 ? -6.722  -7.989  13.182  1.00 12.60 ? 177 TYR A OH  1 
ATOM   1420 N N   . LYS A 1 178 ? -11.832 -8.491  7.451   1.00 17.28 ? 178 LYS A N   1 
ATOM   1421 C CA  . LYS A 1 178 ? -11.502 -9.639  6.563   1.00 16.74 ? 178 LYS A CA  1 
ATOM   1422 C C   . LYS A 1 178 ? -10.632 -9.214  5.398   1.00 16.78 ? 178 LYS A C   1 
ATOM   1423 O O   . LYS A 1 178 ? -10.774 -8.125  4.795   1.00 17.11 ? 178 LYS A O   1 
ATOM   1424 C CB  . LYS A 1 178 ? -12.764 -10.217 5.986   1.00 17.24 ? 178 LYS A CB  1 
ATOM   1425 C CG  . LYS A 1 178 ? -13.301 -9.384  4.780   1.00 18.45 ? 178 LYS A CG  1 
ATOM   1426 C CD  . LYS A 1 178 ? -14.479 -10.250 4.218   1.00 19.16 ? 178 LYS A CD  1 
ATOM   1427 C CE  . LYS A 1 178 ? -15.100 -9.707  2.957   1.00 19.39 ? 178 LYS A CE  1 
ATOM   1428 N NZ  . LYS A 1 178 ? -15.757 -8.353  3.107   1.00 19.81 ? 178 LYS A NZ  1 
ATOM   1429 N N   . PHE A 1 179 ? -9.708  -10.090 5.036   1.00 16.82 ? 179 PHE A N   1 
ATOM   1430 C CA  . PHE A 1 179 ? -8.800  -9.904  3.879   1.00 16.11 ? 179 PHE A CA  1 
ATOM   1431 C C   . PHE A 1 179 ? -9.279  -10.640 2.623   1.00 15.81 ? 179 PHE A C   1 
ATOM   1432 O O   . PHE A 1 179 ? -9.641  -11.797 2.644   1.00 15.29 ? 179 PHE A O   1 
ATOM   1433 C CB  . PHE A 1 179 ? -7.332  -10.266 4.143   1.00 15.59 ? 179 PHE A CB  1 
ATOM   1434 C CG  . PHE A 1 179 ? -6.800  -9.893  5.503   1.00 14.21 ? 179 PHE A CG  1 
ATOM   1435 C CD1 . PHE A 1 179 ? -6.497  -8.554  5.783   1.00 14.45 ? 179 PHE A CD1 1 
ATOM   1436 C CD2 . PHE A 1 179 ? -6.562  -10.847 6.449   1.00 13.36 ? 179 PHE A CD2 1 
ATOM   1437 C CE1 . PHE A 1 179 ? -6.027  -8.178  7.067   1.00 13.84 ? 179 PHE A CE1 1 
ATOM   1438 C CE2 . PHE A 1 179 ? -6.088  -10.489 7.708   1.00 13.44 ? 179 PHE A CE2 1 
ATOM   1439 C CZ  . PHE A 1 179 ? -5.808  -9.175  8.017   1.00 13.36 ? 179 PHE A CZ  1 
ATOM   1440 N N   . GLU A 1 180 ? -9.294  -9.937  1.486   1.00 16.09 ? 180 GLU A N   1 
ATOM   1441 C CA  . GLU A 1 180 ? -9.625  -10.399 0.160   1.00 15.34 ? 180 GLU A CA  1 
ATOM   1442 C C   . GLU A 1 180 ? -8.511  -10.000 -0.810  1.00 15.56 ? 180 GLU A C   1 
ATOM   1443 O O   . GLU A 1 180 ? -8.079  -8.840  -0.574  1.00 17.20 ? 180 GLU A O   1 
ATOM   1444 C CB  . GLU A 1 180 ? -10.806 -9.637  -0.432  1.00 15.33 ? 180 GLU A CB  1 
ATOM   1445 C CG  . GLU A 1 180 ? -11.981 -9.486  0.508   1.00 15.30 ? 180 GLU A CG  1 
ATOM   1446 C CD  . GLU A 1 180 ? -13.216 -8.932  -0.089  1.00 14.96 ? 180 GLU A CD  1 
ATOM   1447 O OE1 . GLU A 1 180 ? -13.188 -8.062  -0.960  1.00 15.07 ? 180 GLU A OE1 1 
ATOM   1448 O OE2 . GLU A 1 180 ? -14.305 -9.339  0.220   1.00 15.63 ? 180 GLU A OE2 1 
ATOM   1449 N N   . VAL A 1 181 ? -8.075  -10.713 -1.820  1.00 14.31 ? 181 VAL A N   1 
ATOM   1450 C CA  . VAL A 1 181 ? -7.049  -10.198 -2.730  1.00 13.06 ? 181 VAL A CA  1 
ATOM   1451 C C   . VAL A 1 181 ? -7.623  -10.242 -4.110  1.00 13.13 ? 181 VAL A C   1 
ATOM   1452 O O   . VAL A 1 181 ? -8.286  -11.236 -4.352  1.00 13.94 ? 181 VAL A O   1 
ATOM   1453 C CB  . VAL A 1 181 ? -5.653  -10.789 -2.400  1.00 12.40 ? 181 VAL A CB  1 
ATOM   1454 C CG1 . VAL A 1 181 ? -5.786  -11.716 -1.240  1.00 10.77 ? 181 VAL A CG1 1 
ATOM   1455 C CG2 . VAL A 1 181 ? -4.919  -11.211 -3.679  1.00 11.61 ? 181 VAL A CG2 1 
ATOM   1456 N N   . TYR A 1 182 ? -7.483  -9.255  -4.925  1.00 14.05 ? 182 TYR A N   1 
ATOM   1457 C CA  . TYR A 1 182 ? -7.964  -8.985  -6.251  1.00 14.92 ? 182 TYR A CA  1 
ATOM   1458 C C   . TYR A 1 182 ? -6.858  -9.040  -7.273  1.00 16.17 ? 182 TYR A C   1 
ATOM   1459 O O   . TYR A 1 182 ? -5.692  -8.802  -6.913  1.00 17.38 ? 182 TYR A O   1 
ATOM   1460 C CB  . TYR A 1 182 ? -8.683  -7.593  -6.435  1.00 14.75 ? 182 TYR A CB  1 
ATOM   1461 C CG  . TYR A 1 182 ? -9.921  -7.652  -5.565  1.00 14.66 ? 182 TYR A CG  1 
ATOM   1462 C CD1 . TYR A 1 182 ? -9.771  -7.509  -4.199  1.00 14.03 ? 182 TYR A CD1 1 
ATOM   1463 C CD2 . TYR A 1 182 ? -11.195 -7.878  -6.131  1.00 15.29 ? 182 TYR A CD2 1 
ATOM   1464 C CE1 . TYR A 1 182 ? -10.883 -7.603  -3.365  1.00 14.86 ? 182 TYR A CE1 1 
ATOM   1465 C CE2 . TYR A 1 182 ? -12.332 -7.964  -5.315  1.00 15.35 ? 182 TYR A CE2 1 
ATOM   1466 C CZ  . TYR A 1 182 ? -12.151 -7.820  -3.935  1.00 15.57 ? 182 TYR A CZ  1 
ATOM   1467 O OH  . TYR A 1 182 ? -13.237 -7.954  -3.103  1.00 16.01 ? 182 TYR A OH  1 
ATOM   1468 N N   . GLU A 1 183 ? -7.234  -9.416  -8.485  1.00 17.22 ? 183 GLU A N   1 
ATOM   1469 C CA  . GLU A 1 183 ? -6.235  -9.534  -9.529  1.00 18.41 ? 183 GLU A CA  1 
ATOM   1470 C C   . GLU A 1 183 ? -6.780  -8.949  -10.807 1.00 20.31 ? 183 GLU A C   1 
ATOM   1471 O O   . GLU A 1 183 ? -8.007  -8.795  -10.912 1.00 20.99 ? 183 GLU A O   1 
ATOM   1472 C CB  . GLU A 1 183 ? -5.842  -10.914 -10.017 1.00 17.98 ? 183 GLU A CB  1 
ATOM   1473 C CG  . GLU A 1 183 ? -4.323  -11.019 -10.321 1.00 17.56 ? 183 GLU A CG  1 
ATOM   1474 C CD  . GLU A 1 183 ? -3.842  -12.375 -9.854  1.00 17.87 ? 183 GLU A CD  1 
ATOM   1475 O OE1 . GLU A 1 183 ? -3.965  -12.512 -8.595  1.00 17.35 ? 183 GLU A OE1 1 
ATOM   1476 O OE2 . GLU A 1 183 ? -3.468  -13.164 -10.704 1.00 17.78 ? 183 GLU A OE2 1 
ATOM   1477 N N   . LYS A 1 184 ? -5.791  -8.808  -11.646 1.00 22.17 ? 184 LYS A N   1 
ATOM   1478 C CA  . LYS A 1 184 ? -6.152  -8.218  -12.942 1.00 24.48 ? 184 LYS A CA  1 
ATOM   1479 C C   . LYS A 1 184 ? -4.894  -8.322  -13.754 1.00 26.09 ? 184 LYS A C   1 
ATOM   1480 O O   . LYS A 1 184 ? -3.807  -8.133  -13.227 1.00 26.29 ? 184 LYS A O   1 
ATOM   1481 C CB  . LYS A 1 184 ? -6.421  -6.738  -12.611 1.00 24.92 ? 184 LYS A CB  1 
ATOM   1482 C CG  . LYS A 1 184 ? -5.135  -5.885  -12.651 1.00 24.77 ? 184 LYS A CG  1 
ATOM   1483 C CD  . LYS A 1 184 ? -5.351  -4.855  -13.759 1.00 25.80 ? 184 LYS A CD  1 
ATOM   1484 C CE  . LYS A 1 184 ? -4.097  -4.077  -14.098 1.00 26.47 ? 184 LYS A CE  1 
ATOM   1485 N NZ  . LYS A 1 184 ? -4.340  -2.774  -14.737 1.00 26.29 ? 184 LYS A NZ  1 
ATOM   1486 N N   . ASN A 1 185 ? -5.085  -8.663  -14.981 1.00 28.49 ? 185 ASN A N   1 
ATOM   1487 C CA  . ASN A 1 185 ? -3.998  -8.766  -15.948 1.00 30.95 ? 185 ASN A CA  1 
ATOM   1488 C C   . ASN A 1 185 ? -4.687  -8.192  -17.203 1.00 32.00 ? 185 ASN A C   1 
ATOM   1489 O O   . ASN A 1 185 ? -5.172  -9.055  -17.924 1.00 32.79 ? 185 ASN A O   1 
ATOM   1490 C CB  . ASN A 1 185 ? -3.306  -10.061 -16.210 1.00 31.72 ? 185 ASN A CB  1 
ATOM   1491 C CG  . ASN A 1 185 ? -1.856  -9.617  -16.504 1.00 33.03 ? 185 ASN A CG  1 
ATOM   1492 O OD1 . ASN A 1 185 ? -0.880  -10.256 -16.053 1.00 33.61 ? 185 ASN A OD1 1 
ATOM   1493 N ND2 . ASN A 1 185 ? -1.802  -8.487  -17.223 1.00 33.23 ? 185 ASN A ND2 1 
ATOM   1494 N N   . ASP A 1 186 ? -4.698  -6.870  -17.235 1.00 32.80 ? 186 ASP A N   1 
ATOM   1495 C CA  . ASP A 1 186 ? -5.341  -6.161  -18.359 1.00 33.32 ? 186 ASP A CA  1 
ATOM   1496 C C   . ASP A 1 186 ? -4.319  -5.203  -18.991 1.00 33.74 ? 186 ASP A C   1 
ATOM   1497 O O   . ASP A 1 186 ? -4.892  -4.326  -19.707 1.00 34.78 ? 186 ASP A O   1 
ATOM   1498 C CB  . ASP A 1 186 ? -6.719  -5.631  -17.970 1.00 33.19 ? 186 ASP A CB  1 
ATOM   1499 C CG  . ASP A 1 186 ? -6.965  -4.448  -17.057 1.00 33.15 ? 186 ASP A CG  1 
ATOM   1500 O OD1 . ASP A 1 186 ? -6.046  -3.664  -16.705 1.00 32.87 ? 186 ASP A OD1 1 
ATOM   1501 O OD2 . ASP A 1 186 ? -8.157  -4.272  -16.652 1.00 32.42 ? 186 ASP A OD2 1 
ATOM   1502 O OXT . ASP A 1 186 ? -3.099  -5.349  -18.829 1.00 33.14 ? 186 ASP A OXT 1 
HETATM 1503 P PA  . NDP B 2 .   ? -1.704  10.726  0.366   1.00 37.49 ? 187 NDP A PA  1 
HETATM 1504 O O1A . NDP B 2 .   ? -0.893  10.614  1.595   1.00 38.42 ? 187 NDP A O1A 1 
HETATM 1505 O O2A . NDP B 2 .   ? -1.946  9.595   -0.468  1.00 38.55 ? 187 NDP A O2A 1 
HETATM 1506 O O5B . NDP B 2 .   ? -1.055  12.020  -0.428  1.00 38.81 ? 187 NDP A O5B 1 
HETATM 1507 C C5B . NDP B 2 .   ? 0.395   11.933  -0.752  1.00 40.46 ? 187 NDP A C5B 1 
HETATM 1508 C C4B . NDP B 2 .   ? 0.595   13.425  -1.127  1.00 41.52 ? 187 NDP A C4B 1 
HETATM 1509 O O4B . NDP B 2 .   ? 1.306   13.202  -2.094  1.00 42.34 ? 187 NDP A O4B 1 
HETATM 1510 C C3B . NDP B 2 .   ? -0.760  14.066  -1.700  1.00 41.56 ? 187 NDP A C3B 1 
HETATM 1511 O O3B . NDP B 2 .   ? -0.789  15.011  -0.907  1.00 41.68 ? 187 NDP A O3B 1 
HETATM 1512 C C2B . NDP B 2 .   ? -0.225  14.623  -3.026  1.00 41.91 ? 187 NDP A C2B 1 
HETATM 1513 O O2B . NDP B 2 .   ? 0.559   15.672  -2.574  1.00 41.67 ? 187 NDP A O2B 1 
HETATM 1514 C C1B . NDP B 2 .   ? 0.943   13.717  -3.393  1.00 41.95 ? 187 NDP A C1B 1 
HETATM 1515 N N9A . NDP B 2 .   ? 0.533   12.637  -4.266  1.00 42.34 ? 187 NDP A N9A 1 
HETATM 1516 C C8A . NDP B 2 .   ? -0.433  11.706  -4.112  1.00 42.34 ? 187 NDP A C8A 1 
HETATM 1517 N N7A . NDP B 2 .   ? -0.584  10.981  -5.194  1.00 42.83 ? 187 NDP A N7A 1 
HETATM 1518 C C5A . NDP B 2 .   ? 0.434   11.584  -6.052  1.00 42.76 ? 187 NDP A C5A 1 
HETATM 1519 C C6A . NDP B 2 .   ? 0.904   11.286  -7.500  1.00 42.66 ? 187 NDP A C6A 1 
HETATM 1520 N N6A . NDP B 2 .   ? 0.286   10.318  -8.161  1.00 42.79 ? 187 NDP A N6A 1 
HETATM 1521 N N1A . NDP B 2 .   ? 1.915   12.051  -8.001  1.00 43.38 ? 187 NDP A N1A 1 
HETATM 1522 C C2A . NDP B 2 .   ? 2.407   12.989  -7.163  1.00 43.02 ? 187 NDP A C2A 1 
HETATM 1523 N N3A . NDP B 2 .   ? 2.090   13.323  -5.931  1.00 42.64 ? 187 NDP A N3A 1 
HETATM 1524 C C4A . NDP B 2 .   ? 1.077   12.555  -5.440  1.00 42.68 ? 187 NDP A C4A 1 
HETATM 1525 O O3  . NDP B 2 .   ? -2.982  11.526  0.892   1.00 38.52 ? 187 NDP A O3  1 
HETATM 1526 P PN  . NDP B 2 .   ? -4.583  11.302  1.066   1.00 38.17 ? 187 NDP A PN  1 
HETATM 1527 O O1N . NDP B 2 .   ? -4.996  10.104  0.474   1.00 37.83 ? 187 NDP A O1N 1 
HETATM 1528 O O2N . NDP B 2 .   ? -5.068  12.644  0.734   1.00 37.93 ? 187 NDP A O2N 1 
HETATM 1529 O O5D . NDP B 2 .   ? -4.652  11.085  2.700   1.00 37.66 ? 187 NDP A O5D 1 
HETATM 1530 C C5D . NDP B 2 .   ? -4.184  9.837   3.215   1.00 37.06 ? 187 NDP A C5D 1 
HETATM 1531 C C4D . NDP B 2 .   ? -5.142  9.518   4.340   1.00 36.88 ? 187 NDP A C4D 1 
HETATM 1532 O O4D . NDP B 2 .   ? -5.527  8.075   4.409   1.00 36.47 ? 187 NDP A O4D 1 
HETATM 1533 C C3D . NDP B 2 .   ? -4.535  9.735   5.775   1.00 36.64 ? 187 NDP A C3D 1 
HETATM 1534 O O3D . NDP B 2 .   ? -5.699  9.613   6.669   1.00 36.97 ? 187 NDP A O3D 1 
HETATM 1535 C C2D . NDP B 2 .   ? -3.600  8.481   5.783   1.00 36.10 ? 187 NDP A C2D 1 
HETATM 1536 O O2D . NDP B 2 .   ? -3.443  8.082   7.104   1.00 36.16 ? 187 NDP A O2D 1 
HETATM 1537 C C1D . NDP B 2 .   ? -4.538  7.415   5.297   1.00 36.38 ? 187 NDP A C1D 1 
HETATM 1538 N N1N . NDP B 2 .   ? -4.112  6.133   4.550   1.00 36.62 ? 187 NDP A N1N 1 
HETATM 1539 C C2N . NDP B 2 .   ? -4.735  4.938   5.012   1.00 36.80 ? 187 NDP A C2N 1 
HETATM 1540 C C3N . NDP B 2 .   ? -4.503  3.764   4.395   1.00 36.89 ? 187 NDP A C3N 1 
HETATM 1541 C C7N . NDP B 2 .   ? -5.241  2.625   5.025   1.00 37.32 ? 187 NDP A C7N 1 
HETATM 1542 O O7N . NDP B 2 .   ? -5.106  1.531   4.568   1.00 37.08 ? 187 NDP A O7N 1 
HETATM 1543 N N7N . NDP B 2 .   ? -6.055  2.938   6.089   1.00 38.05 ? 187 NDP A N7N 1 
HETATM 1544 C C4N . NDP B 2 .   ? -3.551  3.613   3.202   1.00 36.46 ? 187 NDP A C4N 1 
HETATM 1545 C C5N . NDP B 2 .   ? -3.003  4.969   2.851   1.00 36.76 ? 187 NDP A C5N 1 
HETATM 1546 C C6N . NDP B 2 .   ? -3.252  6.121   3.468   1.00 36.46 ? 187 NDP A C6N 1 
HETATM 1547 P P2B . NDP B 2 .   ? 1.529   16.880  -3.390  1.00 41.54 ? 187 NDP A P2B 1 
HETATM 1548 O O1X . NDP B 2 .   ? 1.470   16.264  -4.771  1.00 41.43 ? 187 NDP A O1X 1 
HETATM 1549 O O2X . NDP B 2 .   ? 2.800   16.591  -2.714  1.00 41.57 ? 187 NDP A O2X 1 
HETATM 1550 O O3X . NDP B 2 .   ? 0.690   18.044  -3.150  1.00 41.25 ? 187 NDP A O3X 1 
HETATM 1551 C C3  . COP C 3 .   ? -3.236  -1.856  5.118   1.00 17.51 ? 188 COP A C3  1 
HETATM 1552 C C1  . COP C 3 .   ? -2.244  -0.056  4.144   1.00 17.67 ? 188 COP A C1  1 
HETATM 1553 C C10 . COP C 3 .   ? -2.288  0.647   5.342   1.00 18.19 ? 188 COP A C10 1 
HETATM 1554 C C8  . COP C 3 .   ? -1.841  2.514   6.428   1.00 20.01 ? 188 COP A C8  1 
HETATM 1555 C C7  . COP C 3 .   ? -2.411  1.934   7.544   1.00 19.75 ? 188 COP A C7  1 
HETATM 1556 C C5  . COP C 3 .   ? -2.851  0.025   6.460   1.00 18.67 ? 188 COP A C5  1 
HETATM 1557 C C11 . COP C 3 .   ? -1.290  3.959   6.331   1.00 20.46 ? 188 COP A C11 1 
HETATM 1558 C C13 . COP C 3 .   ? -0.012  4.011   8.292   1.00 21.67 ? 188 COP A C13 1 
HETATM 1559 C C18 . COP C 3 .   ? 0.306   4.351   9.601   1.00 22.29 ? 188 COP A C18 1 
HETATM 1560 C C17 . COP C 3 .   ? 1.335   3.643   10.274  1.00 23.16 ? 188 COP A C17 1 
HETATM 1561 C C16 . COP C 3 .   ? 2.098   2.643   9.646   1.00 23.16 ? 188 COP A C16 1 
HETATM 1562 C C15 . COP C 3 .   ? 1.766   2.360   8.339   1.00 22.50 ? 188 COP A C15 1 
HETATM 1563 C C14 . COP C 3 .   ? 0.733   3.001   7.654   1.00 21.74 ? 188 COP A C14 1 
HETATM 1564 C C19 . COP C 3 .   ? 3.163   1.942   10.399  1.00 24.59 ? 188 COP A C19 1 
HETATM 1565 C C21 . COP C 3 .   ? 4.658   -0.248  10.548  1.00 26.97 ? 188 COP A C21 1 
HETATM 1566 C C24 . COP C 3 .   ? 5.442   -1.157  9.594   1.00 26.58 ? 188 COP A C24 1 
HETATM 1567 C C27 . COP C 3 .   ? 3.692   -1.296  11.083  1.00 28.97 ? 188 COP A C27 1 
HETATM 1568 C C28 A COP C 3 .   ? 4.177   -1.790  12.376  0.33 30.84 ? 188 COP A C28 1 
HETATM 1569 C C28 B COP C 3 .   ? 4.109   -1.796  12.431  0.33 28.01 ? 188 COP A C28 1 
HETATM 1570 C C28 C COP C 3 .   ? 4.160   -1.820  12.485  0.33 28.01 ? 188 COP A C28 1 
HETATM 1571 C C29 A COP C 3 .   ? 3.022   -2.195  13.165  0.33 32.82 ? 188 COP A C29 1 
HETATM 1572 C C29 B COP C 3 .   ? 2.697   -1.705  12.729  0.33 27.58 ? 188 COP A C29 1 
HETATM 1573 C C29 C COP C 3 .   ? 3.342   -1.683  13.670  0.33 27.58 ? 188 COP A C29 1 
HETATM 1574 N N4  . COP C 3 .   ? -3.328  -1.263  6.323   1.00 17.71 ? 188 COP A N4  1 
HETATM 1575 N N3  . COP C 3 .   ? -3.655  -3.074  4.880   1.00 18.86 ? 188 COP A N3  1 
HETATM 1576 N N2  . COP C 3 .   ? -2.735  -1.254  4.100   1.00 17.20 ? 188 COP A N2  1 
HETATM 1577 N N1  . COP C 3 .   ? -1.690  0.669   3.161   1.00 17.73 ? 188 COP A N1  1 
HETATM 1578 N N9  . COP C 3 .   ? -1.786  1.873   5.284   1.00 19.12 ? 188 COP A N9  1 
HETATM 1579 N N6  . COP C 3 .   ? -2.894  0.692   7.570   1.00 19.51 ? 188 COP A N6  1 
HETATM 1580 N N12 . COP C 3 .   ? -1.018  4.665   7.563   1.00 20.48 ? 188 COP A N12 1 
HETATM 1581 N N20 . COP C 3 .   ? 3.886   0.891   10.064  1.00 25.73 ? 188 COP A N20 1 
HETATM 1582 O O19 . COP C 3 .   ? 3.393   2.437   11.517  1.00 24.95 ? 188 COP A O19 1 
HETATM 1583 O O24 . COP C 3 .   ? 6.604   -1.521  9.868   1.00 25.90 ? 188 COP A O24 1 
HETATM 1584 O O25 . COP C 3 .   ? 4.785   -1.435  8.600   1.00 26.38 ? 188 COP A O25 1 
HETATM 1585 N N30 A COP C 3 .   ? 2.850   -1.375  14.542  0.33 35.19 ? 188 COP A N30 1 
HETATM 1586 N N30 B COP C 3 .   ? 2.181   -1.021  14.044  0.33 26.86 ? 188 COP A N30 1 
HETATM 1587 N N30 C COP C 3 .   ? 3.911   -1.043  14.986  0.33 26.86 ? 188 COP A N30 1 
HETATM 1588 C C31 A COP C 3 .   ? 1.767   -1.611  15.493  0.33 36.95 ? 188 COP A C31 1 
HETATM 1589 C C31 B COP C 3 .   ? 2.739   0.046   14.814  0.33 26.64 ? 188 COP A C31 1 
HETATM 1590 C C31 C COP C 3 .   ? 5.207   -0.507  15.272  0.33 26.64 ? 188 COP A C31 1 
HETATM 1591 O O32 A COP C 3 .   ? 0.586   -1.375  15.152  0.33 36.52 ? 188 COP A O32 1 
HETATM 1592 O O32 B COP C 3 .   ? 3.852   0.031   15.328  0.33 27.28 ? 188 COP A O32 1 
HETATM 1593 O O32 C COP C 3 .   ? 5.773   0.346   14.601  0.33 27.28 ? 188 COP A O32 1 
HETATM 1594 C C33 A COP C 3 .   ? 2.034   -2.175  16.873  0.33 38.31 ? 188 COP A C33 1 
HETATM 1595 C C33 B COP C 3 .   ? 1.970   1.329   15.058  0.33 26.24 ? 188 COP A C33 1 
HETATM 1596 C C33 C COP C 3 .   ? 6.001   -0.971  16.477  0.33 26.24 ? 188 COP A C33 1 
HETATM 1597 C C38 A COP C 3 .   ? 2.095   -3.551  17.143  0.33 39.61 ? 188 COP A C38 1 
HETATM 1598 C C38 B COP C 3 .   ? 2.100   2.039   16.260  0.33 26.10 ? 188 COP A C38 1 
HETATM 1599 C C38 C COP C 3 .   ? 6.645   -2.216  16.489  0.33 26.10 ? 188 COP A C38 1 
HETATM 1600 C C37 A COP C 3 .   ? 2.367   -4.049  18.437  0.33 39.24 ? 188 COP A C37 1 
HETATM 1601 C C37 B COP C 3 .   ? 1.344   3.222   16.381  0.33 26.08 ? 188 COP A C37 1 
HETATM 1602 C C37 C COP C 3 .   ? 7.361   -2.545  17.656  0.33 26.08 ? 188 COP A C37 1 
HETATM 1603 C C36 A COP C 3 .   ? 2.638   -3.164  19.489  0.33 39.35 ? 188 COP A C36 1 
HETATM 1604 C C36 B COP C 3 .   ? 0.525   3.677   15.326  0.33 26.05 ? 188 COP A C36 1 
HETATM 1605 C C36 C COP C 3 .   ? 7.446   -1.648  18.740  0.33 26.05 ? 188 COP A C36 1 
HETATM 1606 C C35 A COP C 3 .   ? 2.594   -1.848  19.235  0.33 38.91 ? 188 COP A C35 1 
HETATM 1607 C C35 B COP C 3 .   ? 0.433   2.989   14.194  0.33 25.59 ? 188 COP A C35 1 
HETATM 1608 C C35 C COP C 3 .   ? 6.838   -0.468  18.692  0.33 25.59 ? 188 COP A C35 1 
HETATM 1609 C C34 A COP C 3 .   ? 2.295   -1.328  17.959  0.33 38.78 ? 188 COP A C34 1 
HETATM 1610 C C34 B COP C 3 .   ? 1.151   1.792   14.033  0.33 26.05 ? 188 COP A C34 1 
HETATM 1611 C C34 C COP C 3 .   ? 6.093   -0.102  17.560  0.33 26.05 ? 188 COP A C34 1 
HETATM 1612 C C39 A COP C 3 .   ? 1.803   -4.609  16.090  0.33 40.76 ? 188 COP A C39 1 
HETATM 1613 C C39 B COP C 3 .   ? 2.938   1.649   17.419  0.33 26.01 ? 188 COP A C39 1 
HETATM 1614 C C39 C COP C 3 .   ? 6.621   -3.223  15.402  0.33 26.01 ? 188 COP A C39 1 
HETATM 1615 O O40 A COP C 3 .   ? 1.351   -5.764  16.699  0.33 41.93 ? 188 COP A O40 1 
HETATM 1616 O O40 B COP C 3 .   ? 2.807   1.997   18.690  0.33 25.61 ? 188 COP A O40 1 
HETATM 1617 O O40 C COP C 3 .   ? 6.821   -4.530  15.479  0.33 25.61 ? 188 COP A O40 1 
HETATM 1618 O O41 A COP C 3 .   ? 1.928   -4.354  14.887  0.33 41.57 ? 188 COP A O41 1 
HETATM 1619 O O41 B COP C 3 .   ? 3.907   1.041   17.716  0.33 26.05 ? 188 COP A O41 1 
HETATM 1620 O O41 C COP C 3 .   ? 6.496   -3.341  14.232  0.33 26.05 ? 188 COP A O41 1 
HETATM 1621 O O   . HOH D 4 .   ? -4.722  -5.523  3.275   1.00 16.58 ? 190 HOH A O   1 
HETATM 1622 O O   . HOH D 4 .   ? -14.732 -2.744  4.166   1.00 38.10 ? 191 HOH A O   1 
HETATM 1623 O O   . HOH D 4 .   ? -4.626  -0.089  12.371  1.00 30.56 ? 192 HOH A O   1 
HETATM 1624 O O   . HOH D 4 .   ? 9.503   0.878   11.459  1.00 22.36 ? 193 HOH A O   1 
HETATM 1625 O O   . HOH D 4 .   ? 14.189  4.487   11.662  1.00 27.60 ? 194 HOH A O   1 
HETATM 1626 O O   . HOH D 4 .   ? 13.602  -1.001  15.421  1.00 30.11 ? 195 HOH A O   1 
HETATM 1627 O O   . HOH D 4 .   ? 16.734  -2.859  6.154   1.00 18.58 ? 196 HOH A O   1 
HETATM 1628 O O   . HOH D 4 .   ? 13.422  14.048  12.847  1.00 41.03 ? 197 HOH A O   1 
HETATM 1629 O O   . HOH D 4 .   ? 11.284  10.954  9.555   1.00 28.26 ? 198 HOH A O   1 
HETATM 1630 O O   . HOH D 4 .   ? 9.781   -6.605  15.056  1.00 21.99 ? 199 HOH A O   1 
HETATM 1631 O O   . HOH D 4 .   ? 11.812  -5.810  1.940   1.00 21.80 ? 200 HOH A O   1 
HETATM 1632 O O   . HOH D 4 .   ? -8.260  -10.340 -15.012 1.00 25.18 ? 201 HOH A O   1 
HETATM 1633 O O   . HOH D 4 .   ? -13.776 -8.626  -7.556  1.00 18.06 ? 202 HOH A O   1 
HETATM 1634 O O   . HOH D 4 .   ? 5.334   11.838  -14.798 1.00 30.06 ? 203 HOH A O   1 
HETATM 1635 O O   . HOH D 4 .   ? 7.430   9.547   -16.803 1.00 28.89 ? 204 HOH A O   1 
HETATM 1636 O O   . HOH D 4 .   ? 0.156   15.283  6.148   1.00 31.25 ? 205 HOH A O   1 
HETATM 1637 O O   . HOH D 4 .   ? -10.611 11.585  -1.362  1.00 41.73 ? 206 HOH A O   1 
HETATM 1638 O O   . HOH D 4 .   ? -3.552  11.279  -2.837  1.00 40.65 ? 207 HOH A O   1 
# 
